data_5LK5
#
_entry.id   5LK5
#
_cell.length_a   196.976
_cell.length_b   196.976
_cell.length_c   67.806
_cell.angle_alpha   90.00
_cell.angle_beta   90.00
_cell.angle_gamma   90.00
#
_symmetry.space_group_name_H-M   'P 42'
#
loop_
_entity.id
_entity.type
_entity.pdbx_description
1 polymer Calreticulin,Calreticulin
2 non-polymer 'CALCIUM ION'
3 non-polymer 'CHLORIDE ION'
4 water water
#
_entity_poly.entity_id   1
_entity_poly.type   'polypeptide(L)'
_entity_poly.pdbx_seq_one_letter_code
;NKGSIEGREPAVYFKEQFLDGDGWTSRWIESKHKSDFGKFVLSSGKFYGDEEKDKGLQTSQKARFYALSASFEPFSNKGQ
TLVVQFTVKHEQNIDCGGGYVKLFPNSLDQTDMHGDSEYNIMFGPDICGPGTKKVHVIFNYKGKNVLINKDIRCKDDEFT
HLYTLIVRPDNTYEVKIDNSQVESGSLEDDWDFLPGSGDPSIYAYDNFGVLGLDLWQVKSGTIFDNFLITNDEAYAEEFG
NETWGVTKAAEKQMKDKQDEEQRLK
;
_entity_poly.pdbx_strand_id   A,B,C,D,E,F,G,H,I,J
#
loop_
_chem_comp.id
_chem_comp.type
_chem_comp.name
_chem_comp.formula
CA non-polymer 'CALCIUM ION' 'Ca 2'
CL non-polymer 'CHLORIDE ION' 'Cl -1'
#
# COMPACT_ATOMS: atom_id res chain seq x y z
N GLU A 9 7.27 -42.46 54.69
CA GLU A 9 6.93 -41.89 53.34
C GLU A 9 5.83 -40.84 53.20
N PRO A 10 4.85 -40.81 54.09
CA PRO A 10 3.82 -39.79 53.96
C PRO A 10 4.39 -38.43 54.25
N ALA A 11 3.99 -37.45 53.47
CA ALA A 11 4.43 -36.09 53.72
C ALA A 11 3.44 -35.45 54.71
N VAL A 12 3.99 -34.81 55.73
CA VAL A 12 3.20 -34.09 56.69
C VAL A 12 3.53 -32.64 56.49
N TYR A 13 2.65 -31.89 55.86
CA TYR A 13 2.92 -30.46 55.63
C TYR A 13 2.57 -29.57 56.82
N PHE A 14 1.68 -30.05 57.67
CA PHE A 14 1.23 -29.30 58.84
C PHE A 14 0.57 -30.24 59.82
N LYS A 15 0.97 -30.10 61.09
CA LYS A 15 0.34 -30.81 62.18
C LYS A 15 0.25 -29.85 63.37
N GLU A 16 -0.94 -29.76 63.99
CA GLU A 16 -1.09 -28.93 65.23
C GLU A 16 -2.04 -29.62 66.20
N GLN A 17 -1.48 -30.01 67.35
CA GLN A 17 -2.30 -30.58 68.41
C GLN A 17 -2.34 -29.75 69.69
N PHE A 18 -1.61 -28.65 69.71
CA PHE A 18 -1.51 -27.82 70.87
C PHE A 18 -1.17 -28.65 72.12
N LEU A 19 -0.15 -29.50 72.03
CA LEU A 19 0.28 -30.35 73.17
C LEU A 19 1.35 -29.69 74.07
N ASP A 20 1.98 -28.60 73.60
CA ASP A 20 3.22 -28.03 74.24
C ASP A 20 2.94 -26.69 74.91
N GLY A 21 1.96 -26.69 75.78
CA GLY A 21 1.58 -25.54 76.55
C GLY A 21 1.21 -24.36 75.69
N ASP A 22 1.85 -23.22 75.97
CA ASP A 22 1.62 -21.97 75.24
C ASP A 22 2.46 -21.89 73.93
N GLY A 23 3.19 -22.97 73.58
CA GLY A 23 3.97 -23.02 72.36
C GLY A 23 3.25 -22.49 71.12
N TRP A 24 1.96 -22.80 71.02
CA TRP A 24 1.18 -22.40 69.85
C TRP A 24 1.21 -20.90 69.59
N THR A 25 1.40 -20.07 70.64
CA THR A 25 1.34 -18.61 70.49
C THR A 25 2.49 -18.09 69.63
N SER A 26 3.51 -18.90 69.43
CA SER A 26 4.58 -18.54 68.49
C SER A 26 4.38 -19.17 67.09
N ARG A 27 3.32 -19.96 66.89
CA ARG A 27 3.02 -20.57 65.56
C ARG A 27 1.81 -19.98 64.87
N TRP A 28 1.01 -19.19 65.57
CA TRP A 28 -0.18 -18.62 65.01
C TRP A 28 -0.16 -17.12 65.13
N ILE A 29 -0.81 -16.43 64.18
CA ILE A 29 -0.71 -15.00 64.06
C ILE A 29 -2.12 -14.44 63.93
N GLU A 30 -2.41 -13.40 64.70
CA GLU A 30 -3.68 -12.74 64.68
C GLU A 30 -3.68 -11.71 63.60
N SER A 31 -4.70 -11.69 62.79
CA SER A 31 -4.87 -10.61 61.84
C SER A 31 -5.17 -9.31 62.55
N LYS A 32 -4.61 -8.20 62.08
CA LYS A 32 -4.96 -6.85 62.58
C LYS A 32 -5.80 -6.10 61.59
N HIS A 33 -6.39 -6.79 60.62
CA HIS A 33 -7.16 -6.12 59.58
C HIS A 33 -8.27 -5.25 60.20
N LYS A 34 -8.83 -5.74 61.29
CA LYS A 34 -9.79 -5.03 62.09
C LYS A 34 -9.30 -4.96 63.52
N SER A 35 -9.88 -4.01 64.27
CA SER A 35 -9.49 -3.80 65.69
C SER A 35 -10.30 -4.66 66.69
N ASP A 36 -11.44 -5.21 66.24
CA ASP A 36 -12.43 -5.89 67.12
C ASP A 36 -12.68 -7.36 66.78
N PHE A 37 -11.68 -8.02 66.22
CA PHE A 37 -11.72 -9.49 66.09
C PHE A 37 -11.86 -10.14 67.47
N GLY A 38 -12.63 -11.21 67.55
CA GLY A 38 -12.66 -12.05 68.74
C GLY A 38 -11.34 -12.74 68.97
N LYS A 39 -11.11 -13.22 70.18
CA LYS A 39 -9.87 -13.87 70.53
C LYS A 39 -10.06 -15.35 70.71
N PHE A 40 -9.11 -16.12 70.23
CA PHE A 40 -9.02 -17.54 70.56
C PHE A 40 -8.28 -17.68 71.84
N VAL A 41 -8.67 -18.68 72.63
CA VAL A 41 -7.94 -19.07 73.83
C VAL A 41 -7.66 -20.55 73.78
N LEU A 42 -6.61 -20.97 74.46
CA LEU A 42 -6.34 -22.39 74.61
C LEU A 42 -7.23 -22.96 75.69
N SER A 43 -7.95 -24.04 75.35
CA SER A 43 -8.90 -24.69 76.29
C SER A 43 -9.29 -26.08 75.88
N SER A 44 -9.55 -26.93 76.86
CA SER A 44 -10.20 -28.26 76.65
C SER A 44 -11.67 -28.26 77.09
N GLY A 45 -12.17 -27.11 77.52
CA GLY A 45 -13.60 -26.92 77.86
C GLY A 45 -14.03 -27.67 79.09
N LYS A 46 -15.34 -27.77 79.28
CA LYS A 46 -15.92 -28.33 80.54
C LYS A 46 -15.88 -29.84 80.62
N PHE A 47 -16.00 -30.49 79.48
CA PHE A 47 -15.83 -31.94 79.40
C PHE A 47 -14.93 -32.30 78.23
N TYR A 48 -14.31 -33.47 78.33
CA TYR A 48 -13.21 -33.86 77.46
C TYR A 48 -12.88 -35.31 77.72
N GLY A 49 -12.17 -35.89 76.79
CA GLY A 49 -11.63 -37.22 76.98
C GLY A 49 -10.37 -37.20 77.82
N ASP A 50 -9.51 -36.22 77.59
CA ASP A 50 -8.26 -36.06 78.35
C ASP A 50 -7.98 -34.57 78.47
N GLU A 51 -7.85 -34.08 79.70
CA GLU A 51 -7.80 -32.63 79.95
C GLU A 51 -6.72 -31.92 79.14
N GLU A 52 -5.60 -32.61 78.94
CA GLU A 52 -4.43 -32.01 78.24
C GLU A 52 -4.47 -32.26 76.74
N LYS A 53 -4.69 -33.51 76.32
CA LYS A 53 -4.74 -33.83 74.89
C LYS A 53 -5.77 -33.00 74.14
N ASP A 54 -6.91 -32.79 74.79
CA ASP A 54 -8.05 -32.20 74.11
C ASP A 54 -8.08 -30.71 74.18
N LYS A 55 -6.96 -30.12 74.56
CA LYS A 55 -6.80 -28.68 74.39
C LYS A 55 -6.72 -28.31 72.91
N GLY A 56 -7.42 -27.23 72.57
CA GLY A 56 -7.38 -26.65 71.25
C GLY A 56 -7.75 -25.19 71.28
N LEU A 57 -7.97 -24.62 70.14
CA LEU A 57 -8.28 -23.21 70.05
C LEU A 57 -9.75 -22.98 70.18
N GLN A 58 -10.14 -22.15 71.16
CA GLN A 58 -11.51 -21.97 71.49
C GLN A 58 -11.90 -20.56 71.22
N THR A 59 -12.97 -20.35 70.48
CA THR A 59 -13.55 -19.03 70.35
C THR A 59 -14.11 -18.54 71.73
N SER A 60 -13.71 -17.33 72.15
CA SER A 60 -13.94 -16.86 73.52
C SER A 60 -14.92 -15.71 73.63
N GLN A 61 -15.45 -15.22 72.52
CA GLN A 61 -16.35 -14.07 72.54
C GLN A 61 -17.50 -14.20 71.57
N LYS A 62 -18.63 -13.71 72.01
CA LYS A 62 -19.86 -13.84 71.33
C LYS A 62 -20.01 -12.78 70.25
N ALA A 63 -20.66 -13.15 69.16
CA ALA A 63 -20.96 -12.26 68.07
C ALA A 63 -19.70 -11.54 67.62
N ARG A 64 -18.74 -12.31 67.10
CA ARG A 64 -17.50 -11.76 66.60
C ARG A 64 -17.00 -12.48 65.36
N PHE A 65 -16.21 -11.73 64.59
CA PHE A 65 -15.35 -12.29 63.57
C PHE A 65 -14.06 -12.74 64.19
N TYR A 66 -13.54 -13.84 63.65
CA TYR A 66 -12.25 -14.37 64.08
C TYR A 66 -11.31 -14.50 62.86
N ALA A 67 -10.01 -14.39 63.13
CA ALA A 67 -9.01 -14.35 62.09
C ALA A 67 -7.68 -14.65 62.69
N LEU A 68 -7.37 -15.93 62.77
CA LEU A 68 -6.09 -16.40 63.26
C LEU A 68 -5.54 -17.41 62.22
N SER A 69 -4.23 -17.44 62.01
CA SER A 69 -3.64 -18.33 61.02
C SER A 69 -2.27 -18.83 61.36
N ALA A 70 -1.92 -19.94 60.74
CA ALA A 70 -0.64 -20.60 60.92
C ALA A 70 0.02 -20.87 59.57
N SER A 71 1.29 -20.50 59.49
CA SER A 71 2.17 -20.83 58.35
C SER A 71 2.85 -22.11 58.46
N PHE A 72 3.23 -22.62 57.30
CA PHE A 72 4.03 -23.82 57.21
C PHE A 72 4.90 -23.69 55.97
N GLU A 73 5.91 -24.52 55.90
CA GLU A 73 6.74 -24.68 54.70
C GLU A 73 5.84 -24.89 53.46
N PRO A 74 5.89 -23.94 52.52
CA PRO A 74 5.01 -24.05 51.36
C PRO A 74 5.15 -25.34 50.55
N PHE A 75 4.07 -25.72 49.90
CA PHE A 75 4.05 -26.90 49.06
C PHE A 75 2.99 -26.73 47.99
N SER A 76 3.05 -27.61 47.01
CA SER A 76 2.04 -27.74 45.97
C SER A 76 1.48 -29.14 45.98
N ASN A 77 0.20 -29.29 45.67
CA ASN A 77 -0.43 -30.62 45.58
C ASN A 77 -0.38 -31.22 44.18
N LYS A 78 0.26 -30.47 43.27
CA LYS A 78 0.34 -30.86 41.87
C LYS A 78 0.89 -32.28 41.74
N GLY A 79 0.14 -33.13 41.05
CA GLY A 79 0.56 -34.52 40.91
C GLY A 79 0.41 -35.40 42.15
N GLN A 80 -0.25 -34.88 43.18
CA GLN A 80 -0.42 -35.55 44.47
C GLN A 80 -1.82 -35.47 45.07
N THR A 81 -2.06 -36.38 46.02
CA THR A 81 -3.24 -36.33 46.89
C THR A 81 -3.01 -35.25 47.95
N LEU A 82 -4.05 -34.46 48.17
CA LEU A 82 -4.11 -33.50 49.26
C LEU A 82 -5.20 -33.93 50.26
N VAL A 83 -4.80 -34.06 51.52
CA VAL A 83 -5.73 -34.30 52.63
C VAL A 83 -5.63 -33.17 53.68
N VAL A 84 -6.80 -32.59 53.94
CA VAL A 84 -7.02 -31.58 54.98
C VAL A 84 -7.98 -32.15 56.06
N GLN A 85 -7.51 -32.16 57.30
CA GLN A 85 -8.23 -32.82 58.37
C GLN A 85 -8.09 -32.05 59.71
N PHE A 86 -9.16 -32.01 60.48
CA PHE A 86 -9.15 -31.37 61.81
C PHE A 86 -10.39 -31.78 62.62
N THR A 87 -10.35 -31.55 63.94
CA THR A 87 -11.51 -31.78 64.79
C THR A 87 -12.19 -30.47 65.14
N VAL A 88 -13.51 -30.54 65.24
CA VAL A 88 -14.38 -29.41 65.65
C VAL A 88 -15.36 -29.90 66.73
N LYS A 89 -15.47 -29.09 67.77
CA LYS A 89 -16.35 -29.36 68.94
C LYS A 89 -17.14 -28.13 69.33
N HIS A 90 -18.42 -28.12 68.99
CA HIS A 90 -19.29 -27.00 69.33
C HIS A 90 -19.90 -27.28 70.71
N GLU A 91 -19.06 -27.26 71.73
CA GLU A 91 -19.47 -27.42 73.15
C GLU A 91 -20.67 -26.65 73.58
N GLN A 92 -20.79 -25.45 73.06
CA GLN A 92 -21.77 -24.49 73.49
C GLN A 92 -23.18 -24.74 72.90
N ASN A 93 -23.34 -25.80 72.13
CA ASN A 93 -24.56 -25.99 71.33
C ASN A 93 -24.84 -24.77 70.45
N ILE A 94 -24.10 -24.67 69.37
CA ILE A 94 -24.03 -23.44 68.62
C ILE A 94 -25.36 -23.14 67.94
N ASP A 95 -25.71 -21.86 67.84
CA ASP A 95 -26.90 -21.41 67.11
C ASP A 95 -26.56 -21.04 65.66
N CYS A 96 -25.51 -20.24 65.53
CA CYS A 96 -25.07 -19.74 64.26
C CYS A 96 -23.57 -19.39 64.32
N GLY A 97 -22.79 -20.02 63.45
CA GLY A 97 -21.38 -19.83 63.38
C GLY A 97 -20.66 -20.88 62.52
N GLY A 98 -19.53 -20.46 61.95
CA GLY A 98 -18.65 -21.31 61.17
C GLY A 98 -17.67 -22.18 62.00
N GLY A 99 -17.25 -23.28 61.40
CA GLY A 99 -16.29 -24.20 61.98
C GLY A 99 -15.30 -24.70 60.94
N TYR A 100 -15.05 -23.87 59.93
CA TYR A 100 -14.31 -24.30 58.76
C TYR A 100 -12.95 -23.65 58.68
N VAL A 101 -12.08 -24.30 57.92
CA VAL A 101 -10.71 -23.80 57.68
C VAL A 101 -10.54 -23.30 56.27
N LYS A 102 -9.49 -22.52 56.08
CA LYS A 102 -9.09 -22.06 54.78
C LYS A 102 -7.63 -22.26 54.55
N LEU A 103 -7.31 -22.74 53.36
CA LEU A 103 -5.91 -22.92 52.93
C LEU A 103 -5.60 -21.84 51.94
N PHE A 104 -4.52 -21.11 52.25
CA PHE A 104 -4.10 -19.92 51.54
C PHE A 104 -2.77 -20.11 50.85
N PRO A 105 -2.56 -19.37 49.75
CA PRO A 105 -1.24 -19.27 49.17
C PRO A 105 -0.30 -18.58 50.13
N ASN A 106 0.98 -18.87 49.99
CA ASN A 106 2.01 -18.21 50.81
C ASN A 106 2.13 -16.72 50.62
N SER A 107 1.49 -16.18 49.58
CA SER A 107 1.47 -14.74 49.39
C SER A 107 0.52 -13.98 50.33
N LEU A 108 -0.24 -14.69 51.13
CA LEU A 108 -1.10 -14.04 52.12
C LEU A 108 -0.28 -13.35 53.22
N ASP A 109 -0.59 -12.09 53.45
CA ASP A 109 -0.14 -11.36 54.65
C ASP A 109 -1.06 -11.73 55.82
N GLN A 110 -0.53 -12.56 56.71
CA GLN A 110 -1.28 -13.08 57.87
C GLN A 110 -1.84 -11.99 58.78
N THR A 111 -1.11 -10.88 58.88
CA THR A 111 -1.54 -9.76 59.73
C THR A 111 -2.64 -8.93 59.05
N ASP A 112 -3.00 -9.26 57.81
CA ASP A 112 -4.12 -8.59 57.14
C ASP A 112 -5.24 -9.55 56.70
N MET A 113 -5.16 -10.80 57.16
CA MET A 113 -6.18 -11.79 56.79
C MET A 113 -7.56 -11.31 57.17
N HIS A 114 -8.49 -11.50 56.24
CA HIS A 114 -9.91 -11.29 56.52
C HIS A 114 -10.85 -12.03 55.55
N GLY A 115 -12.13 -11.88 55.77
CA GLY A 115 -13.16 -12.55 54.99
C GLY A 115 -12.98 -12.46 53.49
N ASP A 116 -12.34 -11.39 52.99
CA ASP A 116 -12.18 -11.25 51.55
C ASP A 116 -10.79 -11.55 51.06
N SER A 117 -9.92 -12.04 51.92
CA SER A 117 -8.62 -12.48 51.46
C SER A 117 -8.78 -13.69 50.51
N GLU A 118 -7.88 -13.78 49.53
CA GLU A 118 -7.94 -14.82 48.52
C GLU A 118 -7.35 -16.14 49.04
N TYR A 119 -8.21 -17.14 49.21
CA TYR A 119 -7.76 -18.47 49.60
C TYR A 119 -7.82 -19.44 48.40
N ASN A 120 -7.20 -20.60 48.56
CA ASN A 120 -7.24 -21.67 47.53
C ASN A 120 -8.45 -22.59 47.73
N ILE A 121 -8.59 -23.04 48.96
CA ILE A 121 -9.64 -23.95 49.37
C ILE A 121 -10.22 -23.58 50.74
N MET A 122 -11.55 -23.68 50.86
CA MET A 122 -12.23 -23.61 52.15
C MET A 122 -12.99 -24.90 52.43
N PHE A 123 -12.89 -25.39 53.66
CA PHE A 123 -13.50 -26.66 54.00
C PHE A 123 -13.97 -26.76 55.45
N GLY A 124 -15.23 -27.14 55.64
CA GLY A 124 -15.71 -27.53 56.95
C GLY A 124 -17.12 -27.11 57.31
N PRO A 125 -17.55 -27.40 58.55
CA PRO A 125 -18.95 -27.23 58.98
C PRO A 125 -19.38 -25.75 59.17
N ASP A 126 -20.60 -25.47 58.75
CA ASP A 126 -21.22 -24.17 58.89
C ASP A 126 -22.67 -24.34 59.37
N ILE A 127 -22.96 -23.67 60.48
CA ILE A 127 -24.26 -23.78 61.14
C ILE A 127 -24.86 -22.43 61.25
N CYS A 128 -26.11 -22.33 60.84
CA CYS A 128 -26.87 -21.10 61.06
C CYS A 128 -28.34 -21.39 61.16
N GLY A 129 -28.77 -21.48 62.41
CA GLY A 129 -30.15 -21.71 62.72
C GLY A 129 -30.60 -23.09 62.33
N PRO A 130 -31.96 -23.26 62.34
CA PRO A 130 -32.55 -24.57 62.10
C PRO A 130 -32.27 -25.08 60.69
N GLY A 131 -32.27 -24.19 59.71
CA GLY A 131 -32.13 -24.54 58.30
C GLY A 131 -30.77 -24.95 57.77
N THR A 132 -29.68 -24.47 58.35
CA THR A 132 -28.34 -24.67 57.82
C THR A 132 -27.43 -25.50 58.75
N LYS A 133 -27.13 -26.72 58.31
CA LYS A 133 -26.19 -27.58 58.94
C LYS A 133 -25.40 -28.24 57.81
N LYS A 134 -24.37 -27.57 57.35
CA LYS A 134 -23.83 -27.86 56.06
C LYS A 134 -22.30 -27.93 56.13
N VAL A 135 -21.70 -28.80 55.30
CA VAL A 135 -20.26 -28.83 55.10
C VAL A 135 -19.86 -28.12 53.80
N HIS A 136 -19.12 -27.04 53.95
CA HIS A 136 -18.63 -26.33 52.81
C HIS A 136 -17.43 -27.02 52.22
N VAL A 137 -17.39 -27.06 50.89
CA VAL A 137 -16.20 -27.37 50.16
C VAL A 137 -16.16 -26.35 49.06
N ILE A 138 -15.23 -25.41 49.16
CA ILE A 138 -15.07 -24.37 48.18
C ILE A 138 -13.70 -24.39 47.54
N PHE A 139 -13.70 -24.28 46.22
CA PHE A 139 -12.46 -24.19 45.45
C PHE A 139 -12.40 -22.82 44.81
N ASN A 140 -11.24 -22.19 44.93
CA ASN A 140 -10.97 -20.98 44.17
C ASN A 140 -10.42 -21.31 42.76
N TYR A 141 -11.13 -20.81 41.76
CA TYR A 141 -10.79 -21.07 40.36
C TYR A 141 -11.16 -19.88 39.49
N LYS A 142 -10.19 -19.43 38.71
CA LYS A 142 -10.38 -18.27 37.82
C LYS A 142 -10.99 -17.10 38.56
N GLY A 143 -10.42 -16.78 39.73
CA GLY A 143 -10.87 -15.64 40.55
C GLY A 143 -12.28 -15.73 41.10
N LYS A 144 -12.87 -16.92 41.05
CA LYS A 144 -14.18 -17.16 41.67
C LYS A 144 -14.01 -18.21 42.76
N ASN A 145 -14.81 -18.08 43.80
CA ASN A 145 -14.92 -19.05 44.86
C ASN A 145 -16.10 -19.92 44.56
N VAL A 146 -15.83 -21.15 44.15
CA VAL A 146 -16.90 -22.01 43.66
C VAL A 146 -17.33 -23.00 44.75
N LEU A 147 -18.64 -23.04 44.99
CA LEU A 147 -19.23 -23.80 46.09
C LEU A 147 -19.69 -25.16 45.63
N ILE A 148 -19.49 -26.17 46.46
CA ILE A 148 -19.88 -27.51 46.07
C ILE A 148 -21.40 -27.53 45.91
N ASN A 149 -21.88 -28.29 44.92
CA ASN A 149 -23.31 -28.33 44.57
C ASN A 149 -24.01 -29.48 45.28
N LYS A 150 -23.27 -30.33 45.97
CA LYS A 150 -23.88 -31.39 46.79
C LYS A 150 -24.18 -30.87 48.18
N ASP A 151 -25.24 -31.39 48.75
CA ASP A 151 -25.63 -31.00 50.08
C ASP A 151 -25.11 -32.01 51.14
N ILE A 152 -24.16 -31.58 51.95
CA ILE A 152 -23.54 -32.42 52.95
C ILE A 152 -23.92 -31.91 54.32
N ARG A 153 -24.54 -32.75 55.11
CA ARG A 153 -24.97 -32.38 56.42
C ARG A 153 -23.80 -32.46 57.40
N CYS A 154 -23.67 -31.43 58.25
CA CYS A 154 -22.59 -31.46 59.23
C CYS A 154 -23.15 -31.98 60.54
N LYS A 155 -22.29 -32.25 61.52
CA LYS A 155 -22.77 -32.56 62.87
C LYS A 155 -23.11 -31.28 63.64
N ASP A 156 -24.03 -31.39 64.57
CA ASP A 156 -24.44 -30.21 65.34
C ASP A 156 -24.54 -30.41 66.86
N ASP A 157 -24.28 -31.61 67.38
CA ASP A 157 -24.29 -31.83 68.83
C ASP A 157 -23.09 -31.18 69.53
N GLU A 158 -22.83 -31.53 70.79
CA GLU A 158 -21.80 -30.85 71.57
C GLU A 158 -20.44 -31.55 71.57
N PHE A 159 -20.34 -32.67 70.87
CA PHE A 159 -19.17 -33.52 70.94
C PHE A 159 -18.14 -33.21 69.86
N THR A 160 -16.96 -33.82 69.99
CA THR A 160 -15.87 -33.61 69.05
C THR A 160 -16.11 -34.42 67.75
N HIS A 161 -16.05 -33.77 66.62
CA HIS A 161 -16.17 -34.49 65.33
C HIS A 161 -15.01 -34.22 64.37
N LEU A 162 -14.63 -35.29 63.68
CA LEU A 162 -13.50 -35.30 62.73
C LEU A 162 -13.97 -34.98 61.34
N TYR A 163 -13.39 -33.93 60.75
CA TYR A 163 -13.68 -33.53 59.37
C TYR A 163 -12.46 -33.74 58.46
N THR A 164 -12.68 -34.41 57.35
CA THR A 164 -11.58 -34.78 56.44
C THR A 164 -11.99 -34.50 55.00
N LEU A 165 -11.14 -33.76 54.31
CA LEU A 165 -11.30 -33.55 52.88
C LEU A 165 -10.12 -34.18 52.16
N ILE A 166 -10.44 -35.00 51.19
CA ILE A 166 -9.47 -35.66 50.30
C ILE A 166 -9.65 -35.18 48.87
N VAL A 167 -8.57 -34.67 48.30
CA VAL A 167 -8.53 -34.22 46.88
C VAL A 167 -7.43 -34.94 46.13
N ARG A 168 -7.78 -35.59 45.05
CA ARG A 168 -6.82 -36.43 44.30
C ARG A 168 -6.49 -35.88 42.89
N PRO A 169 -5.28 -36.20 42.37
CA PRO A 169 -4.83 -35.67 41.09
C PRO A 169 -5.59 -36.17 39.85
N ASP A 170 -6.55 -37.07 40.01
CA ASP A 170 -7.50 -37.36 38.94
C ASP A 170 -8.77 -36.56 39.07
N ASN A 171 -8.73 -35.51 39.88
CA ASN A 171 -9.88 -34.63 40.14
C ASN A 171 -11.05 -35.34 40.77
N THR A 172 -10.77 -36.40 41.50
CA THR A 172 -11.78 -36.96 42.41
C THR A 172 -11.60 -36.34 43.83
N TYR A 173 -12.67 -36.36 44.63
CA TYR A 173 -12.58 -35.92 46.01
C TYR A 173 -13.45 -36.84 46.88
N GLU A 174 -13.19 -36.78 48.16
CA GLU A 174 -13.98 -37.47 49.14
C GLU A 174 -14.08 -36.60 50.40
N VAL A 175 -15.24 -36.60 51.01
CA VAL A 175 -15.44 -35.94 52.30
C VAL A 175 -15.82 -36.99 53.34
N LYS A 176 -15.11 -36.94 54.46
CA LYS A 176 -15.41 -37.80 55.60
C LYS A 176 -15.75 -37.02 56.88
N ILE A 177 -16.67 -37.59 57.64
CA ILE A 177 -16.99 -37.15 58.99
C ILE A 177 -16.80 -38.32 59.93
N ASP A 178 -16.06 -38.08 61.01
CA ASP A 178 -15.73 -39.16 61.98
C ASP A 178 -15.18 -40.39 61.28
N ASN A 179 -14.25 -40.14 60.35
CA ASN A 179 -13.50 -41.17 59.60
C ASN A 179 -14.37 -42.05 58.75
N SER A 180 -15.49 -41.56 58.32
CA SER A 180 -16.39 -42.38 57.55
C SER A 180 -16.99 -41.53 56.45
N GLN A 181 -16.94 -42.05 55.24
CA GLN A 181 -17.24 -41.28 54.03
C GLN A 181 -18.66 -40.80 54.10
N VAL A 182 -18.89 -39.55 53.77
CA VAL A 182 -20.26 -39.01 53.67
C VAL A 182 -20.54 -38.44 52.29
N GLU A 183 -19.50 -38.17 51.52
CA GLU A 183 -19.68 -37.67 50.16
C GLU A 183 -18.47 -37.98 49.28
N SER A 184 -18.72 -38.16 47.98
CA SER A 184 -17.61 -38.33 47.03
C SER A 184 -18.02 -38.00 45.60
N GLY A 185 -17.03 -37.79 44.73
CA GLY A 185 -17.29 -37.59 43.33
C GLY A 185 -16.14 -36.96 42.64
N SER A 186 -16.45 -36.24 41.57
CA SER A 186 -15.44 -35.56 40.74
C SER A 186 -15.70 -34.07 40.72
N LEU A 187 -14.60 -33.33 40.68
CA LEU A 187 -14.65 -31.90 40.72
C LEU A 187 -15.49 -31.39 39.55
N GLU A 188 -15.34 -32.00 38.37
CA GLU A 188 -16.02 -31.48 37.18
C GLU A 188 -17.52 -31.60 37.32
N ASP A 189 -17.99 -32.62 38.04
CA ASP A 189 -19.44 -32.85 38.18
C ASP A 189 -20.03 -32.09 39.34
N ASP A 190 -19.30 -32.00 40.45
CA ASP A 190 -19.91 -31.54 41.70
C ASP A 190 -19.72 -30.04 41.98
N TRP A 191 -19.01 -29.37 41.07
CA TRP A 191 -18.93 -27.89 41.05
C TRP A 191 -19.14 -27.40 39.62
N ASP A 192 -19.64 -26.18 39.47
CA ASP A 192 -19.75 -25.50 38.17
C ASP A 192 -18.53 -24.70 37.87
N PHE A 193 -17.44 -25.34 37.51
CA PHE A 193 -16.22 -24.61 37.12
C PHE A 193 -16.29 -24.05 35.68
N LEU A 194 -16.72 -24.89 34.76
CA LEU A 194 -16.61 -24.54 33.31
C LEU A 194 -17.28 -25.60 32.44
N PRO A 195 -17.65 -25.22 31.18
CA PRO A 195 -18.28 -26.13 30.18
C PRO A 195 -17.38 -27.25 29.62
N GLY A 196 -18.00 -28.35 29.16
CA GLY A 196 -17.29 -29.48 28.60
C GLY A 196 -16.69 -30.47 29.55
N SER A 197 -15.69 -31.17 29.04
CA SER A 197 -15.03 -32.22 29.82
C SER A 197 -14.56 -31.74 31.17
N GLY A 198 -14.08 -30.50 31.21
CA GLY A 198 -13.40 -29.98 32.36
C GLY A 198 -11.98 -29.91 31.87
N ASP A 199 -10.87 -29.62 32.64
CA ASP A 199 -9.60 -28.92 32.82
C ASP A 199 -9.02 -29.86 33.84
N PRO A 200 -7.98 -30.60 33.45
CA PRO A 200 -7.46 -31.59 34.36
C PRO A 200 -6.66 -30.99 35.52
N SER A 201 -6.33 -29.71 35.45
CA SER A 201 -5.60 -29.04 36.52
C SER A 201 -6.47 -28.36 37.63
N ILE A 202 -7.80 -28.49 37.62
CA ILE A 202 -8.64 -27.77 38.57
C ILE A 202 -8.23 -28.01 40.05
N TYR A 203 -7.93 -29.25 40.37
CA TYR A 203 -7.60 -29.65 41.74
C TYR A 203 -6.34 -28.98 42.30
N ALA A 204 -5.50 -28.45 41.40
CA ALA A 204 -4.09 -28.18 41.75
C ALA A 204 -3.82 -26.72 42.02
N TYR A 205 -2.97 -26.49 43.02
CA TYR A 205 -2.60 -25.13 43.43
C TYR A 205 -1.09 -25.08 43.53
N ASP A 206 -0.53 -24.00 43.02
CA ASP A 206 0.93 -23.86 42.94
C ASP A 206 1.52 -23.82 44.30
N ASN A 207 0.76 -23.29 45.24
CA ASN A 207 1.27 -23.21 46.55
C ASN A 207 0.27 -22.95 47.68
N PHE A 208 0.59 -23.65 48.74
CA PHE A 208 -0.11 -23.59 49.97
C PHE A 208 0.93 -23.20 50.99
N GLY A 209 0.64 -22.16 51.77
CA GLY A 209 1.55 -21.69 52.82
C GLY A 209 0.91 -21.38 54.18
N VAL A 210 -0.40 -21.14 54.22
CA VAL A 210 -1.09 -20.77 55.44
C VAL A 210 -2.43 -21.46 55.57
N LEU A 211 -2.68 -21.97 56.77
CA LEU A 211 -4.01 -22.41 57.20
C LEU A 211 -4.67 -21.35 58.13
N GLY A 212 -5.83 -20.86 57.76
CA GLY A 212 -6.55 -19.85 58.56
C GLY A 212 -7.91 -20.25 59.09
N LEU A 213 -8.16 -19.81 60.32
CA LEU A 213 -9.49 -19.85 60.92
C LEU A 213 -10.03 -18.44 60.78
N ASP A 214 -10.92 -18.27 59.84
CA ASP A 214 -11.41 -16.96 59.44
C ASP A 214 -12.91 -17.11 59.30
N LEU A 215 -13.66 -16.62 60.27
CA LEU A 215 -15.04 -17.01 60.44
C LEU A 215 -15.83 -16.14 61.41
N TRP A 216 -17.15 -16.36 61.41
CA TRP A 216 -18.07 -15.59 62.20
C TRP A 216 -18.76 -16.50 63.18
N GLN A 217 -19.04 -15.97 64.39
CA GLN A 217 -19.70 -16.77 65.42
C GLN A 217 -20.63 -15.92 66.33
N VAL A 218 -21.85 -16.39 66.54
CA VAL A 218 -22.76 -15.77 67.48
C VAL A 218 -22.38 -16.39 68.80
N LYS A 219 -23.00 -17.50 69.21
CA LYS A 219 -22.59 -18.16 70.45
C LYS A 219 -21.25 -18.81 70.33
N SER A 220 -20.34 -18.43 71.19
CA SER A 220 -18.91 -18.81 71.11
C SER A 220 -18.65 -20.01 71.97
N GLY A 221 -17.43 -20.54 71.94
CA GLY A 221 -17.08 -21.78 72.66
C GLY A 221 -16.63 -22.99 71.81
N THR A 222 -16.61 -22.82 70.49
CA THR A 222 -16.13 -23.90 69.60
C THR A 222 -14.64 -24.14 69.82
N ILE A 223 -14.27 -25.41 69.91
CA ILE A 223 -12.89 -25.80 70.01
C ILE A 223 -12.40 -26.55 68.73
N PHE A 224 -11.34 -26.03 68.15
CA PHE A 224 -10.61 -26.66 67.03
C PHE A 224 -9.29 -27.35 67.51
N ASP A 225 -9.05 -28.59 67.11
CA ASP A 225 -7.85 -29.32 67.55
C ASP A 225 -7.42 -30.24 66.35
N ASN A 226 -6.26 -30.83 66.53
CA ASN A 226 -5.76 -31.93 65.73
C ASN A 226 -5.75 -31.70 64.21
N PHE A 227 -5.22 -30.56 63.83
CA PHE A 227 -5.11 -30.19 62.46
C PHE A 227 -4.03 -31.06 61.79
N LEU A 228 -4.33 -31.51 60.58
CA LEU A 228 -3.38 -32.26 59.77
C LEU A 228 -3.52 -31.90 58.28
N ILE A 229 -2.40 -31.57 57.67
CA ILE A 229 -2.32 -31.50 56.21
C ILE A 229 -1.25 -32.46 55.74
N THR A 230 -1.68 -33.41 54.91
CA THR A 230 -0.86 -34.51 54.45
C THR A 230 -1.18 -34.88 52.99
N ASN A 231 -0.40 -35.82 52.46
CA ASN A 231 -0.62 -36.34 51.09
C ASN A 231 -0.98 -37.78 51.09
N ASP A 232 -1.28 -38.32 52.26
CA ASP A 232 -1.56 -39.72 52.43
C ASP A 232 -2.92 -39.92 53.15
N GLU A 233 -3.89 -40.51 52.44
CA GLU A 233 -5.22 -40.81 52.97
C GLU A 233 -5.18 -41.77 54.13
N ALA A 234 -4.38 -42.81 53.99
CA ALA A 234 -4.28 -43.81 55.01
C ALA A 234 -3.72 -43.18 56.30
N TYR A 235 -2.68 -42.38 56.17
CA TYR A 235 -2.12 -41.72 57.32
C TYR A 235 -3.13 -40.79 58.00
N ALA A 236 -3.88 -40.03 57.20
CA ALA A 236 -4.94 -39.20 57.74
C ALA A 236 -5.94 -40.01 58.56
N GLU A 237 -6.29 -41.18 58.06
CA GLU A 237 -7.21 -42.04 58.77
C GLU A 237 -6.59 -42.55 60.10
N GLU A 238 -5.32 -42.93 60.07
CA GLU A 238 -4.62 -43.37 61.27
C GLU A 238 -4.60 -42.29 62.32
N PHE A 239 -4.18 -41.10 61.90
CA PHE A 239 -4.07 -39.95 62.80
C PHE A 239 -5.45 -39.59 63.39
N GLY A 240 -6.48 -39.77 62.59
CA GLY A 240 -7.86 -39.53 63.00
C GLY A 240 -8.24 -40.48 64.11
N ASN A 241 -7.87 -41.75 63.96
CA ASN A 241 -8.13 -42.75 65.00
C ASN A 241 -7.27 -42.61 66.25
N GLU A 242 -6.09 -42.01 66.12
CA GLU A 242 -5.19 -41.73 67.24
C GLU A 242 -5.55 -40.42 67.93
N THR A 243 -6.38 -39.59 67.32
CA THR A 243 -6.79 -38.31 67.93
C THR A 243 -8.30 -38.33 68.31
N TRP A 244 -9.18 -38.02 67.35
CA TRP A 244 -10.63 -38.13 67.54
C TRP A 244 -11.03 -39.49 68.13
N GLY A 245 -10.44 -40.54 67.59
CA GLY A 245 -10.78 -41.89 68.01
C GLY A 245 -10.39 -42.25 69.41
N VAL A 246 -9.47 -41.49 69.97
CA VAL A 246 -9.04 -41.65 71.36
C VAL A 246 -9.83 -40.71 72.29
N THR A 247 -10.25 -39.55 71.78
CA THR A 247 -11.07 -38.60 72.51
C THR A 247 -12.47 -39.11 72.80
N LYS A 248 -13.05 -39.68 71.76
CA LYS A 248 -14.47 -39.98 71.63
C LYS A 248 -15.23 -40.57 72.84
N ALA A 249 -14.83 -41.76 73.26
CA ALA A 249 -15.59 -42.55 74.25
C ALA A 249 -15.51 -41.95 75.66
N ALA A 250 -14.31 -41.53 76.06
CA ALA A 250 -14.11 -40.88 77.36
C ALA A 250 -14.83 -39.55 77.40
N GLU A 251 -14.79 -38.77 76.33
CA GLU A 251 -15.51 -37.48 76.26
C GLU A 251 -17.01 -37.68 76.53
N LYS A 252 -17.57 -38.66 75.85
CA LYS A 252 -18.99 -38.98 75.94
C LYS A 252 -19.35 -39.46 77.37
N GLN A 253 -18.50 -40.29 77.94
CA GLN A 253 -18.68 -40.76 79.29
C GLN A 253 -18.65 -39.61 80.35
N MET A 254 -17.67 -38.74 80.26
CA MET A 254 -17.61 -37.61 81.16
C MET A 254 -18.85 -36.69 81.01
N LYS A 255 -19.31 -36.48 79.78
CA LYS A 255 -20.47 -35.63 79.57
C LYS A 255 -21.78 -36.26 80.07
N ASP A 256 -21.95 -37.56 79.87
CA ASP A 256 -23.10 -38.25 80.42
C ASP A 256 -23.17 -38.10 81.95
N LYS A 257 -22.01 -38.16 82.61
CA LYS A 257 -21.93 -38.08 84.04
C LYS A 257 -22.36 -36.69 84.46
N GLN A 258 -21.90 -35.66 83.77
CA GLN A 258 -22.24 -34.28 84.10
C GLN A 258 -23.71 -33.98 83.86
N ASP A 259 -24.26 -34.56 82.81
CA ASP A 259 -25.71 -34.43 82.51
C ASP A 259 -26.56 -35.07 83.62
N GLU A 260 -26.20 -36.27 84.06
CA GLU A 260 -26.84 -36.93 85.22
C GLU A 260 -26.78 -36.10 86.51
N GLU A 261 -25.60 -35.58 86.85
CA GLU A 261 -25.50 -34.71 88.03
C GLU A 261 -26.37 -33.46 87.92
N GLN A 262 -26.41 -32.87 86.74
CA GLN A 262 -27.23 -31.72 86.49
C GLN A 262 -28.70 -32.02 86.80
N ARG A 263 -29.17 -33.19 86.36
CA ARG A 263 -30.56 -33.64 86.62
C ARG A 263 -30.90 -33.78 88.13
N LEU A 264 -29.90 -33.98 88.99
CA LEU A 264 -30.11 -34.20 90.45
C LEU A 264 -29.74 -33.00 91.33
N GLU B 9 -5.36 35.98 50.84
CA GLU B 9 -6.30 35.11 51.62
C GLU B 9 -6.73 33.76 51.06
N PRO B 10 -6.78 33.59 49.73
CA PRO B 10 -7.13 32.27 49.22
C PRO B 10 -6.13 31.24 49.59
N ALA B 11 -6.60 30.08 50.02
CA ALA B 11 -5.71 28.98 50.32
C ALA B 11 -5.44 28.22 49.02
N VAL B 12 -4.17 27.94 48.79
CA VAL B 12 -3.76 27.14 47.64
C VAL B 12 -3.20 25.86 48.21
N TYR B 13 -3.96 24.78 48.15
CA TYR B 13 -3.49 23.51 48.67
C TYR B 13 -2.58 22.75 47.72
N PHE B 14 -2.73 23.03 46.43
CA PHE B 14 -1.97 22.34 45.40
C PHE B 14 -2.01 23.13 44.09
N LYS B 15 -0.83 23.30 43.49
CA LYS B 15 -0.70 23.94 42.20
C LYS B 15 0.40 23.20 41.43
N GLU B 16 0.11 22.85 40.17
CA GLU B 16 1.13 22.24 39.30
C GLU B 16 0.99 22.73 37.86
N GLN B 17 2.01 23.46 37.41
CA GLN B 17 2.04 23.89 36.00
C GLN B 17 3.21 23.32 35.18
N PHE B 18 4.08 22.55 35.82
CA PHE B 18 5.23 21.93 35.16
C PHE B 18 6.08 22.96 34.41
N LEU B 19 6.42 24.05 35.10
CA LEU B 19 7.15 25.18 34.52
C LEU B 19 8.66 25.12 34.77
N ASP B 20 9.11 24.25 35.66
CA ASP B 20 10.51 24.24 36.14
C ASP B 20 11.27 22.99 35.65
N GLY B 21 11.27 22.83 34.33
CA GLY B 21 11.91 21.69 33.70
C GLY B 21 11.42 20.34 34.20
N ASP B 22 12.37 19.53 34.62
CA ASP B 22 12.10 18.20 35.10
C ASP B 22 11.76 18.18 36.63
N GLY B 23 11.66 19.37 37.24
CA GLY B 23 11.30 19.50 38.67
C GLY B 23 10.13 18.63 39.10
N TRP B 24 9.14 18.48 38.22
CA TRP B 24 7.98 17.64 38.51
C TRP B 24 8.28 16.21 38.91
N THR B 25 9.41 15.66 38.47
CA THR B 25 9.72 14.23 38.74
C THR B 25 9.96 13.99 40.23
N SER B 26 10.23 15.06 40.97
CA SER B 26 10.40 14.94 42.42
C SER B 26 9.10 15.29 43.17
N ARG B 27 8.03 15.65 42.47
CA ARG B 27 6.72 15.91 43.09
C ARG B 27 5.66 14.84 42.83
N TRP B 28 5.90 13.96 41.86
CA TRP B 28 4.91 12.96 41.50
C TRP B 28 5.53 11.60 41.63
N ILE B 29 4.72 10.62 41.95
CA ILE B 29 5.16 9.28 42.25
C ILE B 29 4.38 8.31 41.39
N GLU B 30 5.09 7.36 40.80
CA GLU B 30 4.51 6.32 39.99
C GLU B 30 4.05 5.19 40.87
N SER B 31 2.84 4.71 40.68
CA SER B 31 2.43 3.50 41.39
C SER B 31 3.22 2.33 40.84
N LYS B 32 3.63 1.41 41.72
CA LYS B 32 4.21 0.11 41.31
C LYS B 32 3.21 -1.04 41.52
N HIS B 33 1.92 -0.73 41.67
CA HIS B 33 0.93 -1.81 41.95
C HIS B 33 0.98 -2.88 40.87
N LYS B 34 1.20 -2.44 39.64
CA LYS B 34 1.41 -3.31 38.49
C LYS B 34 2.73 -2.93 37.83
N SER B 35 3.25 -3.86 37.03
CA SER B 35 4.56 -3.68 36.36
C SER B 35 4.41 -3.05 34.97
N ASP B 36 3.19 -3.04 34.42
CA ASP B 36 2.92 -2.60 33.02
C ASP B 36 2.01 -1.35 32.87
N PHE B 37 2.02 -0.49 33.87
CA PHE B 37 1.37 0.80 33.76
C PHE B 37 2.02 1.59 32.62
N GLY B 38 1.22 2.36 31.88
CA GLY B 38 1.75 3.27 30.91
C GLY B 38 2.53 4.34 31.60
N LYS B 39 3.36 5.03 30.85
CA LYS B 39 4.23 6.06 31.40
C LYS B 39 3.78 7.46 30.93
N PHE B 40 3.72 8.40 31.86
CA PHE B 40 3.52 9.80 31.52
C PHE B 40 4.87 10.39 31.13
N VAL B 41 4.85 11.33 30.17
CA VAL B 41 6.02 12.05 29.78
C VAL B 41 5.71 13.52 29.76
N LEU B 42 6.70 14.35 30.00
CA LEU B 42 6.52 15.80 29.94
C LEU B 42 6.55 16.26 28.49
N SER B 43 5.51 16.96 28.05
CA SER B 43 5.34 17.34 26.66
C SER B 43 4.32 18.44 26.46
N SER B 44 4.57 19.30 25.46
CA SER B 44 3.56 20.25 24.98
C SER B 44 2.92 19.81 23.65
N GLY B 45 3.27 18.62 23.18
CA GLY B 45 2.69 18.03 21.96
C GLY B 45 3.07 18.71 20.67
N LYS B 46 2.32 18.40 19.61
CA LYS B 46 2.61 18.94 18.26
C LYS B 46 2.23 20.37 18.04
N PHE B 47 1.14 20.78 18.66
CA PHE B 47 0.70 22.18 18.65
C PHE B 47 0.35 22.66 20.05
N TYR B 48 0.39 23.97 20.24
CA TYR B 48 0.36 24.58 21.56
C TYR B 48 0.27 26.08 21.41
N GLY B 49 -0.10 26.74 22.49
CA GLY B 49 -0.04 28.18 22.53
C GLY B 49 1.36 28.66 22.79
N ASP B 50 2.05 27.97 23.68
CA ASP B 50 3.42 28.34 24.04
C ASP B 50 4.13 27.07 24.36
N GLU B 51 5.25 26.83 23.67
CA GLU B 51 5.93 25.55 23.74
C GLU B 51 6.31 25.14 25.16
N GLU B 52 6.69 26.12 25.97
CA GLU B 52 7.12 25.89 27.37
C GLU B 52 5.95 25.89 28.36
N LYS B 53 5.10 26.92 28.32
CA LYS B 53 4.00 27.01 29.29
C LYS B 53 3.06 25.80 29.20
N ASP B 54 2.85 25.33 27.97
CA ASP B 54 1.84 24.28 27.72
C ASP B 54 2.38 22.89 27.84
N LYS B 55 3.56 22.76 28.41
CA LYS B 55 4.01 21.45 28.87
C LYS B 55 3.16 20.92 30.01
N GLY B 56 2.83 19.65 29.91
CA GLY B 56 2.10 18.94 30.95
C GLY B 56 2.37 17.46 30.87
N LEU B 57 1.61 16.68 31.60
CA LEU B 57 1.82 15.25 31.62
C LEU B 57 1.04 14.61 30.54
N GLN B 58 1.74 13.87 29.70
CA GLN B 58 1.14 13.27 28.52
C GLN B 58 1.19 11.78 28.62
N THR B 59 0.06 11.13 28.41
CA THR B 59 0.03 9.70 28.28
C THR B 59 0.80 9.28 26.98
N SER B 60 1.73 8.34 27.13
CA SER B 60 2.68 7.99 26.07
C SER B 60 2.51 6.61 25.46
N GLN B 61 1.57 5.82 25.94
CA GLN B 61 1.37 4.49 25.42
C GLN B 61 -0.07 4.12 25.27
N LYS B 62 -0.33 3.38 24.21
CA LYS B 62 -1.66 2.95 23.85
C LYS B 62 -2.15 1.76 24.65
N ALA B 63 -3.45 1.73 24.90
CA ALA B 63 -4.11 0.62 25.61
C ALA B 63 -3.39 0.30 26.92
N ARG B 64 -3.40 1.25 27.84
CA ARG B 64 -2.72 1.11 29.12
C ARG B 64 -3.45 1.80 30.26
N PHE B 65 -3.26 1.24 31.44
CA PHE B 65 -3.64 1.85 32.67
C PHE B 65 -2.54 2.77 33.10
N TYR B 66 -2.94 3.89 33.70
CA TYR B 66 -2.00 4.89 34.22
C TYR B 66 -2.26 5.10 35.71
N ALA B 67 -1.21 5.49 36.42
CA ALA B 67 -1.28 5.63 37.84
C ALA B 67 -0.10 6.44 38.31
N LEU B 68 -0.29 7.74 38.35
CA LEU B 68 0.70 8.68 38.83
C LEU B 68 0.03 9.66 39.80
N SER B 69 0.72 10.08 40.85
CA SER B 69 0.14 10.94 41.87
C SER B 69 1.05 11.95 42.48
N ALA B 70 0.44 12.98 43.04
CA ALA B 70 1.16 14.01 43.75
C ALA B 70 0.52 14.30 45.13
N SER B 71 1.39 14.35 46.13
CA SER B 71 1.04 14.72 47.47
C SER B 71 1.10 16.14 47.71
N PHE B 72 0.38 16.57 48.71
CA PHE B 72 0.45 17.90 49.19
C PHE B 72 0.15 17.87 50.68
N GLU B 73 0.49 18.96 51.35
CA GLU B 73 0.14 19.16 52.76
C GLU B 73 -1.37 18.89 52.94
N PRO B 74 -1.69 17.86 53.73
CA PRO B 74 -3.10 17.51 53.91
C PRO B 74 -4.01 18.64 54.43
N PHE B 75 -5.28 18.57 54.07
CA PHE B 75 -6.25 19.54 54.48
C PHE B 75 -7.62 18.88 54.51
N SER B 76 -8.55 19.58 55.13
CA SER B 76 -9.95 19.21 55.14
C SER B 76 -10.77 20.37 54.54
N ASN B 77 -11.85 20.04 53.85
CA ASN B 77 -12.73 21.08 53.29
C ASN B 77 -13.89 21.46 54.25
N LYS B 78 -13.88 20.84 55.42
CA LYS B 78 -14.92 21.03 56.43
C LYS B 78 -15.12 22.50 56.70
N GLY B 79 -16.36 22.97 56.56
CA GLY B 79 -16.64 24.38 56.78
C GLY B 79 -16.17 25.35 55.67
N GLN B 80 -15.70 24.79 54.56
CA GLN B 80 -15.11 25.56 53.45
C GLN B 80 -15.55 25.14 52.06
N THR B 81 -15.34 26.06 51.12
CA THR B 81 -15.44 25.75 49.68
C THR B 81 -14.19 24.97 49.23
N LEU B 82 -14.43 23.94 48.44
CA LEU B 82 -13.40 23.18 47.76
C LEU B 82 -13.54 23.35 46.27
N VAL B 83 -12.46 23.77 45.65
CA VAL B 83 -12.36 23.90 44.21
C VAL B 83 -11.21 23.02 43.68
N VAL B 84 -11.58 22.13 42.74
CA VAL B 84 -10.67 21.28 42.00
C VAL B 84 -10.69 21.64 40.49
N GLN B 85 -9.53 21.97 39.95
CA GLN B 85 -9.47 22.50 38.59
C GLN B 85 -8.17 22.00 37.87
N PHE B 86 -8.29 21.76 36.58
CA PHE B 86 -7.14 21.36 35.73
C PHE B 86 -7.50 21.45 34.24
N THR B 87 -6.47 21.46 33.38
CA THR B 87 -6.71 21.44 31.94
C THR B 87 -6.48 20.06 31.38
N VAL B 88 -7.30 19.73 30.39
CA VAL B 88 -7.22 18.45 29.63
C VAL B 88 -7.26 18.71 28.13
N LYS B 89 -6.32 18.06 27.44
CA LYS B 89 -6.14 18.19 26.00
C LYS B 89 -5.99 16.83 25.36
N HIS B 90 -7.03 16.38 24.70
CA HIS B 90 -6.98 15.12 23.97
C HIS B 90 -6.50 15.39 22.52
N GLU B 91 -5.22 15.77 22.41
CA GLU B 91 -4.55 15.99 21.10
C GLU B 91 -4.79 14.93 20.04
N GLN B 92 -4.82 13.70 20.49
CA GLN B 92 -4.85 12.56 19.63
C GLN B 92 -6.23 12.27 19.07
N ASN B 93 -7.23 13.11 19.35
CA ASN B 93 -8.62 12.78 18.99
C ASN B 93 -9.01 11.42 19.56
N ILE B 94 -9.30 11.41 20.85
CA ILE B 94 -9.37 10.18 21.60
C ILE B 94 -10.60 9.39 21.20
N ASP B 95 -10.47 8.08 21.18
CA ASP B 95 -11.60 7.19 20.90
C ASP B 95 -12.27 6.74 22.21
N CYS B 96 -11.43 6.33 23.15
CA CYS B 96 -11.88 5.81 24.42
C CYS B 96 -10.77 5.98 25.44
N GLY B 97 -11.11 6.68 26.54
CA GLY B 97 -10.17 6.94 27.61
C GLY B 97 -10.61 8.04 28.56
N GLY B 98 -10.12 7.95 29.79
CA GLY B 98 -10.43 8.88 30.83
C GLY B 98 -9.56 10.10 30.80
N GLY B 99 -10.08 11.18 31.37
CA GLY B 99 -9.34 12.43 31.54
C GLY B 99 -9.62 13.06 32.89
N TYR B 100 -9.89 12.22 33.87
CA TYR B 100 -10.32 12.68 35.17
C TYR B 100 -9.28 12.52 36.25
N VAL B 101 -9.43 13.32 37.31
CA VAL B 101 -8.60 13.25 38.49
C VAL B 101 -9.32 12.60 39.67
N LYS B 102 -8.53 12.19 40.65
CA LYS B 102 -9.04 11.70 41.90
C LYS B 102 -8.34 12.34 43.04
N LEU B 103 -9.13 12.73 44.03
CA LEU B 103 -8.58 13.26 45.29
C LEU B 103 -8.70 12.20 46.35
N PHE B 104 -7.57 11.91 46.97
CA PHE B 104 -7.42 10.80 47.92
C PHE B 104 -7.12 11.29 49.33
N PRO B 105 -7.51 10.49 50.33
CA PRO B 105 -7.04 10.75 51.69
C PRO B 105 -5.54 10.56 51.76
N ASN B 106 -4.92 11.22 52.73
CA ASN B 106 -3.49 11.04 52.97
C ASN B 106 -3.06 9.64 53.40
N SER B 107 -4.00 8.78 53.74
CA SER B 107 -3.67 7.40 54.04
C SER B 107 -3.34 6.55 52.81
N LEU B 108 -3.51 7.09 51.62
CA LEU B 108 -3.16 6.36 50.40
C LEU B 108 -1.64 6.13 50.29
N ASP B 109 -1.27 4.89 50.05
CA ASP B 109 0.10 4.55 49.65
C ASP B 109 0.24 4.80 48.13
N GLN B 110 0.92 5.89 47.79
CA GLN B 110 1.09 6.34 46.41
C GLN B 110 1.78 5.29 45.51
N THR B 111 2.66 4.49 46.10
CA THR B 111 3.35 3.41 45.35
C THR B 111 2.45 2.19 45.13
N ASP B 112 1.24 2.18 45.68
CA ASP B 112 0.29 1.09 45.43
C ASP B 112 -1.02 1.57 44.85
N MET B 113 -1.07 2.83 44.43
CA MET B 113 -2.32 3.37 43.86
C MET B 113 -2.78 2.55 42.67
N HIS B 114 -4.08 2.25 42.66
CA HIS B 114 -4.70 1.61 41.49
C HIS B 114 -6.23 1.84 41.44
N GLY B 115 -6.87 1.31 40.40
CA GLY B 115 -8.26 1.54 40.11
C GLY B 115 -9.15 1.31 41.31
N ASP B 116 -8.73 0.46 42.23
CA ASP B 116 -9.61 0.14 43.37
C ASP B 116 -9.18 0.79 44.66
N SER B 117 -8.18 1.65 44.60
CA SER B 117 -7.84 2.40 45.77
C SER B 117 -9.03 3.33 46.17
N GLU B 118 -9.19 3.55 47.47
CA GLU B 118 -10.30 4.34 48.01
C GLU B 118 -10.00 5.84 47.90
N TYR B 119 -10.74 6.53 47.05
CA TYR B 119 -10.62 7.98 46.94
C TYR B 119 -11.82 8.69 47.62
N ASN B 120 -11.70 10.01 47.80
CA ASN B 120 -12.80 10.85 48.33
C ASN B 120 -13.73 11.31 47.21
N ILE B 121 -13.10 11.86 46.19
CA ILE B 121 -13.79 12.46 45.06
C ILE B 121 -13.08 12.10 43.75
N MET B 122 -13.86 11.82 42.71
CA MET B 122 -13.38 11.73 41.35
C MET B 122 -14.09 12.72 40.43
N PHE B 123 -13.32 13.40 39.59
CA PHE B 123 -13.90 14.46 38.76
C PHE B 123 -13.21 14.59 37.41
N GLY B 124 -13.99 14.58 36.35
CA GLY B 124 -13.49 15.00 35.05
C GLY B 124 -14.03 14.21 33.86
N PRO B 125 -13.56 14.54 32.65
CA PRO B 125 -14.09 13.99 31.40
C PRO B 125 -13.78 12.52 31.19
N ASP B 126 -14.76 11.81 30.65
CA ASP B 126 -14.62 10.42 30.27
C ASP B 126 -15.26 10.20 28.90
N ILE B 127 -14.47 9.66 28.00
CA ILE B 127 -14.87 9.42 26.64
C ILE B 127 -14.74 7.95 26.33
N CYS B 128 -15.78 7.42 25.73
CA CYS B 128 -15.71 6.06 25.21
C CYS B 128 -16.67 5.89 24.09
N GLY B 129 -16.11 5.99 22.89
CA GLY B 129 -16.86 5.80 21.69
C GLY B 129 -17.91 6.87 21.48
N PRO B 130 -18.87 6.58 20.55
CA PRO B 130 -19.83 7.57 20.07
C PRO B 130 -20.79 7.95 21.18
N GLY B 131 -21.14 6.98 22.01
CA GLY B 131 -22.13 7.16 23.06
C GLY B 131 -21.76 7.94 24.31
N THR B 132 -20.48 7.93 24.70
CA THR B 132 -20.06 8.49 26.00
C THR B 132 -19.11 9.66 25.89
N LYS B 133 -19.64 10.83 26.24
CA LYS B 133 -18.85 12.06 26.36
C LYS B 133 -19.35 12.77 27.58
N LYS B 134 -18.81 12.39 28.71
CA LYS B 134 -19.47 12.66 29.96
C LYS B 134 -18.45 13.22 30.97
N VAL B 135 -18.92 14.12 31.82
CA VAL B 135 -18.15 14.57 32.97
C VAL B 135 -18.59 13.83 34.26
N HIS B 136 -17.68 13.07 34.80
CA HIS B 136 -17.90 12.39 36.05
C HIS B 136 -17.76 13.34 37.22
N VAL B 137 -18.69 13.21 38.14
CA VAL B 137 -18.53 13.79 39.48
C VAL B 137 -18.96 12.69 40.41
N ILE B 138 -17.99 12.11 41.10
CA ILE B 138 -18.23 11.02 42.01
C ILE B 138 -17.82 11.38 43.43
N PHE B 139 -18.72 11.10 44.36
CA PHE B 139 -18.41 11.29 45.77
C PHE B 139 -18.39 9.92 46.45
N ASN B 140 -17.35 9.69 47.24
CA ASN B 140 -17.33 8.53 48.13
C ASN B 140 -18.07 8.80 49.46
N TYR B 141 -19.08 8.00 49.73
CA TYR B 141 -19.92 8.19 50.89
C TYR B 141 -20.39 6.83 51.40
N LYS B 142 -20.18 6.58 52.69
CA LYS B 142 -20.57 5.30 53.34
C LYS B 142 -20.09 4.11 52.56
N GLY B 143 -18.80 4.15 52.18
CA GLY B 143 -18.17 3.04 51.49
C GLY B 143 -18.72 2.74 50.10
N LYS B 144 -19.44 3.69 49.54
CA LYS B 144 -19.91 3.58 48.18
C LYS B 144 -19.40 4.80 47.36
N ASN B 145 -19.11 4.57 46.10
CA ASN B 145 -18.74 5.61 45.15
C ASN B 145 -19.99 6.02 44.38
N VAL B 146 -20.51 7.20 44.69
CA VAL B 146 -21.81 7.60 44.19
C VAL B 146 -21.66 8.55 43.02
N LEU B 147 -22.36 8.22 41.95
CA LEU B 147 -22.18 8.89 40.65
C LEU B 147 -23.23 9.95 40.47
N ILE B 148 -22.85 11.09 39.91
CA ILE B 148 -23.83 12.15 39.73
C ILE B 148 -24.92 11.64 38.79
N ASN B 149 -26.14 12.05 39.03
CA ASN B 149 -27.31 11.63 38.24
C ASN B 149 -27.65 12.61 37.11
N LYS B 150 -26.96 13.73 37.04
CA LYS B 150 -27.11 14.65 35.89
C LYS B 150 -26.15 14.27 34.78
N ASP B 151 -26.56 14.51 33.57
CA ASP B 151 -25.76 14.20 32.40
C ASP B 151 -25.03 15.45 31.89
N ILE B 152 -23.72 15.47 32.06
CA ILE B 152 -22.90 16.62 31.71
C ILE B 152 -22.02 16.19 30.54
N ARG B 153 -22.14 16.89 29.43
CA ARG B 153 -21.38 16.58 28.29
C ARG B 153 -19.98 17.17 28.39
N CYS B 154 -18.96 16.38 28.05
CA CYS B 154 -17.62 16.88 28.11
C CYS B 154 -17.22 17.35 26.73
N LYS B 155 -16.06 17.98 26.62
CA LYS B 155 -15.53 18.32 25.31
C LYS B 155 -14.81 17.12 24.70
N ASP B 156 -14.75 17.08 23.38
CA ASP B 156 -14.11 15.96 22.70
C ASP B 156 -13.18 16.32 21.53
N ASP B 157 -13.04 17.59 21.19
CA ASP B 157 -12.09 17.99 20.13
C ASP B 157 -10.62 17.81 20.58
N GLU B 158 -9.68 18.38 19.83
CA GLU B 158 -8.28 18.21 20.13
C GLU B 158 -7.65 19.30 21.00
N PHE B 159 -8.43 20.29 21.38
CA PHE B 159 -7.89 21.49 22.01
C PHE B 159 -7.88 21.38 23.55
N THR B 160 -7.22 22.32 24.19
CA THR B 160 -7.12 22.35 25.66
C THR B 160 -8.44 22.84 26.25
N HIS B 161 -9.01 22.06 27.17
CA HIS B 161 -10.18 22.53 27.92
C HIS B 161 -9.99 22.55 29.45
N LEU B 162 -10.60 23.57 30.08
CA LEU B 162 -10.54 23.80 31.54
C LEU B 162 -11.73 23.14 32.19
N TYR B 163 -11.43 22.26 33.14
CA TYR B 163 -12.46 21.60 33.96
C TYR B 163 -12.39 22.03 35.44
N THR B 164 -13.52 22.42 35.98
CA THR B 164 -13.58 23.02 37.34
C THR B 164 -14.74 22.40 38.09
N LEU B 165 -14.45 21.88 39.27
CA LEU B 165 -15.47 21.46 40.21
C LEU B 165 -15.42 22.31 41.47
N ILE B 166 -16.59 22.81 41.85
CA ILE B 166 -16.78 23.61 43.04
C ILE B 166 -17.74 22.90 43.95
N VAL B 167 -17.29 22.72 45.17
CA VAL B 167 -18.14 22.11 46.25
C VAL B 167 -18.21 23.02 47.47
N ARG B 168 -19.41 23.35 47.92
CA ARG B 168 -19.60 24.33 48.99
C ARG B 168 -20.18 23.73 50.27
N PRO B 169 -19.90 24.32 51.44
CA PRO B 169 -20.34 23.77 52.71
C PRO B 169 -21.84 23.82 52.99
N ASP B 170 -22.65 24.44 52.13
CA ASP B 170 -24.10 24.22 52.17
C ASP B 170 -24.56 23.07 51.28
N ASN B 171 -23.61 22.26 50.82
CA ASN B 171 -23.88 21.11 49.94
C ASN B 171 -24.36 21.51 48.58
N THR B 172 -24.03 22.71 48.14
CA THR B 172 -24.22 23.04 46.75
C THR B 172 -22.92 22.76 45.95
N TYR B 173 -23.06 22.57 44.65
CA TYR B 173 -21.92 22.35 43.82
C TYR B 173 -22.14 23.04 42.49
N GLU B 174 -21.06 23.22 41.79
CA GLU B 174 -21.11 23.78 40.45
C GLU B 174 -19.99 23.10 39.62
N VAL B 175 -20.30 22.83 38.36
CA VAL B 175 -19.30 22.36 37.40
C VAL B 175 -19.16 23.36 36.28
N LYS B 176 -17.93 23.71 36.02
CA LYS B 176 -17.57 24.57 34.89
C LYS B 176 -16.64 23.90 33.85
N ILE B 177 -16.90 24.23 32.59
CA ILE B 177 -16.00 23.90 31.48
C ILE B 177 -15.60 25.19 30.80
N ASP B 178 -14.29 25.35 30.60
CA ASP B 178 -13.74 26.59 30.02
C ASP B 178 -14.28 27.84 30.73
N ASN B 179 -14.27 27.76 32.07
CA ASN B 179 -14.63 28.86 32.98
C ASN B 179 -16.03 29.33 32.86
N SER B 180 -16.90 28.44 32.46
CA SER B 180 -18.28 28.83 32.27
C SER B 180 -19.13 27.69 32.76
N GLN B 181 -20.14 28.03 33.57
CA GLN B 181 -20.95 27.06 34.26
C GLN B 181 -21.69 26.19 33.29
N VAL B 182 -21.70 24.89 33.54
CA VAL B 182 -22.47 23.97 32.70
C VAL B 182 -23.46 23.20 33.54
N GLU B 183 -23.23 23.14 34.83
CA GLU B 183 -24.13 22.38 35.70
C GLU B 183 -24.07 22.94 37.14
N SER B 184 -25.16 22.83 37.85
CA SER B 184 -25.19 23.18 39.25
C SER B 184 -26.38 22.57 40.01
N GLY B 185 -26.28 22.56 41.32
CA GLY B 185 -27.35 22.06 42.14
C GLY B 185 -26.92 21.75 43.56
N SER B 186 -27.63 20.83 44.18
CA SER B 186 -27.33 20.35 45.55
C SER B 186 -27.02 18.87 45.55
N LEU B 187 -26.08 18.51 46.42
CA LEU B 187 -25.65 17.15 46.54
C LEU B 187 -26.83 16.25 46.82
N GLU B 188 -27.74 16.68 47.68
CA GLU B 188 -28.83 15.79 48.11
C GLU B 188 -29.75 15.46 46.94
N ASP B 189 -29.89 16.38 45.99
CA ASP B 189 -30.81 16.17 44.85
C ASP B 189 -30.14 15.46 43.69
N ASP B 190 -28.87 15.75 43.45
CA ASP B 190 -28.21 15.29 42.20
C ASP B 190 -27.43 13.97 42.34
N TRP B 191 -27.40 13.43 43.56
CA TRP B 191 -26.87 12.08 43.82
C TRP B 191 -27.84 11.34 44.72
N ASP B 192 -27.84 10.02 44.62
CA ASP B 192 -28.59 9.15 45.54
C ASP B 192 -27.74 8.75 46.72
N PHE B 193 -27.51 9.63 47.65
CA PHE B 193 -26.75 9.27 48.86
C PHE B 193 -27.48 8.38 49.85
N LEU B 194 -26.80 7.44 50.51
CA LEU B 194 -27.46 6.61 51.55
C LEU B 194 -27.86 7.49 52.77
N PRO B 200 -25.45 16.37 58.00
CA PRO B 200 -25.76 16.91 56.67
C PRO B 200 -24.49 17.14 55.83
N SER B 201 -23.31 17.05 56.46
CA SER B 201 -22.03 17.27 55.75
C SER B 201 -21.48 16.16 54.78
N ILE B 202 -22.36 15.74 53.89
CA ILE B 202 -22.00 14.88 52.78
C ILE B 202 -20.76 15.42 52.01
N TYR B 203 -20.72 16.73 51.84
CA TYR B 203 -19.69 17.38 51.07
C TYR B 203 -18.30 17.25 51.68
N ALA B 204 -18.23 16.93 52.96
CA ALA B 204 -16.99 17.14 53.75
C ALA B 204 -16.13 15.87 53.93
N TYR B 205 -14.82 16.04 53.87
CA TYR B 205 -13.84 14.94 54.03
C TYR B 205 -12.82 15.40 55.03
N ASP B 206 -12.44 14.48 55.91
CA ASP B 206 -11.51 14.79 57.00
C ASP B 206 -10.16 15.15 56.46
N ASN B 207 -9.83 14.54 55.35
CA ASN B 207 -8.56 14.84 54.79
C ASN B 207 -8.33 14.46 53.32
N PHE B 208 -7.61 15.38 52.72
CA PHE B 208 -7.17 15.28 51.39
C PHE B 208 -5.66 15.37 51.47
N GLY B 209 -4.97 14.42 50.84
CA GLY B 209 -3.51 14.44 50.80
C GLY B 209 -2.85 14.13 49.45
N VAL B 210 -3.58 13.52 48.54
CA VAL B 210 -3.04 13.17 47.24
C VAL B 210 -4.03 13.40 46.10
N LEU B 211 -3.50 13.95 45.00
CA LEU B 211 -4.19 13.98 43.71
C LEU B 211 -3.62 12.95 42.77
N GLY B 212 -4.45 12.04 42.29
CA GLY B 212 -4.02 11.03 41.35
C GLY B 212 -4.64 11.05 39.96
N LEU B 213 -3.81 10.74 38.98
CA LEU B 213 -4.25 10.41 37.64
C LEU B 213 -4.21 8.90 37.56
N ASP B 214 -5.39 8.31 37.60
CA ASP B 214 -5.54 6.88 37.69
C ASP B 214 -6.68 6.52 36.72
N LEU B 215 -6.32 5.97 35.57
CA LEU B 215 -7.21 5.88 34.46
C LEU B 215 -6.73 4.97 33.35
N TRP B 216 -7.63 4.75 32.41
CA TRP B 216 -7.40 3.86 31.31
C TRP B 216 -7.43 4.67 30.02
N GLN B 217 -6.61 4.26 29.05
CA GLN B 217 -6.62 4.93 27.73
C GLN B 217 -6.33 3.95 26.58
N VAL B 218 -7.15 3.99 25.53
CA VAL B 218 -6.87 3.26 24.30
C VAL B 218 -5.86 4.13 23.55
N LYS B 219 -6.33 5.02 22.68
CA LYS B 219 -5.42 5.95 22.01
C LYS B 219 -4.88 6.97 22.99
N SER B 220 -3.56 7.02 23.08
CA SER B 220 -2.84 7.84 24.04
C SER B 220 -2.45 9.19 23.46
N GLY B 221 -1.86 10.07 24.25
CA GLY B 221 -1.54 11.45 23.83
C GLY B 221 -2.24 12.61 24.58
N THR B 222 -3.12 12.29 25.52
CA THR B 222 -3.76 13.29 26.37
C THR B 222 -2.75 14.03 27.25
N ILE B 223 -2.86 15.36 27.29
CA ILE B 223 -2.01 16.23 28.11
C ILE B 223 -2.82 16.91 29.23
N PHE B 224 -2.36 16.66 30.46
CA PHE B 224 -2.89 17.31 31.67
C PHE B 224 -1.96 18.43 32.15
N ASP B 225 -2.50 19.60 32.43
CA ASP B 225 -1.68 20.72 32.89
C ASP B 225 -2.52 21.52 33.93
N ASN B 226 -1.84 22.46 34.52
CA ASN B 226 -2.43 23.55 35.30
C ASN B 226 -3.42 23.11 36.39
N PHE B 227 -2.98 22.17 37.19
CA PHE B 227 -3.76 21.64 38.29
C PHE B 227 -3.81 22.68 39.41
N LEU B 228 -4.99 22.83 40.00
CA LEU B 228 -5.20 23.75 41.11
C LEU B 228 -6.22 23.18 42.09
N ILE B 229 -5.83 23.16 43.36
CA ILE B 229 -6.78 22.89 44.44
C ILE B 229 -6.76 24.07 45.39
N THR B 230 -7.92 24.67 45.58
CA THR B 230 -8.06 25.90 46.31
C THR B 230 -9.41 25.95 47.04
N ASN B 231 -9.58 26.98 47.83
CA ASN B 231 -10.84 27.18 48.56
C ASN B 231 -11.56 28.44 48.10
N ASP B 232 -11.07 29.03 47.00
CA ASP B 232 -11.57 30.30 46.49
C ASP B 232 -11.99 30.19 45.01
N GLU B 233 -13.29 30.31 44.77
CA GLU B 233 -13.89 30.24 43.43
C GLU B 233 -13.36 31.31 42.53
N ALA B 234 -13.29 32.51 43.06
CA ALA B 234 -12.80 33.64 42.27
C ALA B 234 -11.34 33.40 41.85
N TYR B 235 -10.52 32.93 42.76
CA TYR B 235 -9.13 32.67 42.45
C TYR B 235 -9.00 31.56 41.38
N ALA B 236 -9.79 30.51 41.52
CA ALA B 236 -9.83 29.49 40.50
C ALA B 236 -10.13 30.08 39.14
N GLU B 237 -11.08 31.01 39.07
CA GLU B 237 -11.47 31.61 37.81
C GLU B 237 -10.32 32.47 37.22
N GLU B 238 -9.65 33.22 38.09
CA GLU B 238 -8.47 33.98 37.70
C GLU B 238 -7.40 33.11 37.09
N PHE B 239 -7.05 32.06 37.83
CA PHE B 239 -5.99 31.17 37.44
C PHE B 239 -6.33 30.45 36.13
N GLY B 240 -7.61 30.16 35.94
CA GLY B 240 -8.13 29.60 34.72
C GLY B 240 -7.86 30.54 33.55
N ASN B 241 -8.10 31.84 33.75
CA ASN B 241 -7.90 32.81 32.71
C ASN B 241 -6.45 33.13 32.45
N GLU B 242 -5.60 32.90 33.46
CA GLU B 242 -4.16 33.09 33.34
C GLU B 242 -3.49 31.86 32.73
N THR B 243 -4.19 30.74 32.68
CA THR B 243 -3.60 29.48 32.15
C THR B 243 -4.29 29.04 30.83
N TRP B 244 -5.45 28.36 30.93
CA TRP B 244 -6.26 28.04 29.77
C TRP B 244 -6.52 29.26 28.89
N GLY B 245 -6.85 30.37 29.54
CA GLY B 245 -7.23 31.58 28.84
C GLY B 245 -6.12 32.21 28.06
N VAL B 246 -4.89 31.88 28.42
CA VAL B 246 -3.71 32.36 27.75
C VAL B 246 -3.22 31.36 26.67
N THR B 247 -3.52 30.09 26.85
CA THR B 247 -3.23 29.06 25.89
C THR B 247 -4.09 29.14 24.63
N LYS B 248 -5.37 29.31 24.88
CA LYS B 248 -6.47 29.10 23.94
C LYS B 248 -6.29 29.58 22.47
N ALA B 249 -6.11 30.88 22.27
CA ALA B 249 -6.18 31.47 20.96
C ALA B 249 -4.96 31.09 20.09
N ALA B 250 -3.77 31.14 20.70
CA ALA B 250 -2.54 30.83 20.02
C ALA B 250 -2.47 29.35 19.68
N GLU B 251 -2.95 28.50 20.58
CA GLU B 251 -3.07 27.05 20.30
C GLU B 251 -3.95 26.77 19.04
N LYS B 252 -5.12 27.38 19.00
CA LYS B 252 -6.04 27.25 17.88
C LYS B 252 -5.40 27.79 16.56
N GLN B 253 -4.72 28.92 16.63
CA GLN B 253 -4.07 29.49 15.49
C GLN B 253 -2.96 28.56 14.94
N MET B 254 -2.12 28.03 15.81
CA MET B 254 -1.07 27.14 15.36
C MET B 254 -1.64 25.86 14.74
N LYS B 255 -2.73 25.36 15.30
CA LYS B 255 -3.34 24.16 14.76
C LYS B 255 -4.01 24.40 13.41
N ASP B 256 -4.69 25.52 13.26
CA ASP B 256 -5.30 25.87 11.96
C ASP B 256 -4.23 25.90 10.86
N LYS B 257 -3.06 26.42 11.21
CA LYS B 257 -1.96 26.59 10.27
C LYS B 257 -1.48 25.21 9.87
N GLN B 258 -1.34 24.30 10.83
CA GLN B 258 -0.90 22.93 10.54
C GLN B 258 -1.92 22.14 9.74
N ASP B 259 -3.20 22.36 10.00
CA ASP B 259 -4.28 21.72 9.23
C ASP B 259 -4.25 22.18 7.76
N GLU B 260 -4.10 23.47 7.55
CA GLU B 260 -3.95 24.04 6.20
C GLU B 260 -2.75 23.47 5.46
N GLU B 261 -1.58 23.42 6.09
CA GLU B 261 -0.42 22.80 5.44
C GLU B 261 -0.64 21.30 5.10
N GLN B 262 -1.29 20.58 6.00
CA GLN B 262 -1.62 19.20 5.77
C GLN B 262 -2.47 19.03 4.50
N ARG B 263 -3.46 19.90 4.34
CA ARG B 263 -4.33 19.89 3.16
C ARG B 263 -3.57 20.13 1.82
N LEU B 264 -2.40 20.75 1.84
CA LEU B 264 -1.64 21.08 0.62
C LEU B 264 -0.42 20.19 0.38
N PRO C 10 8.94 -37.69 0.68
CA PRO C 10 9.25 -37.65 2.12
C PRO C 10 8.29 -38.52 2.86
N ALA C 11 8.79 -39.54 3.50
CA ALA C 11 7.92 -40.50 4.18
C ALA C 11 7.64 -40.01 5.60
N VAL C 12 6.37 -40.02 5.98
CA VAL C 12 5.96 -39.67 7.34
C VAL C 12 5.43 -40.94 7.94
N TYR C 13 6.23 -41.60 8.75
CA TYR C 13 5.81 -42.84 9.37
C TYR C 13 4.89 -42.63 10.59
N PHE C 14 5.01 -41.46 11.22
CA PHE C 14 4.25 -41.12 12.43
C PHE C 14 4.28 -39.63 12.66
N LYS C 15 3.09 -39.10 12.93
CA LYS C 15 2.92 -37.72 13.34
C LYS C 15 1.88 -37.66 14.44
N GLU C 16 2.16 -36.93 15.52
CA GLU C 16 1.13 -36.69 16.57
C GLU C 16 1.25 -35.27 17.13
N GLN C 17 0.22 -34.48 16.91
CA GLN C 17 0.13 -33.16 17.51
C GLN C 17 -1.01 -32.96 18.55
N PHE C 18 -1.80 -33.99 18.77
CA PHE C 18 -2.95 -33.91 19.65
C PHE C 18 -3.78 -32.67 19.36
N LEU C 19 -4.16 -32.48 18.09
CA LEU C 19 -4.98 -31.32 17.66
C LEU C 19 -6.49 -31.61 17.61
N ASP C 20 -6.89 -32.87 17.71
CA ASP C 20 -8.30 -33.31 17.46
C ASP C 20 -8.96 -33.79 18.79
N GLY C 21 -8.95 -32.92 19.77
CA GLY C 21 -9.60 -33.16 21.02
C GLY C 21 -9.11 -34.41 21.72
N ASP C 22 -10.04 -35.29 22.08
CA ASP C 22 -9.75 -36.54 22.74
C ASP C 22 -9.41 -37.69 21.72
N GLY C 23 -9.33 -37.36 20.43
CA GLY C 23 -8.94 -38.33 19.39
C GLY C 23 -7.75 -39.22 19.77
N TRP C 24 -6.76 -38.63 20.42
CA TRP C 24 -5.56 -39.35 20.80
C TRP C 24 -5.80 -40.58 21.63
N THR C 25 -6.91 -40.63 22.38
CA THR C 25 -7.22 -41.78 23.27
C THR C 25 -7.52 -43.06 22.48
N SER C 26 -7.82 -42.92 21.20
CA SER C 26 -7.92 -44.09 20.31
C SER C 26 -6.61 -44.42 19.53
N ARG C 27 -5.54 -43.62 19.72
CA ARG C 27 -4.24 -43.89 19.05
C ARG C 27 -3.15 -44.36 20.01
N TRP C 28 -3.39 -44.25 21.31
CA TRP C 28 -2.39 -44.59 22.29
C TRP C 28 -2.93 -45.63 23.26
N ILE C 29 -2.06 -46.48 23.80
CA ILE C 29 -2.45 -47.59 24.61
C ILE C 29 -1.64 -47.58 25.90
N GLU C 30 -2.32 -47.77 27.02
CA GLU C 30 -1.69 -47.83 28.34
C GLU C 30 -1.24 -49.24 28.61
N SER C 31 0.00 -49.41 29.03
CA SER C 31 0.47 -50.73 29.45
C SER C 31 -0.23 -51.12 30.75
N LYS C 32 -0.60 -52.38 30.87
CA LYS C 32 -1.12 -52.94 32.14
C LYS C 32 -0.09 -53.82 32.83
N HIS C 33 1.18 -53.70 32.45
CA HIS C 33 2.20 -54.54 33.05
C HIS C 33 2.20 -54.41 34.57
N LYS C 34 1.93 -53.20 35.05
CA LYS C 34 1.75 -52.91 36.45
C LYS C 34 0.40 -52.24 36.67
N SER C 35 -0.06 -52.25 37.92
CA SER C 35 -1.37 -51.66 38.28
C SER C 35 -1.28 -50.17 38.68
N ASP C 36 -0.08 -49.69 38.98
CA ASP C 36 0.15 -48.34 39.56
C ASP C 36 0.99 -47.38 38.69
N PHE C 37 0.96 -47.58 37.37
CA PHE C 37 1.54 -46.60 36.45
C PHE C 37 0.83 -45.26 36.61
N GLY C 38 1.59 -44.18 36.51
CA GLY C 38 1.03 -42.86 36.45
C GLY C 38 0.20 -42.68 35.19
N LYS C 39 -0.69 -41.71 35.17
CA LYS C 39 -1.58 -41.45 34.00
C LYS C 39 -1.11 -40.18 33.27
N PHE C 40 -1.10 -40.25 31.95
CA PHE C 40 -0.95 -39.06 31.14
C PHE C 40 -2.32 -38.41 31.01
N VAL C 41 -2.31 -37.09 30.91
CA VAL C 41 -3.49 -36.30 30.67
C VAL C 41 -3.23 -35.34 29.55
N LEU C 42 -4.24 -34.99 28.79
CA LEU C 42 -4.09 -33.98 27.76
C LEU C 42 -4.13 -32.60 28.36
N SER C 43 -3.11 -31.77 28.09
CA SER C 43 -3.00 -30.44 28.66
C SER C 43 -1.98 -29.54 27.93
N SER C 44 -2.26 -28.24 27.91
CA SER C 44 -1.27 -27.21 27.49
C SER C 44 -0.63 -26.50 28.70
N GLY C 45 -0.98 -26.91 29.91
CA GLY C 45 -0.39 -26.36 31.14
C GLY C 45 -0.75 -24.95 31.46
N LYS C 46 -0.01 -24.35 32.39
CA LYS C 46 -0.33 -23.00 32.92
C LYS C 46 0.04 -21.86 31.98
N PHE C 47 1.10 -22.06 31.21
CA PHE C 47 1.48 -21.11 30.15
C PHE C 47 1.82 -21.83 28.86
N TYR C 48 1.71 -21.11 27.76
CA TYR C 48 1.76 -21.68 26.45
C TYR C 48 1.80 -20.57 25.42
N GLY C 49 2.14 -20.95 24.21
CA GLY C 49 2.05 -20.05 23.08
C GLY C 49 0.65 -19.97 22.56
N ASP C 50 -0.01 -21.12 22.46
CA ASP C 50 -1.41 -21.17 21.98
C ASP C 50 -2.09 -22.26 22.77
N GLU C 51 -3.18 -21.91 23.43
CA GLU C 51 -3.83 -22.81 24.38
C GLU C 51 -4.20 -24.17 23.79
N GLU C 52 -4.59 -24.15 22.53
CA GLU C 52 -5.02 -25.36 21.82
C GLU C 52 -3.85 -26.11 21.13
N LYS C 53 -3.03 -25.39 20.36
CA LYS C 53 -1.94 -26.03 19.64
C LYS C 53 -0.97 -26.72 20.56
N ASP C 54 -0.72 -26.08 21.71
CA ASP C 54 0.28 -26.56 22.64
C ASP C 54 -0.22 -27.61 23.62
N LYS C 55 -1.38 -28.16 23.34
CA LYS C 55 -1.78 -29.41 24.03
C LYS C 55 -0.92 -30.62 23.67
N GLY C 56 -0.54 -31.37 24.70
CA GLY C 56 0.20 -32.59 24.56
C GLY C 56 -0.04 -33.51 25.73
N LEU C 57 0.74 -34.57 25.83
CA LEU C 57 0.58 -35.51 26.92
C LEU C 57 1.36 -35.05 28.09
N GLN C 58 0.68 -34.91 29.22
CA GLN C 58 1.29 -34.42 30.43
C GLN C 58 1.30 -35.49 31.50
N THR C 59 2.46 -35.71 32.11
CA THR C 59 2.52 -36.57 33.27
C THR C 59 1.77 -35.91 34.45
N SER C 60 0.85 -36.66 35.08
CA SER C 60 -0.11 -36.12 36.06
C SER C 60 0.09 -36.57 37.49
N GLN C 61 1.07 -37.43 37.75
CA GLN C 61 1.29 -37.92 39.08
C GLN C 61 2.75 -38.03 39.45
N LYS C 62 3.02 -37.66 40.68
CA LYS C 62 4.34 -37.59 41.20
C LYS C 62 4.87 -38.99 41.56
N ALA C 63 6.18 -39.17 41.41
CA ALA C 63 6.87 -40.38 41.79
C ALA C 63 6.19 -41.60 41.23
N ARG C 64 6.15 -41.66 39.90
CA ARG C 64 5.52 -42.75 39.19
C ARG C 64 6.29 -43.17 37.94
N PHE C 65 6.14 -44.44 37.60
CA PHE C 65 6.47 -44.94 36.29
C PHE C 65 5.33 -44.69 35.33
N TYR C 66 5.70 -44.42 34.09
CA TYR C 66 4.73 -44.20 33.01
C TYR C 66 4.99 -45.19 31.89
N ALA C 67 3.95 -45.51 31.15
CA ALA C 67 4.05 -46.47 30.10
C ALA C 67 2.84 -46.35 29.18
N LEU C 68 2.98 -45.52 28.16
CA LEU C 68 1.94 -45.29 27.17
C LEU C 68 2.60 -45.34 25.78
N SER C 69 1.92 -45.89 24.79
CA SER C 69 2.55 -46.08 23.47
C SER C 69 1.58 -45.96 22.33
N ALA C 70 2.14 -45.64 21.17
CA ALA C 70 1.38 -45.49 19.93
C ALA C 70 2.01 -46.33 18.81
N SER C 71 1.16 -47.12 18.17
CA SER C 71 1.56 -47.94 17.01
C SER C 71 1.35 -47.19 15.71
N PHE C 72 2.14 -47.59 14.71
CA PHE C 72 2.05 -47.03 13.37
C PHE C 72 2.34 -48.18 12.40
N GLU C 73 1.96 -47.99 11.14
CA GLU C 73 2.33 -48.92 10.04
C GLU C 73 3.88 -49.17 10.10
N PRO C 74 4.27 -50.43 10.34
CA PRO C 74 5.69 -50.76 10.48
C PRO C 74 6.57 -50.36 9.28
N PHE C 75 7.85 -50.12 9.56
CA PHE C 75 8.79 -49.76 8.54
C PHE C 75 10.16 -50.16 8.99
N SER C 76 11.07 -50.16 8.03
CA SER C 76 12.50 -50.40 8.28
C SER C 76 13.27 -49.15 7.85
N ASN C 77 14.31 -48.78 8.61
CA ASN C 77 15.20 -47.71 8.18
C ASN C 77 16.43 -48.22 7.29
N LYS C 78 16.46 -49.51 6.97
CA LYS C 78 17.50 -50.11 6.08
C LYS C 78 17.67 -49.32 4.80
N GLY C 79 18.88 -48.88 4.54
CA GLY C 79 19.14 -48.11 3.34
C GLY C 79 18.67 -46.66 3.33
N GLN C 80 18.18 -46.19 4.46
CA GLN C 80 17.50 -44.88 4.56
C GLN C 80 17.92 -44.07 5.79
N THR C 81 17.59 -42.78 5.74
CA THR C 81 17.70 -41.91 6.87
C THR C 81 16.47 -42.11 7.77
N LEU C 82 16.75 -42.19 9.06
CA LEU C 82 15.71 -42.17 10.10
C LEU C 82 15.82 -40.90 10.93
N VAL C 83 14.73 -40.17 10.99
CA VAL C 83 14.59 -38.99 11.86
C VAL C 83 13.45 -39.14 12.89
N VAL C 84 13.84 -38.97 14.15
CA VAL C 84 12.94 -39.03 15.32
C VAL C 84 12.95 -37.67 16.00
N GLN C 85 11.78 -37.07 16.12
CA GLN C 85 11.65 -35.71 16.62
C GLN C 85 10.39 -35.51 17.48
N PHE C 86 10.51 -34.71 18.53
CA PHE C 86 9.37 -34.37 19.41
C PHE C 86 9.73 -33.16 20.28
N THR C 87 8.71 -32.53 20.86
CA THR C 87 8.94 -31.46 21.85
C THR C 87 8.73 -31.97 23.28
N VAL C 88 9.52 -31.41 24.18
CA VAL C 88 9.45 -31.70 25.63
C VAL C 88 9.48 -30.38 26.40
N LYS C 89 8.58 -30.29 27.36
CA LYS C 89 8.40 -29.11 28.21
C LYS C 89 8.27 -29.49 29.68
N HIS C 90 9.32 -29.26 30.43
CA HIS C 90 9.31 -29.56 31.85
C HIS C 90 8.83 -28.31 32.58
N GLU C 91 7.57 -27.99 32.38
CA GLU C 91 6.85 -26.90 33.03
C GLU C 91 7.05 -26.83 34.55
N GLN C 92 7.17 -27.96 35.20
CA GLN C 92 7.24 -28.02 36.66
C GLN C 92 8.61 -27.76 37.25
N ASN C 93 9.59 -27.42 36.41
CA ASN C 93 11.00 -27.34 36.86
C ASN C 93 11.45 -28.65 37.50
N ILE C 94 11.73 -29.62 36.66
CA ILE C 94 11.82 -30.99 37.09
C ILE C 94 13.07 -31.16 37.95
N ASP C 95 12.97 -32.02 38.97
CA ASP C 95 14.13 -32.35 39.82
C ASP C 95 14.81 -33.64 39.28
N CYS C 96 13.98 -34.63 39.00
CA CYS C 96 14.45 -35.91 38.54
C CYS C 96 13.33 -36.56 37.75
N GLY C 97 13.64 -36.92 36.51
CA GLY C 97 12.73 -37.61 35.62
C GLY C 97 13.17 -37.62 34.17
N GLY C 98 12.71 -38.64 33.46
CA GLY C 98 13.00 -38.81 32.04
C GLY C 98 12.07 -38.00 31.14
N GLY C 99 12.55 -37.71 29.93
CA GLY C 99 11.77 -37.04 28.90
C GLY C 99 12.03 -37.66 27.53
N TYR C 100 12.35 -38.93 27.54
CA TYR C 100 12.79 -39.62 26.32
C TYR C 100 11.79 -40.59 25.79
N VAL C 101 11.95 -40.86 24.51
CA VAL C 101 11.11 -41.73 23.71
C VAL C 101 11.81 -43.04 23.40
N LYS C 102 11.05 -44.07 23.11
CA LYS C 102 11.58 -45.35 22.68
C LYS C 102 10.87 -45.82 21.44
N LEU C 103 11.66 -46.31 20.49
CA LEU C 103 11.13 -46.91 19.28
C LEU C 103 11.31 -48.43 19.36
N PHE C 104 10.19 -49.12 19.18
CA PHE C 104 10.07 -50.54 19.43
C PHE C 104 9.75 -51.29 18.12
N PRO C 105 10.22 -52.55 18.02
CA PRO C 105 9.74 -53.43 16.99
C PRO C 105 8.26 -53.67 17.13
N ASN C 106 7.62 -53.96 16.01
CA ASN C 106 6.18 -54.27 16.01
C ASN C 106 5.79 -55.53 16.78
N SER C 107 6.74 -56.35 17.15
CA SER C 107 6.47 -57.49 18.02
C SER C 107 6.16 -57.13 19.50
N LEU C 108 6.32 -55.86 19.88
CA LEU C 108 5.99 -55.45 21.23
C LEU C 108 4.47 -55.57 21.51
N ASP C 109 4.14 -56.22 22.61
CA ASP C 109 2.80 -56.18 23.18
C ASP C 109 2.63 -54.85 23.98
N GLN C 110 1.87 -53.90 23.42
CA GLN C 110 1.70 -52.55 24.00
C GLN C 110 1.11 -52.60 25.41
N THR C 111 0.25 -53.59 25.65
CA THR C 111 -0.41 -53.74 26.95
C THR C 111 0.54 -54.35 27.98
N ASP C 112 1.76 -54.73 27.57
CA ASP C 112 2.74 -55.25 28.53
C ASP C 112 4.05 -54.46 28.54
N MET C 113 4.04 -53.29 27.89
CA MET C 113 5.23 -52.48 27.82
C MET C 113 5.71 -52.12 29.21
N HIS C 114 7.02 -52.23 29.40
CA HIS C 114 7.67 -51.74 30.62
C HIS C 114 9.17 -51.51 30.46
N GLY C 115 9.81 -51.07 31.55
CA GLY C 115 11.22 -50.69 31.57
C GLY C 115 12.15 -51.72 30.95
N ASP C 116 11.76 -53.00 30.99
CA ASP C 116 12.63 -54.05 30.45
C ASP C 116 12.14 -54.63 29.14
N SER C 117 11.09 -54.05 28.55
CA SER C 117 10.72 -54.43 27.20
C SER C 117 11.86 -54.08 26.20
N GLU C 118 12.01 -54.92 25.18
CA GLU C 118 13.09 -54.78 24.20
C GLU C 118 12.75 -53.74 23.15
N TYR C 119 13.49 -52.63 23.17
CA TYR C 119 13.32 -51.59 22.16
C TYR C 119 14.51 -51.64 21.16
N ASN C 120 14.35 -50.96 20.03
CA ASN C 120 15.44 -50.73 19.07
C ASN C 120 16.32 -49.55 19.42
N ILE C 121 15.67 -48.41 19.65
CA ILE C 121 16.36 -47.14 19.95
C ILE C 121 15.64 -46.39 21.08
N MET C 122 16.42 -45.77 21.95
CA MET C 122 15.91 -44.83 22.92
C MET C 122 16.58 -43.46 22.71
N PHE C 123 15.78 -42.38 22.77
CA PHE C 123 16.31 -41.06 22.54
C PHE C 123 15.62 -39.96 23.34
N GLY C 124 16.38 -39.18 24.07
CA GLY C 124 15.87 -37.93 24.59
C GLY C 124 16.42 -37.53 25.93
N PRO C 125 15.93 -36.40 26.45
CA PRO C 125 16.46 -35.84 27.70
C PRO C 125 16.19 -36.66 28.97
N ASP C 126 17.18 -36.66 29.86
CA ASP C 126 17.08 -37.28 31.16
C ASP C 126 17.72 -36.39 32.20
N ILE C 127 16.92 -36.09 33.22
CA ILE C 127 17.34 -35.21 34.26
C ILE C 127 17.28 -35.98 35.59
N CYS C 128 18.33 -35.87 36.39
CA CYS C 128 18.27 -36.31 37.77
C CYS C 128 19.23 -35.49 38.64
N GLY C 129 18.68 -34.50 39.29
CA GLY C 129 19.43 -33.57 40.17
C GLY C 129 20.35 -32.64 39.38
N PRO C 130 21.18 -31.85 40.09
CA PRO C 130 22.12 -30.92 39.42
C PRO C 130 23.12 -31.65 38.50
N GLY C 131 23.54 -32.85 38.91
CA GLY C 131 24.58 -33.61 38.21
C GLY C 131 24.25 -34.26 36.85
N THR C 132 22.99 -34.60 36.61
CA THR C 132 22.57 -35.24 35.36
C THR C 132 21.60 -34.40 34.56
N LYS C 133 22.08 -33.89 33.43
CA LYS C 133 21.28 -33.19 32.47
C LYS C 133 21.78 -33.64 31.11
N LYS C 134 21.23 -34.76 30.65
CA LYS C 134 21.86 -35.51 29.63
C LYS C 134 20.85 -35.93 28.56
N VAL C 135 21.30 -35.96 27.31
CA VAL C 135 20.51 -36.54 26.23
C VAL C 135 20.98 -37.98 25.95
N HIS C 136 20.08 -38.92 26.21
CA HIS C 136 20.34 -40.31 25.89
C HIS C 136 20.20 -40.60 24.41
N VAL C 137 21.15 -41.36 23.88
CA VAL C 137 21.00 -41.98 22.55
C VAL C 137 21.45 -43.41 22.72
N ILE C 138 20.48 -44.32 22.74
CA ILE C 138 20.75 -45.75 23.04
C ILE C 138 20.33 -46.62 21.88
N PHE C 139 21.25 -47.49 21.49
CA PHE C 139 20.99 -48.42 20.40
C PHE C 139 21.03 -49.82 20.98
N ASN C 140 20.03 -50.60 20.63
CA ASN C 140 20.01 -52.00 20.95
C ASN C 140 20.74 -52.83 19.88
N TYR C 141 21.74 -53.57 20.35
CA TYR C 141 22.60 -54.35 19.46
C TYR C 141 23.09 -55.59 20.15
N LYS C 142 22.89 -56.73 19.50
CA LYS C 142 23.32 -58.04 20.05
C LYS C 142 22.85 -58.20 21.47
N GLY C 143 21.57 -57.89 21.70
CA GLY C 143 20.93 -58.08 23.01
C GLY C 143 21.48 -57.20 24.11
N LYS C 144 22.21 -56.15 23.74
CA LYS C 144 22.66 -55.14 24.70
C LYS C 144 22.13 -53.77 24.31
N ASN C 145 21.85 -52.96 25.30
CA ASN C 145 21.44 -51.59 25.12
C ASN C 145 22.65 -50.72 25.30
N VAL C 146 23.14 -50.17 24.21
CA VAL C 146 24.43 -49.51 24.22
C VAL C 146 24.21 -48.01 24.28
N LEU C 147 24.90 -47.39 25.24
CA LEU C 147 24.73 -45.98 25.53
C LEU C 147 25.76 -45.13 24.81
N ILE C 148 25.37 -43.96 24.33
CA ILE C 148 26.32 -43.12 23.63
C ILE C 148 27.42 -42.71 24.59
N ASN C 149 28.66 -42.60 24.10
CA ASN C 149 29.83 -42.20 24.91
C ASN C 149 30.07 -40.72 24.96
N LYS C 150 29.40 -39.96 24.13
CA LYS C 150 29.52 -38.52 24.17
C LYS C 150 28.55 -37.95 25.20
N ASP C 151 28.97 -36.86 25.82
CA ASP C 151 28.16 -36.19 26.83
C ASP C 151 27.38 -35.05 26.16
N ILE C 152 26.08 -35.24 26.03
CA ILE C 152 25.21 -34.23 25.46
C ILE C 152 24.34 -33.62 26.56
N ARG C 153 24.45 -32.33 26.74
CA ARG C 153 23.62 -31.65 27.73
C ARG C 153 22.24 -31.40 27.22
N CYS C 154 21.25 -31.67 28.05
CA CYS C 154 19.88 -31.41 27.66
C CYS C 154 19.47 -30.06 28.21
N LYS C 155 18.30 -29.59 27.82
CA LYS C 155 17.76 -28.37 28.44
C LYS C 155 17.08 -28.70 29.74
N ASP C 156 17.04 -27.74 30.66
CA ASP C 156 16.44 -27.99 31.97
C ASP C 156 15.50 -26.88 32.48
N ASP C 157 15.31 -25.80 31.74
CA ASP C 157 14.36 -24.77 32.12
C ASP C 157 12.89 -25.22 31.95
N GLU C 158 11.96 -24.30 32.03
CA GLU C 158 10.54 -24.66 32.00
C GLU C 158 9.87 -24.59 30.64
N PHE C 159 10.63 -24.23 29.61
CA PHE C 159 10.07 -23.94 28.31
C PHE C 159 10.09 -25.16 27.38
N THR C 160 9.39 -25.03 26.24
CA THR C 160 9.27 -26.12 25.27
C THR C 160 10.58 -26.24 24.45
N HIS C 161 11.19 -27.42 24.43
CA HIS C 161 12.37 -27.66 23.58
C HIS C 161 12.16 -28.77 22.58
N LEU C 162 12.71 -28.55 21.38
CA LEU C 162 12.67 -29.52 20.26
C LEU C 162 13.89 -30.46 20.29
N TYR C 163 13.62 -31.76 20.30
CA TYR C 163 14.67 -32.78 20.28
C TYR C 163 14.60 -33.56 18.97
N THR C 164 15.73 -33.67 18.30
CA THR C 164 15.79 -34.35 17.00
C THR C 164 16.97 -35.31 16.97
N LEU C 165 16.69 -36.55 16.58
CA LEU C 165 17.74 -37.51 16.29
C LEU C 165 17.67 -37.87 14.82
N ILE C 166 18.84 -37.78 14.18
CA ILE C 166 19.03 -38.15 12.79
C ILE C 166 20.04 -39.33 12.71
N VAL C 167 19.60 -40.38 12.03
CA VAL C 167 20.45 -41.60 11.84
C VAL C 167 20.50 -41.95 10.36
N ARG C 168 21.70 -42.04 9.81
CA ARG C 168 21.89 -42.21 8.37
C ARG C 168 22.51 -43.55 7.99
N PRO C 169 22.22 -44.03 6.78
CA PRO C 169 22.71 -45.35 6.36
C PRO C 169 24.21 -45.49 6.11
N ASP C 170 24.99 -44.43 6.23
CA ASP C 170 26.44 -44.57 6.38
C ASP C 170 26.89 -44.72 7.82
N ASN C 171 25.95 -45.00 8.74
CA ASN C 171 26.21 -45.05 10.17
C ASN C 171 26.65 -43.71 10.77
N THR C 172 26.28 -42.60 10.16
CA THR C 172 26.48 -41.31 10.81
C THR C 172 25.22 -40.94 11.56
N TYR C 173 25.36 -40.07 12.54
CA TYR C 173 24.18 -39.57 13.28
C TYR C 173 24.40 -38.11 13.62
N GLU C 174 23.31 -37.45 13.88
CA GLU C 174 23.33 -36.09 14.33
C GLU C 174 22.24 -35.91 15.38
N VAL C 175 22.54 -35.17 16.41
CA VAL C 175 21.54 -34.77 17.41
C VAL C 175 21.36 -33.26 17.37
N LYS C 176 20.12 -32.85 17.31
CA LYS C 176 19.72 -31.45 17.41
C LYS C 176 18.79 -31.11 18.60
N ILE C 177 19.03 -29.94 19.17
CA ILE C 177 18.16 -29.34 20.16
C ILE C 177 17.73 -27.98 19.60
N ASP C 178 16.42 -27.74 19.63
CA ASP C 178 15.86 -26.48 19.10
C ASP C 178 16.33 -26.18 17.69
N ASN C 179 16.32 -27.24 16.87
CA ASN C 179 16.65 -27.23 15.44
C ASN C 179 18.08 -26.80 15.16
N SER C 180 18.97 -27.06 16.08
CA SER C 180 20.33 -26.65 15.88
C SER C 180 21.23 -27.75 16.42
N GLN C 181 22.22 -28.14 15.62
CA GLN C 181 23.05 -29.29 15.91
C GLN C 181 23.77 -29.12 17.22
N VAL C 182 23.80 -30.16 18.04
CA VAL C 182 24.59 -30.13 19.32
C VAL C 182 25.57 -31.27 19.40
N GLU C 183 25.38 -32.29 18.57
CA GLU C 183 26.30 -33.43 18.54
C GLU C 183 26.23 -34.23 17.23
N SER C 184 27.36 -34.81 16.87
CA SER C 184 27.49 -35.49 15.60
C SER C 184 28.59 -36.51 15.56
N GLY C 185 28.47 -37.51 14.71
CA GLY C 185 29.59 -38.43 14.52
C GLY C 185 29.14 -39.75 13.88
N SER C 186 29.89 -40.80 14.15
CA SER C 186 29.63 -42.10 13.63
C SER C 186 29.33 -43.06 14.75
N LEU C 187 28.44 -43.98 14.48
CA LEU C 187 28.07 -45.03 15.43
C LEU C 187 29.28 -45.85 15.89
N GLU C 188 30.19 -46.18 14.98
CA GLU C 188 31.28 -47.05 15.33
C GLU C 188 32.20 -46.35 16.32
N ASP C 189 32.29 -45.02 16.28
CA ASP C 189 33.21 -44.29 17.19
C ASP C 189 32.56 -43.92 18.49
N ASP C 190 31.28 -43.56 18.45
CA ASP C 190 30.66 -42.89 19.59
C ASP C 190 29.93 -43.86 20.54
N TRP C 191 29.92 -45.13 20.16
CA TRP C 191 29.42 -46.23 21.01
C TRP C 191 30.43 -47.36 20.98
N ASP C 192 30.49 -48.12 22.06
CA ASP C 192 31.24 -49.38 22.10
C ASP C 192 30.41 -50.57 21.65
N PHE C 193 30.16 -50.71 20.37
CA PHE C 193 29.45 -51.88 19.88
C PHE C 193 30.41 -53.10 19.80
N LEU C 194 31.62 -52.82 19.31
CA LEU C 194 32.62 -53.78 18.91
C LEU C 194 34.02 -53.27 19.21
N PRO C 195 34.98 -54.18 19.38
CA PRO C 195 36.38 -53.83 19.65
C PRO C 195 37.03 -53.04 18.53
N GLY C 196 36.67 -53.26 17.29
CA GLY C 196 37.31 -52.53 16.24
C GLY C 196 36.29 -52.29 15.20
N SER C 197 36.69 -51.57 14.17
CA SER C 197 35.78 -51.18 13.11
C SER C 197 35.32 -52.40 12.34
N GLY C 198 34.09 -52.26 11.88
CA GLY C 198 33.41 -53.27 11.14
C GLY C 198 32.23 -53.50 12.06
N ASP C 199 31.06 -53.68 11.06
CA ASP C 199 29.62 -53.87 10.93
C ASP C 199 28.96 -52.58 10.46
N PRO C 200 28.82 -52.48 9.14
CA PRO C 200 28.22 -51.26 8.62
C PRO C 200 26.69 -51.20 8.81
N SER C 201 26.05 -52.29 9.22
CA SER C 201 24.58 -52.36 9.41
CA SER C 201 24.57 -52.31 9.42
C SER C 201 24.05 -52.01 10.85
N ILE C 202 24.91 -51.55 11.74
CA ILE C 202 24.52 -51.25 13.14
C ILE C 202 23.33 -50.30 13.25
N TYR C 203 23.28 -49.30 12.39
CA TYR C 203 22.22 -48.34 12.36
C TYR C 203 20.83 -48.94 12.06
N ALA C 204 20.79 -50.13 11.50
CA ALA C 204 19.57 -50.59 10.81
C ALA C 204 18.73 -51.58 11.63
N TYR C 205 17.42 -51.44 11.52
CA TYR C 205 16.46 -52.28 12.23
C TYR C 205 15.47 -52.78 11.20
N ASP C 206 15.12 -54.05 11.35
CA ASP C 206 14.18 -54.66 10.44
C ASP C 206 12.81 -54.03 10.53
N ASN C 207 12.44 -53.66 11.73
CA ASN C 207 11.10 -53.28 11.98
C ASN C 207 10.95 -52.25 13.11
N PHE C 208 10.23 -51.18 12.78
CA PHE C 208 9.76 -50.22 13.76
C PHE C 208 8.26 -50.24 13.67
N GLY C 209 7.58 -50.41 14.82
CA GLY C 209 6.10 -50.41 14.86
C GLY C 209 5.42 -49.64 16.00
N VAL C 210 6.17 -49.32 17.05
CA VAL C 210 5.61 -48.57 18.14
C VAL C 210 6.60 -47.57 18.73
N LEU C 211 6.06 -46.39 19.03
CA LEU C 211 6.74 -45.37 19.83
C LEU C 211 6.16 -45.35 21.25
N GLY C 212 7.03 -45.52 22.24
CA GLY C 212 6.61 -45.50 23.64
C GLY C 212 7.21 -44.41 24.48
N LEU C 213 6.37 -43.89 25.38
CA LEU C 213 6.82 -43.11 26.52
C LEU C 213 6.86 -44.05 27.73
N ASP C 214 8.05 -44.43 28.15
CA ASP C 214 8.26 -45.44 29.18
C ASP C 214 9.36 -44.93 30.06
N LEU C 215 8.99 -44.43 31.23
CA LEU C 215 9.88 -43.57 32.00
C LEU C 215 9.42 -43.33 33.44
N TRP C 216 10.30 -42.70 34.19
CA TRP C 216 10.12 -42.48 35.60
C TRP C 216 10.18 -40.99 35.87
N GLN C 217 9.34 -40.54 36.81
CA GLN C 217 9.29 -39.12 37.19
C GLN C 217 9.03 -38.93 38.66
N VAL C 218 9.80 -38.06 39.28
CA VAL C 218 9.52 -37.62 40.62
C VAL C 218 8.52 -36.50 40.41
N LYS C 219 8.97 -35.24 40.30
CA LYS C 219 8.01 -34.14 40.08
C LYS C 219 7.44 -34.21 38.69
N SER C 220 6.12 -34.27 38.62
CA SER C 220 5.39 -34.50 37.39
C SER C 220 4.95 -33.21 36.77
N GLY C 221 4.31 -33.26 35.61
CA GLY C 221 3.98 -32.04 34.84
C GLY C 221 4.66 -31.84 33.46
N THR C 222 5.54 -32.74 33.07
CA THR C 222 6.17 -32.70 31.74
C THR C 222 5.14 -32.88 30.64
N ILE C 223 5.21 -32.03 29.61
CA ILE C 223 4.32 -32.14 28.44
C ILE C 223 5.13 -32.51 27.15
N PHE C 224 4.69 -33.62 26.54
CA PHE C 224 5.23 -34.09 25.26
C PHE C 224 4.26 -33.75 24.09
N ASP C 225 4.77 -33.15 23.02
CA ASP C 225 3.93 -32.74 21.88
C ASP C 225 4.76 -32.94 20.57
N ASN C 226 4.07 -32.77 19.47
CA ASN C 226 4.62 -32.66 18.14
C ASN C 226 5.62 -33.77 17.74
N PHE C 227 5.18 -35.01 17.90
CA PHE C 227 5.99 -36.17 17.58
C PHE C 227 6.04 -36.31 16.06
N LEU C 228 7.23 -36.61 15.54
CA LEU C 228 7.43 -36.87 14.10
C LEU C 228 8.49 -37.95 13.87
N ILE C 229 8.11 -38.97 13.10
CA ILE C 229 9.06 -39.95 12.58
C ILE C 229 9.00 -39.89 11.08
N THR C 230 10.16 -39.60 10.49
CA THR C 230 10.28 -39.36 9.05
C THR C 230 11.64 -39.87 8.54
N ASN C 231 11.78 -39.81 7.23
CA ASN C 231 13.06 -40.20 6.57
C ASN C 231 13.73 -39.01 5.89
N ASP C 232 13.21 -37.82 6.14
CA ASP C 232 13.65 -36.58 5.52
C ASP C 232 14.09 -35.53 6.58
N GLU C 233 15.38 -35.23 6.61
CA GLU C 233 15.97 -34.23 7.55
C GLU C 233 15.42 -32.83 7.35
N ALA C 234 15.30 -32.44 6.10
CA ALA C 234 14.78 -31.13 5.76
C ALA C 234 13.32 -31.00 6.19
N TYR C 235 12.52 -32.01 5.97
CA TYR C 235 11.14 -31.96 6.40
C TYR C 235 11.02 -31.89 7.95
N ALA C 236 11.82 -32.68 8.63
CA ALA C 236 11.88 -32.58 10.07
C ALA C 236 12.13 -31.14 10.51
N GLU C 237 13.05 -30.47 9.85
CA GLU C 237 13.43 -29.10 10.24
C GLU C 237 12.29 -28.14 9.99
N GLU C 238 11.62 -28.30 8.86
CA GLU C 238 10.42 -27.50 8.56
C GLU C 238 9.35 -27.66 9.62
N PHE C 239 9.02 -28.91 9.92
CA PHE C 239 8.00 -29.22 10.87
C PHE C 239 8.38 -28.63 12.27
N GLY C 240 9.66 -28.68 12.59
CA GLY C 240 10.17 -28.17 13.84
C GLY C 240 9.91 -26.68 13.92
N ASN C 241 10.15 -25.98 12.80
CA ASN C 241 9.88 -24.52 12.76
C ASN C 241 8.41 -24.15 12.73
N GLU C 242 7.58 -25.06 12.24
CA GLU C 242 6.11 -24.87 12.19
C GLU C 242 5.45 -25.26 13.54
N THR C 243 6.18 -25.96 14.42
CA THR C 243 5.64 -26.36 15.71
C THR C 243 6.36 -25.62 16.87
N TRP C 244 7.48 -26.14 17.32
CA TRP C 244 8.33 -25.47 18.32
C TRP C 244 8.59 -24.00 17.97
N GLY C 245 8.89 -23.76 16.73
CA GLY C 245 9.24 -22.43 16.28
C GLY C 245 8.09 -21.44 16.33
N VAL C 246 6.89 -21.96 16.33
CA VAL C 246 5.67 -21.13 16.43
C VAL C 246 5.23 -20.98 17.91
N THR C 247 5.53 -21.97 18.73
CA THR C 247 5.25 -21.92 20.17
C THR C 247 6.12 -20.90 20.91
N LYS C 248 7.40 -20.94 20.59
CA LYS C 248 8.50 -20.37 21.36
C LYS C 248 8.33 -18.95 21.96
N ALA C 249 8.13 -17.95 21.12
CA ALA C 249 8.12 -16.55 21.53
C ALA C 249 6.90 -16.14 22.40
N ALA C 250 5.72 -16.59 22.00
CA ALA C 250 4.48 -16.34 22.70
C ALA C 250 4.48 -17.07 24.04
N GLU C 251 4.96 -18.31 24.07
CA GLU C 251 5.11 -19.03 25.34
C GLU C 251 5.95 -18.22 26.35
N LYS C 252 7.11 -17.77 25.90
CA LYS C 252 8.07 -17.03 26.73
C LYS C 252 7.44 -15.70 27.22
N GLN C 253 6.72 -15.02 26.34
CA GLN C 253 6.02 -13.81 26.68
C GLN C 253 4.95 -14.03 27.77
N MET C 254 4.13 -15.04 27.60
CA MET C 254 3.12 -15.35 28.61
C MET C 254 3.73 -15.71 29.95
N LYS C 255 4.82 -16.43 29.93
CA LYS C 255 5.46 -16.82 31.16
C LYS C 255 6.18 -15.64 31.88
N ASP C 256 6.85 -14.78 31.12
CA ASP C 256 7.40 -13.55 31.72
C ASP C 256 6.30 -12.74 32.46
N LYS C 257 5.11 -12.69 31.87
CA LYS C 257 4.04 -11.90 32.39
C LYS C 257 3.58 -12.48 33.70
N GLN C 258 3.43 -13.79 33.75
CA GLN C 258 3.05 -14.47 34.97
C GLN C 258 4.09 -14.35 36.06
N ASP C 259 5.36 -14.38 35.69
CA ASP C 259 6.46 -14.24 36.65
C ASP C 259 6.42 -12.86 37.29
N GLU C 260 6.22 -11.83 36.47
CA GLU C 260 6.09 -10.43 36.96
C GLU C 260 4.92 -10.32 37.93
N GLU C 261 3.77 -10.85 37.59
CA GLU C 261 2.61 -10.77 38.53
C GLU C 261 2.87 -11.53 39.84
N GLN C 262 3.50 -12.68 39.74
CA GLN C 262 3.88 -13.43 40.90
C GLN C 262 4.76 -12.59 41.85
N ARG C 263 5.75 -11.89 41.29
CA ARG C 263 6.68 -11.04 42.06
C ARG C 263 5.98 -9.90 42.84
N LEU C 264 4.80 -9.50 42.39
CA LEU C 264 4.11 -8.41 43.06
C LEU C 264 3.18 -9.00 44.08
N GLU D 9 8.40 43.91 -37.92
CA GLU D 9 7.90 44.57 -36.68
C GLU D 9 8.32 43.80 -35.43
N PRO D 10 8.42 44.48 -34.30
CA PRO D 10 8.81 43.88 -33.03
C PRO D 10 7.82 42.89 -32.49
N ALA D 11 8.30 41.80 -31.93
CA ALA D 11 7.42 40.85 -31.30
C ALA D 11 7.21 41.26 -29.84
N VAL D 12 5.96 41.27 -29.42
CA VAL D 12 5.61 41.57 -28.07
C VAL D 12 5.07 40.30 -27.50
N TYR D 13 5.85 39.61 -26.70
CA TYR D 13 5.40 38.36 -26.09
C TYR D 13 4.53 38.54 -24.85
N PHE D 14 4.70 39.67 -24.18
CA PHE D 14 3.96 39.97 -22.95
C PHE D 14 4.02 41.45 -22.67
N LYS D 15 2.85 42.01 -22.36
CA LYS D 15 2.73 43.38 -21.93
C LYS D 15 1.70 43.47 -20.83
N GLU D 16 2.03 44.13 -19.72
CA GLU D 16 1.04 44.34 -18.63
C GLU D 16 1.19 45.73 -18.01
N GLN D 17 0.16 46.56 -18.19
CA GLN D 17 0.14 47.89 -17.58
C GLN D 17 -0.98 48.10 -16.55
N PHE D 18 -1.82 47.10 -16.37
CA PHE D 18 -2.91 47.16 -15.46
C PHE D 18 -3.74 48.41 -15.70
N LEU D 19 -4.13 48.65 -16.96
CA LEU D 19 -4.92 49.82 -17.33
C LEU D 19 -6.43 49.58 -17.35
N ASP D 20 -6.86 48.32 -17.29
CA ASP D 20 -8.28 47.93 -17.55
C ASP D 20 -8.95 47.43 -16.24
N GLY D 21 -8.90 48.27 -15.23
CA GLY D 21 -9.52 48.02 -13.97
C GLY D 21 -9.03 46.75 -13.35
N ASP D 22 -9.97 45.88 -13.03
CA ASP D 22 -9.65 44.58 -12.43
C ASP D 22 -9.36 43.48 -13.43
N GLY D 23 -9.31 43.83 -14.72
CA GLY D 23 -8.98 42.88 -15.78
C GLY D 23 -7.81 41.97 -15.45
N TRP D 24 -6.80 42.51 -14.77
CA TRP D 24 -5.61 41.74 -14.42
C TRP D 24 -5.91 40.50 -13.61
N THR D 25 -7.00 40.47 -12.83
CA THR D 25 -7.32 39.32 -11.95
C THR D 25 -7.66 38.06 -12.76
N SER D 26 -7.96 38.23 -14.04
CA SER D 26 -8.12 37.08 -14.92
C SER D 26 -6.83 36.70 -15.69
N ARG D 27 -5.74 37.47 -15.53
CA ARG D 27 -4.45 37.22 -16.25
C ARG D 27 -3.35 36.72 -15.33
N TRP D 28 -3.56 36.81 -14.02
CA TRP D 28 -2.56 36.40 -13.09
C TRP D 28 -3.12 35.37 -12.15
N ILE D 29 -2.27 34.47 -11.67
CA ILE D 29 -2.68 33.36 -10.85
C ILE D 29 -1.82 33.32 -9.59
N GLU D 30 -2.47 33.10 -8.46
CA GLU D 30 -1.80 32.98 -7.16
C GLU D 30 -1.38 31.55 -6.96
N SER D 31 -0.16 31.35 -6.55
CA SER D 31 0.27 30.02 -6.17
C SER D 31 -0.41 29.60 -4.87
N LYS D 32 -0.77 28.33 -4.76
CA LYS D 32 -1.27 27.77 -3.49
C LYS D 32 -0.27 26.84 -2.84
N HIS D 33 0.99 26.94 -3.25
CA HIS D 33 2.01 26.04 -2.71
C HIS D 33 2.08 26.11 -1.19
N LYS D 34 1.85 27.31 -0.67
CA LYS D 34 1.72 27.56 0.75
C LYS D 34 0.40 28.25 1.02
N SER D 35 -0.05 28.17 2.28
CA SER D 35 -1.35 28.74 2.71
C SER D 35 -1.24 30.21 3.19
N ASP D 36 -0.01 30.68 3.47
CA ASP D 36 0.26 32.01 4.03
C ASP D 36 1.11 32.96 3.16
N PHE D 37 1.02 32.81 1.85
CA PHE D 37 1.57 33.84 0.92
C PHE D 37 0.90 35.20 1.14
N GLY D 38 1.68 36.27 1.05
CA GLY D 38 1.14 37.62 1.00
C GLY D 38 0.31 37.85 -0.23
N LYS D 39 -0.55 38.87 -0.20
CA LYS D 39 -1.44 39.21 -1.30
C LYS D 39 -0.94 40.46 -2.02
N PHE D 40 -1.02 40.45 -3.35
CA PHE D 40 -0.85 41.66 -4.15
C PHE D 40 -2.19 42.32 -4.23
N VAL D 41 -2.16 43.67 -4.24
CA VAL D 41 -3.35 44.47 -4.51
C VAL D 41 -3.04 45.47 -5.60
N LEU D 42 -4.06 45.88 -6.33
CA LEU D 42 -3.90 46.90 -7.34
C LEU D 42 -3.90 48.24 -6.68
N SER D 43 -2.87 49.04 -6.96
CA SER D 43 -2.69 50.35 -6.36
C SER D 43 -1.71 51.23 -7.11
N SER D 44 -1.95 52.54 -7.08
CA SER D 44 -0.95 53.58 -7.51
C SER D 44 -0.26 54.26 -6.29
N GLY D 45 -0.59 53.82 -5.09
CA GLY D 45 0.05 54.33 -3.83
C GLY D 45 -0.27 55.77 -3.51
N LYS D 46 0.49 56.34 -2.59
CA LYS D 46 0.20 57.67 -1.99
C LYS D 46 0.59 58.82 -2.91
N PHE D 47 1.63 58.61 -3.71
CA PHE D 47 2.02 59.58 -4.75
C PHE D 47 2.31 58.87 -6.05
N TYR D 48 2.20 59.61 -7.14
CA TYR D 48 2.21 59.05 -8.46
C TYR D 48 2.24 60.16 -9.49
N GLY D 49 2.56 59.81 -10.71
CA GLY D 49 2.50 60.73 -11.80
C GLY D 49 1.09 60.85 -12.32
N ASP D 50 0.38 59.74 -12.42
CA ASP D 50 -1.01 59.74 -12.88
C ASP D 50 -1.73 58.64 -12.11
N GLU D 51 -2.80 59.01 -11.43
CA GLU D 51 -3.44 58.09 -10.47
C GLU D 51 -3.83 56.74 -11.09
N GLU D 52 -4.23 56.79 -12.36
CA GLU D 52 -4.71 55.61 -13.09
C GLU D 52 -3.59 54.85 -13.83
N LYS D 53 -2.78 55.58 -14.61
CA LYS D 53 -1.69 54.94 -15.34
C LYS D 53 -0.74 54.19 -14.42
N ASP D 54 -0.45 54.80 -13.25
CA ASP D 54 0.57 54.29 -12.34
C ASP D 54 0.08 53.21 -11.40
N LYS D 55 -1.11 52.67 -11.67
CA LYS D 55 -1.53 51.48 -10.97
C LYS D 55 -0.70 50.27 -11.37
N GLY D 56 -0.33 49.48 -10.37
CA GLY D 56 0.40 48.24 -10.56
C GLY D 56 0.15 47.30 -9.40
N LEU D 57 0.91 46.22 -9.35
CA LEU D 57 0.75 45.26 -8.29
C LEU D 57 1.56 45.66 -7.13
N GLN D 58 0.90 45.78 -5.97
CA GLN D 58 1.54 46.23 -4.75
C GLN D 58 1.53 45.14 -3.71
N THR D 59 2.68 44.87 -3.14
CA THR D 59 2.73 43.96 -2.01
C THR D 59 2.04 44.61 -0.78
N SER D 60 1.12 43.85 -0.15
CA SER D 60 0.18 44.41 0.85
C SER D 60 0.39 43.92 2.26
N GLN D 61 1.33 43.03 2.49
CA GLN D 61 1.55 42.48 3.79
C GLN D 61 3.04 42.32 4.14
N LYS D 62 3.35 42.64 5.39
CA LYS D 62 4.67 42.67 5.88
C LYS D 62 5.17 41.29 6.23
N ALA D 63 6.47 41.07 6.02
CA ALA D 63 7.13 39.82 6.34
C ALA D 63 6.37 38.66 5.75
N ARG D 64 6.37 38.62 4.43
CA ARG D 64 5.72 37.54 3.70
C ARG D 64 6.47 37.15 2.44
N PHE D 65 6.26 35.90 2.05
CA PHE D 65 6.54 35.42 0.73
C PHE D 65 5.40 35.72 -0.22
N TYR D 66 5.75 36.04 -1.45
CA TYR D 66 4.78 36.32 -2.50
C TYR D 66 5.00 35.37 -3.68
N ALA D 67 3.92 35.08 -4.41
CA ALA D 67 3.97 34.12 -5.50
C ALA D 67 2.76 34.29 -6.38
N LEU D 68 2.88 35.18 -7.35
CA LEU D 68 1.84 35.47 -8.32
C LEU D 68 2.48 35.42 -9.73
N SER D 69 1.77 34.90 -10.72
CA SER D 69 2.34 34.76 -12.06
C SER D 69 1.37 34.94 -13.16
N ALA D 70 1.91 35.28 -14.32
CA ALA D 70 1.12 35.46 -15.54
C ALA D 70 1.70 34.61 -16.68
N SER D 71 0.82 33.88 -17.35
CA SER D 71 1.13 33.12 -18.55
C SER D 71 0.90 33.91 -19.82
N PHE D 72 1.63 33.52 -20.84
CA PHE D 72 1.54 34.14 -22.16
C PHE D 72 1.81 33.03 -23.18
N GLU D 73 1.42 33.29 -24.41
CA GLU D 73 1.71 32.40 -25.54
C GLU D 73 3.22 32.06 -25.54
N PRO D 74 3.56 30.79 -25.36
CA PRO D 74 4.97 30.40 -25.27
C PRO D 74 5.83 30.80 -26.48
N PHE D 75 7.11 31.01 -26.23
CA PHE D 75 8.04 31.37 -27.26
C PHE D 75 9.43 30.90 -26.85
N SER D 76 10.33 30.95 -27.83
CA SER D 76 11.72 30.70 -27.63
C SER D 76 12.51 31.91 -28.08
N ASN D 77 13.64 32.18 -27.43
CA ASN D 77 14.51 33.30 -27.83
C ASN D 77 15.62 32.85 -28.78
N LYS D 78 15.58 31.56 -29.12
CA LYS D 78 16.59 30.95 -29.98
C LYS D 78 16.75 31.75 -31.27
N GLY D 79 17.97 32.16 -31.54
CA GLY D 79 18.22 32.96 -32.73
C GLY D 79 17.75 34.41 -32.67
N GLN D 80 17.34 34.86 -31.49
CA GLN D 80 16.77 36.21 -31.27
C GLN D 80 17.27 36.95 -30.03
N THR D 81 17.08 38.25 -30.04
CA THR D 81 17.23 39.08 -28.88
C THR D 81 16.02 38.89 -27.96
N LEU D 82 16.33 38.78 -26.68
CA LEU D 82 15.31 38.77 -25.61
C LEU D 82 15.48 39.99 -24.74
N VAL D 83 14.40 40.71 -24.59
CA VAL D 83 14.34 41.86 -23.67
C VAL D 83 13.24 41.69 -22.65
N VAL D 84 13.64 41.81 -21.39
CA VAL D 84 12.76 41.74 -20.21
C VAL D 84 12.83 43.08 -19.47
N GLN D 85 11.67 43.68 -19.26
CA GLN D 85 11.63 45.06 -18.74
C GLN D 85 10.40 45.28 -17.85
N PHE D 86 10.55 46.05 -16.79
CA PHE D 86 9.42 46.39 -15.89
C PHE D 86 9.83 47.56 -14.98
N THR D 87 8.83 48.20 -14.36
CA THR D 87 9.08 49.24 -13.37
C THR D 87 8.89 48.72 -11.97
N VAL D 88 9.74 49.23 -11.07
CA VAL D 88 9.70 48.91 -9.63
C VAL D 88 9.78 50.20 -8.82
N LYS D 89 8.89 50.28 -7.83
CA LYS D 89 8.77 51.44 -6.95
C LYS D 89 8.63 50.97 -5.50
N HIS D 90 9.68 51.17 -4.75
CA HIS D 90 9.67 50.85 -3.36
C HIS D 90 9.23 52.12 -2.57
N GLU D 91 7.97 52.47 -2.75
CA GLU D 91 7.28 53.59 -2.06
C GLU D 91 7.47 53.61 -0.53
N GLN D 92 7.59 52.45 0.08
CA GLN D 92 7.71 52.31 1.53
C GLN D 92 9.10 52.56 2.10
N ASN D 93 10.06 52.92 1.26
CA ASN D 93 11.48 52.91 1.70
C ASN D 93 11.89 51.57 2.30
N ILE D 94 12.13 50.61 1.43
CA ILE D 94 12.23 49.23 1.83
C ILE D 94 13.48 48.98 2.65
N ASP D 95 13.38 48.11 3.64
CA ASP D 95 14.54 47.70 4.45
C ASP D 95 15.17 46.44 3.88
N CYS D 96 14.33 45.47 3.59
CA CYS D 96 14.76 44.18 3.09
C CYS D 96 13.63 43.54 2.30
N GLY D 97 13.92 43.22 1.04
CA GLY D 97 12.97 42.60 0.14
C GLY D 97 13.38 42.63 -1.34
N GLY D 98 12.90 41.62 -2.08
CA GLY D 98 13.13 41.50 -3.50
C GLY D 98 12.17 42.33 -4.38
N GLY D 99 12.63 42.62 -5.58
CA GLY D 99 11.88 43.39 -6.58
C GLY D 99 12.09 42.83 -7.96
N TYR D 100 12.38 41.54 -8.01
CA TYR D 100 12.81 40.89 -9.25
C TYR D 100 11.76 39.97 -9.82
N VAL D 101 11.87 39.73 -11.12
CA VAL D 101 10.99 38.82 -11.85
C VAL D 101 11.69 37.53 -12.23
N LYS D 102 10.89 36.52 -12.53
CA LYS D 102 11.38 35.26 -13.03
C LYS D 102 10.62 34.84 -14.23
N LEU D 103 11.38 34.35 -15.22
CA LEU D 103 10.80 33.82 -16.47
C LEU D 103 10.92 32.33 -16.45
N PHE D 104 9.77 31.68 -16.62
CA PHE D 104 9.64 30.23 -16.43
C PHE D 104 9.28 29.55 -17.74
N PRO D 105 9.69 28.28 -17.88
CA PRO D 105 9.13 27.44 -18.94
C PRO D 105 7.65 27.25 -18.77
N ASN D 106 6.97 27.02 -19.88
CA ASN D 106 5.56 26.74 -19.85
C ASN D 106 5.15 25.49 -19.06
N SER D 107 6.10 24.64 -18.72
CA SER D 107 5.79 23.45 -17.93
C SER D 107 5.51 23.77 -16.45
N LEU D 108 5.72 25.01 -16.03
CA LEU D 108 5.45 25.42 -14.65
C LEU D 108 3.94 25.36 -14.33
N ASP D 109 3.62 24.67 -13.25
CA ASP D 109 2.27 24.70 -12.66
C ASP D 109 2.16 25.98 -11.80
N GLN D 110 1.46 26.97 -12.35
CA GLN D 110 1.34 28.30 -11.73
C GLN D 110 0.75 28.23 -10.31
N THR D 111 -0.13 27.26 -10.08
CA THR D 111 -0.76 27.09 -8.74
C THR D 111 0.20 26.42 -7.74
N ASP D 112 1.39 26.02 -8.17
CA ASP D 112 2.39 25.45 -7.26
C ASP D 112 3.71 26.20 -7.26
N MET D 113 3.72 27.37 -7.89
CA MET D 113 4.96 28.16 -7.96
C MET D 113 5.47 28.47 -6.57
N HIS D 114 6.78 28.31 -6.41
CA HIS D 114 7.46 28.74 -5.19
C HIS D 114 8.99 28.95 -5.40
N GLY D 115 9.67 29.30 -4.33
CA GLY D 115 11.08 29.65 -4.35
C GLY D 115 11.94 28.62 -5.02
N ASP D 116 11.53 27.37 -5.00
CA ASP D 116 12.35 26.30 -5.59
C ASP D 116 11.82 25.79 -6.91
N SER D 117 10.82 26.45 -7.47
CA SER D 117 10.40 26.10 -8.81
C SER D 117 11.54 26.43 -9.81
N GLU D 118 11.64 25.61 -10.87
CA GLU D 118 12.69 25.76 -11.88
C GLU D 118 12.34 26.86 -12.88
N TYR D 119 13.08 27.95 -12.82
CA TYR D 119 12.92 29.03 -13.79
C TYR D 119 14.06 28.99 -14.83
N ASN D 120 13.89 29.75 -15.91
CA ASN D 120 14.96 29.95 -16.92
C ASN D 120 15.90 31.11 -16.55
N ILE D 121 15.30 32.25 -16.26
CA ILE D 121 16.01 33.51 -15.97
C ILE D 121 15.35 34.25 -14.82
N MET D 122 16.19 34.79 -13.92
CA MET D 122 15.73 35.71 -12.87
C MET D 122 16.43 37.04 -13.00
N PHE D 123 15.66 38.13 -12.90
CA PHE D 123 16.23 39.46 -13.11
C PHE D 123 15.59 40.53 -12.25
N GLY D 124 16.40 41.28 -11.54
CA GLY D 124 15.94 42.55 -10.98
C GLY D 124 16.50 42.90 -9.60
N PRO D 125 16.03 44.00 -9.01
CA PRO D 125 16.61 44.55 -7.77
C PRO D 125 16.33 43.73 -6.50
N ASP D 126 17.34 43.63 -5.64
CA ASP D 126 17.25 42.96 -4.38
C ASP D 126 17.92 43.81 -3.31
N ILE D 127 17.16 44.09 -2.27
CA ILE D 127 17.61 44.95 -1.17
C ILE D 127 17.51 44.19 0.12
N CYS D 128 18.59 44.25 0.88
CA CYS D 128 18.56 43.74 2.23
C CYS D 128 19.56 44.48 3.10
N GLY D 129 19.02 45.43 3.84
CA GLY D 129 19.79 46.21 4.76
C GLY D 129 20.78 47.12 4.07
N PRO D 130 21.72 47.67 4.87
CA PRO D 130 22.66 48.67 4.41
C PRO D 130 23.62 48.09 3.36
N GLY D 131 24.01 46.83 3.55
CA GLY D 131 24.98 46.16 2.69
C GLY D 131 24.58 45.70 1.29
N THR D 132 23.30 45.37 1.07
CA THR D 132 22.85 44.79 -0.21
C THR D 132 21.89 45.68 -0.97
N LYS D 133 22.37 46.19 -2.10
CA LYS D 133 21.55 46.92 -3.06
C LYS D 133 22.03 46.47 -4.44
N LYS D 134 21.47 45.39 -4.91
CA LYS D 134 22.06 44.65 -5.96
C LYS D 134 21.01 44.30 -7.03
N VAL D 135 21.44 44.27 -8.28
CA VAL D 135 20.64 43.73 -9.37
C VAL D 135 21.07 42.29 -9.71
N HIS D 136 20.17 41.37 -9.47
CA HIS D 136 20.38 40.01 -9.87
C HIS D 136 20.18 39.80 -11.36
N VAL D 137 21.09 39.02 -11.94
CA VAL D 137 20.87 38.44 -13.24
C VAL D 137 21.29 36.99 -13.11
N ILE D 138 20.29 36.09 -13.13
CA ILE D 138 20.54 34.66 -12.94
C ILE D 138 20.07 33.86 -14.15
N PHE D 139 20.94 32.98 -14.61
CA PHE D 139 20.63 32.07 -15.70
C PHE D 139 20.63 30.65 -15.18
N ASN D 140 19.58 29.92 -15.53
CA ASN D 140 19.55 28.49 -15.26
C ASN D 140 20.26 27.72 -16.37
N TYR D 141 21.25 26.94 -15.99
CA TYR D 141 22.06 26.15 -16.94
C TYR D 141 22.53 24.87 -16.30
N LYS D 142 22.30 23.76 -16.99
CA LYS D 142 22.68 22.41 -16.49
C LYS D 142 22.21 22.21 -15.06
N GLY D 143 20.94 22.54 -14.82
CA GLY D 143 20.30 22.34 -13.50
C GLY D 143 20.86 23.17 -12.37
N LYS D 144 21.64 24.19 -12.71
CA LYS D 144 22.13 25.13 -11.71
C LYS D 144 21.62 26.53 -12.03
N ASN D 145 21.41 27.31 -10.98
CA ASN D 145 21.07 28.69 -11.08
C ASN D 145 22.34 29.49 -10.92
N VAL D 146 22.82 30.05 -12.03
CA VAL D 146 24.12 30.70 -12.02
C VAL D 146 23.96 32.23 -11.88
N LEU D 147 24.67 32.78 -10.91
CA LEU D 147 24.56 34.19 -10.56
C LEU D 147 25.58 35.02 -11.26
N ILE D 148 25.20 36.21 -11.69
CA ILE D 148 26.14 37.06 -12.38
C ILE D 148 27.27 37.40 -11.40
N ASN D 149 28.48 37.49 -11.93
CA ASN D 149 29.68 37.76 -11.11
C ASN D 149 30.03 39.25 -11.05
N LYS D 150 29.31 40.08 -11.82
CA LYS D 150 29.48 41.54 -11.71
C LYS D 150 28.57 42.11 -10.64
N ASP D 151 29.03 43.16 -10.02
CA ASP D 151 28.27 43.84 -9.00
C ASP D 151 27.52 45.07 -9.54
N ILE D 152 26.20 44.97 -9.62
CA ILE D 152 25.36 46.00 -10.16
C ILE D 152 24.52 46.58 -9.05
N ARG D 153 24.65 47.87 -8.83
CA ARG D 153 23.91 48.51 -7.78
C ARG D 153 22.51 48.85 -8.23
N CYS D 154 21.52 48.57 -7.38
CA CYS D 154 20.17 48.88 -7.75
C CYS D 154 19.80 50.23 -7.17
N LYS D 155 18.64 50.75 -7.53
CA LYS D 155 18.13 51.96 -6.87
C LYS D 155 17.45 51.61 -5.55
N ASP D 156 17.44 52.55 -4.62
CA ASP D 156 16.82 52.29 -3.32
C ASP D 156 15.90 53.37 -2.79
N ASP D 157 15.71 54.47 -3.50
CA ASP D 157 14.81 55.54 -3.04
C ASP D 157 13.35 55.15 -3.16
N GLU D 158 12.43 56.11 -3.05
CA GLU D 158 11.01 55.79 -3.07
C GLU D 158 10.32 55.89 -4.43
N PHE D 159 11.08 56.27 -5.45
CA PHE D 159 10.51 56.58 -6.76
C PHE D 159 10.48 55.37 -7.71
N THR D 160 9.79 55.55 -8.84
CA THR D 160 9.63 54.50 -9.84
C THR D 160 10.90 54.35 -10.69
N HIS D 161 11.46 53.15 -10.76
CA HIS D 161 12.65 52.92 -11.62
C HIS D 161 12.45 51.81 -12.61
N LEU D 162 12.99 52.05 -13.81
CA LEU D 162 12.88 51.15 -14.95
C LEU D 162 14.06 50.19 -14.96
N TYR D 163 13.76 48.89 -14.98
CA TYR D 163 14.77 47.82 -15.07
C TYR D 163 14.64 47.04 -16.40
N THR D 164 15.76 46.91 -17.08
CA THR D 164 15.78 46.32 -18.41
C THR D 164 16.93 45.34 -18.50
N LEU D 165 16.61 44.14 -18.94
CA LEU D 165 17.64 43.15 -19.28
C LEU D 165 17.54 42.79 -20.76
N ILE D 166 18.67 42.89 -21.43
CA ILE D 166 18.82 42.54 -22.84
C ILE D 166 19.79 41.35 -22.98
N VAL D 167 19.30 40.31 -23.63
CA VAL D 167 20.10 39.12 -23.94
C VAL D 167 20.10 38.85 -25.43
N ARG D 168 21.28 38.75 -26.01
CA ARG D 168 21.41 38.62 -27.49
C ARG D 168 21.96 37.25 -27.93
N PRO D 169 21.61 36.80 -29.15
CA PRO D 169 22.03 35.49 -29.65
C PRO D 169 23.52 35.33 -29.94
N ASP D 170 24.34 36.36 -29.79
CA ASP D 170 25.80 36.19 -29.71
C ASP D 170 26.30 36.06 -28.30
N ASN D 171 25.38 35.79 -27.37
CA ASN D 171 25.72 35.64 -25.94
C ASN D 171 26.26 36.92 -25.30
N THR D 172 25.92 38.06 -25.85
CA THR D 172 26.14 39.32 -25.15
C THR D 172 24.86 39.71 -24.36
N TYR D 173 25.05 40.53 -23.34
CA TYR D 173 23.91 41.01 -22.55
C TYR D 173 24.19 42.46 -22.16
N GLU D 174 23.12 43.13 -21.80
CA GLU D 174 23.21 44.50 -21.30
C GLU D 174 22.12 44.67 -20.20
N VAL D 175 22.47 45.37 -19.14
CA VAL D 175 21.50 45.77 -18.11
C VAL D 175 21.37 47.29 -18.06
N LYS D 176 20.13 47.75 -18.08
CA LYS D 176 19.79 49.14 -17.97
C LYS D 176 18.90 49.44 -16.76
N ILE D 177 19.20 50.57 -16.15
CA ILE D 177 18.35 51.21 -15.14
C ILE D 177 17.94 52.60 -15.63
N ASP D 178 16.65 52.87 -15.58
CA ASP D 178 16.10 54.12 -16.08
C ASP D 178 16.58 54.44 -17.49
N ASN D 179 16.52 53.42 -18.34
CA ASN D 179 16.83 53.49 -19.77
C ASN D 179 18.25 53.89 -20.06
N SER D 180 19.15 53.59 -19.17
CA SER D 180 20.52 53.96 -19.36
C SER D 180 21.40 52.85 -18.86
N GLN D 181 22.39 52.49 -19.69
CA GLN D 181 23.18 51.28 -19.47
C GLN D 181 23.93 51.38 -18.19
N VAL D 182 23.93 50.31 -17.43
CA VAL D 182 24.65 50.27 -16.18
C VAL D 182 25.66 49.09 -16.15
N GLU D 183 25.45 48.10 -17.01
CA GLU D 183 26.34 46.96 -17.10
C GLU D 183 26.21 46.24 -18.45
N SER D 184 27.29 45.65 -18.91
CA SER D 184 27.29 44.89 -20.18
C SER D 184 28.46 43.92 -20.27
N GLY D 185 28.32 42.95 -21.17
CA GLY D 185 29.40 41.99 -21.41
C GLY D 185 28.90 40.75 -22.09
N SER D 186 29.60 39.66 -21.85
CA SER D 186 29.28 38.35 -22.45
C SER D 186 29.02 37.35 -21.36
N LEU D 187 28.09 36.45 -21.66
CA LEU D 187 27.69 35.42 -20.75
C LEU D 187 28.85 34.57 -20.33
N GLU D 188 29.74 34.25 -21.25
CA GLU D 188 30.85 33.33 -20.96
C GLU D 188 31.79 33.97 -19.95
N ASP D 189 31.91 35.29 -19.96
CA ASP D 189 32.87 35.97 -19.06
C ASP D 189 32.25 36.31 -17.71
N ASP D 190 30.98 36.73 -17.72
CA ASP D 190 30.39 37.36 -16.52
C ASP D 190 29.60 36.36 -15.64
N TRP D 191 29.55 35.11 -16.07
CA TRP D 191 29.05 33.98 -15.23
C TRP D 191 30.04 32.81 -15.34
N ASP D 192 30.08 31.98 -14.31
CA ASP D 192 30.84 30.71 -14.34
C ASP D 192 29.99 29.57 -14.81
N PHE D 193 29.74 29.49 -16.09
CA PHE D 193 28.95 28.37 -16.61
C PHE D 193 29.81 27.10 -16.78
N LEU D 194 30.98 27.27 -17.39
CA LEU D 194 31.79 26.08 -17.84
C LEU D 194 33.16 26.51 -18.38
N PRO D 195 34.15 25.58 -18.37
CA PRO D 195 35.53 25.82 -18.86
C PRO D 195 35.67 26.02 -20.38
N GLY D 196 36.72 26.73 -20.80
CA GLY D 196 37.02 26.98 -22.21
C GLY D 196 36.27 28.10 -22.87
N SER D 197 36.17 27.96 -24.18
CA SER D 197 35.49 28.98 -24.97
C SER D 197 34.11 29.33 -24.44
N GLY D 198 33.39 28.31 -23.98
CA GLY D 198 32.00 28.44 -23.69
C GLY D 198 31.38 27.65 -24.81
N ASP D 199 30.04 27.57 -25.20
CA ASP D 199 28.83 26.85 -25.55
C ASP D 199 28.07 28.03 -26.03
N PRO D 200 27.87 28.10 -27.34
CA PRO D 200 27.30 29.33 -27.88
C PRO D 200 25.79 29.40 -27.65
N SER D 201 25.16 28.31 -27.21
CA SER D 201 23.73 28.29 -26.93
C SER D 201 23.27 28.63 -25.46
N ILE D 202 24.18 29.07 -24.60
CA ILE D 202 23.83 29.35 -23.20
C ILE D 202 22.62 30.29 -23.05
N TYR D 203 22.58 31.31 -23.89
CA TYR D 203 21.58 32.35 -23.83
C TYR D 203 20.16 31.83 -24.07
N ALA D 204 20.06 30.63 -24.66
CA ALA D 204 18.80 30.22 -25.33
C ALA D 204 17.98 29.22 -24.53
N TYR D 205 16.67 29.39 -24.59
CA TYR D 205 15.71 28.58 -23.83
C TYR D 205 14.63 28.20 -24.78
N ASP D 206 14.28 26.94 -24.70
CA ASP D 206 13.34 26.35 -25.66
C ASP D 206 12.00 26.98 -25.52
N ASN D 207 11.69 27.34 -24.30
CA ASN D 207 10.36 27.73 -23.99
C ASN D 207 10.28 28.72 -22.81
N PHE D 208 9.61 29.82 -23.07
CA PHE D 208 9.18 30.75 -22.06
C PHE D 208 7.66 30.76 -22.11
N GLY D 209 7.02 30.58 -20.96
CA GLY D 209 5.55 30.63 -20.88
C GLY D 209 4.94 31.41 -19.73
N VAL D 210 5.71 31.64 -18.67
CA VAL D 210 5.22 32.35 -17.50
C VAL D 210 6.23 33.33 -16.92
N LEU D 211 5.72 34.50 -16.58
CA LEU D 211 6.45 35.49 -15.76
C LEU D 211 5.93 35.48 -14.32
N GLY D 212 6.82 35.24 -13.37
CA GLY D 212 6.44 35.22 -11.95
C GLY D 212 7.10 36.27 -11.07
N LEU D 213 6.29 36.78 -10.15
CA LEU D 213 6.77 37.54 -9.01
C LEU D 213 6.80 36.58 -7.83
N ASP D 214 7.98 36.15 -7.47
CA ASP D 214 8.17 35.11 -6.49
C ASP D 214 9.32 35.57 -5.60
N LEU D 215 8.99 36.03 -4.39
CA LEU D 215 9.91 36.83 -3.62
C LEU D 215 9.49 37.03 -2.17
N TRP D 216 10.43 37.58 -1.39
CA TRP D 216 10.24 37.82 0.02
C TRP D 216 10.31 39.30 0.32
N GLN D 217 9.51 39.76 1.28
CA GLN D 217 9.51 41.15 1.70
C GLN D 217 9.28 41.31 3.19
N VAL D 218 10.09 42.15 3.83
CA VAL D 218 9.86 42.57 5.19
C VAL D 218 8.86 43.72 5.05
N LYS D 219 9.33 44.95 4.97
CA LYS D 219 8.39 46.08 4.79
C LYS D 219 7.79 46.05 3.40
N SER D 220 6.48 46.02 3.35
CA SER D 220 5.72 45.86 2.12
C SER D 220 5.35 47.18 1.52
N GLY D 221 4.73 47.17 0.35
CA GLY D 221 4.35 48.41 -0.36
C GLY D 221 4.97 48.64 -1.75
N THR D 222 5.85 47.74 -2.17
CA THR D 222 6.47 47.84 -3.49
C THR D 222 5.41 47.71 -4.58
N ILE D 223 5.49 48.58 -5.58
CA ILE D 223 4.61 48.52 -6.73
C ILE D 223 5.35 48.17 -8.05
N PHE D 224 4.88 47.10 -8.69
CA PHE D 224 5.38 46.63 -10.00
C PHE D 224 4.43 47.02 -11.13
N ASP D 225 4.92 47.65 -12.18
CA ASP D 225 4.06 48.08 -13.30
C ASP D 225 4.85 47.85 -14.62
N ASN D 226 4.13 48.04 -15.70
CA ASN D 226 4.68 48.21 -17.05
C ASN D 226 5.64 47.11 -17.51
N PHE D 227 5.19 45.88 -17.36
CA PHE D 227 5.96 44.72 -17.73
C PHE D 227 5.96 44.58 -19.24
N LEU D 228 7.12 44.26 -19.79
CA LEU D 228 7.28 44.08 -21.24
C LEU D 228 8.30 42.97 -21.53
N ILE D 229 7.88 42.00 -22.32
CA ILE D 229 8.80 41.03 -22.90
C ILE D 229 8.71 41.13 -24.40
N THR D 230 9.85 41.41 -25.01
CA THR D 230 9.94 41.71 -26.41
C THR D 230 11.27 41.17 -27.02
N ASN D 231 11.40 41.29 -28.33
CA ASN D 231 12.64 40.90 -29.04
C ASN D 231 13.33 42.06 -29.66
N ASP D 232 12.89 43.27 -29.31
CA ASP D 232 13.40 44.49 -29.92
C ASP D 232 13.86 45.49 -28.81
N GLU D 233 15.16 45.75 -28.78
CA GLU D 233 15.78 46.70 -27.85
C GLU D 233 15.27 48.12 -28.00
N ALA D 234 15.16 48.56 -29.24
CA ALA D 234 14.67 49.89 -29.53
C ALA D 234 13.22 50.05 -29.06
N TYR D 235 12.38 49.09 -29.33
CA TYR D 235 11.03 49.14 -28.86
C TYR D 235 10.97 49.18 -27.31
N ALA D 236 11.76 48.34 -26.66
CA ALA D 236 11.83 48.38 -25.21
C ALA D 236 12.16 49.79 -24.71
N GLU D 237 13.10 50.45 -25.35
CA GLU D 237 13.50 51.78 -24.96
C GLU D 237 12.34 52.80 -25.17
N GLU D 238 11.64 52.68 -26.30
CA GLU D 238 10.48 53.49 -26.56
C GLU D 238 9.43 53.34 -25.49
N PHE D 239 9.08 52.10 -25.21
CA PHE D 239 8.03 51.78 -24.25
C PHE D 239 8.43 52.27 -22.85
N GLY D 240 9.71 52.17 -22.54
CA GLY D 240 10.27 52.69 -21.30
C GLY D 240 10.04 54.19 -21.20
N ASN D 241 10.29 54.92 -22.30
CA ASN D 241 10.06 56.36 -22.30
C ASN D 241 8.60 56.79 -22.30
N GLU D 242 7.72 55.90 -22.79
CA GLU D 242 6.29 56.12 -22.80
C GLU D 242 5.65 55.72 -21.48
N THR D 243 6.38 55.00 -20.63
CA THR D 243 5.86 54.55 -19.35
C THR D 243 6.60 55.25 -18.18
N TRP D 244 7.75 54.71 -17.78
CA TRP D 244 8.59 55.32 -16.78
C TRP D 244 8.84 56.79 -17.08
N GLY D 245 9.11 57.06 -18.34
CA GLY D 245 9.49 58.38 -18.76
C GLY D 245 8.38 59.38 -18.69
N VAL D 246 7.17 58.90 -18.65
CA VAL D 246 6.00 59.74 -18.50
C VAL D 246 5.61 59.87 -17.01
N THR D 247 5.89 58.86 -16.21
CA THR D 247 5.63 58.85 -14.79
C THR D 247 6.53 59.83 -14.02
N LYS D 248 7.80 59.79 -14.38
CA LYS D 248 8.92 60.32 -13.62
C LYS D 248 8.79 61.74 -12.99
N ALA D 249 8.63 62.76 -13.80
CA ALA D 249 8.66 64.14 -13.36
C ALA D 249 7.46 64.53 -12.49
N ALA D 250 6.27 64.14 -12.90
CA ALA D 250 5.06 64.41 -12.15
C ALA D 250 5.08 63.67 -10.82
N GLU D 251 5.55 62.43 -10.81
CA GLU D 251 5.66 61.66 -9.56
C GLU D 251 6.54 62.40 -8.54
N LYS D 252 7.69 62.85 -9.01
CA LYS D 252 8.67 63.56 -8.19
C LYS D 252 8.08 64.90 -7.69
N GLN D 253 7.35 65.60 -8.56
CA GLN D 253 6.69 66.84 -8.17
C GLN D 253 5.62 66.64 -7.07
N MET D 254 4.78 65.64 -7.24
CA MET D 254 3.77 65.36 -6.23
C MET D 254 4.42 64.97 -4.91
N LYS D 255 5.50 64.22 -4.96
CA LYS D 255 6.16 63.77 -3.72
C LYS D 255 6.89 64.92 -3.00
N ASP D 256 7.52 65.80 -3.74
CA ASP D 256 8.12 66.98 -3.15
C ASP D 256 7.09 67.83 -2.40
N LYS D 257 5.92 67.96 -2.99
CA LYS D 257 4.86 68.75 -2.41
C LYS D 257 4.40 68.12 -1.11
N GLN D 258 4.23 66.80 -1.10
CA GLN D 258 3.82 66.11 0.12
C GLN D 258 4.87 66.18 1.21
N ASP D 259 6.14 66.12 0.81
CA ASP D 259 7.26 66.22 1.78
C ASP D 259 7.26 67.61 2.45
N GLU D 260 7.10 68.66 1.66
CA GLU D 260 6.97 70.00 2.20
C GLU D 260 5.82 70.14 3.18
N GLU D 261 4.63 69.67 2.80
CA GLU D 261 3.48 69.76 3.72
C GLU D 261 3.71 68.97 5.03
N GLN D 262 4.35 67.83 4.90
CA GLN D 262 4.72 67.05 6.06
C GLN D 262 5.61 67.83 7.01
N ARG D 263 6.61 68.52 6.47
CA ARG D 263 7.57 69.31 7.26
C ARG D 263 6.88 70.41 8.07
N LEU D 264 5.63 70.72 7.74
CA LEU D 264 5.07 72.02 8.02
C LEU D 264 3.65 71.96 8.63
N PRO E 10 -13.93 -13.98 -45.48
CA PRO E 10 -13.72 -12.74 -44.71
C PRO E 10 -14.96 -12.01 -44.36
N ALA E 11 -15.03 -11.54 -43.13
CA ALA E 11 -16.19 -10.78 -42.68
C ALA E 11 -15.93 -9.32 -42.97
N VAL E 12 -16.91 -8.67 -43.58
CA VAL E 12 -16.85 -7.25 -43.88
C VAL E 12 -17.88 -6.61 -43.01
N TYR E 13 -17.47 -5.99 -41.93
CA TYR E 13 -18.42 -5.36 -41.02
C TYR E 13 -18.86 -3.97 -41.49
N PHE E 14 -18.02 -3.33 -42.30
CA PHE E 14 -18.27 -1.98 -42.78
C PHE E 14 -17.39 -1.66 -43.97
N LYS E 15 -18.03 -1.11 -45.00
CA LYS E 15 -17.35 -0.64 -46.18
C LYS E 15 -18.03 0.64 -46.64
N GLU E 16 -17.24 1.67 -46.92
CA GLU E 16 -17.77 2.92 -47.51
C GLU E 16 -16.78 3.51 -48.54
N GLN E 17 -17.23 3.55 -49.78
CA GLN E 17 -16.46 4.20 -50.84
C GLN E 17 -17.15 5.38 -51.52
N PHE E 18 -18.38 5.66 -51.09
CA PHE E 18 -19.11 6.82 -51.58
C PHE E 18 -19.19 6.78 -53.09
N LEU E 19 -19.58 5.65 -53.64
CA LEU E 19 -19.65 5.43 -55.10
C LEU E 19 -21.03 5.64 -55.69
N ASP E 20 -22.06 5.73 -54.85
CA ASP E 20 -23.48 5.74 -55.31
C ASP E 20 -24.16 7.13 -55.17
N GLY E 21 -23.53 8.11 -55.77
CA GLY E 21 -23.96 9.51 -55.62
C GLY E 21 -24.10 9.98 -54.19
N ASP E 22 -25.28 10.48 -53.90
CA ASP E 22 -25.61 11.05 -52.61
C ASP E 22 -26.13 9.97 -51.62
N GLY E 23 -26.10 8.71 -52.04
CA GLY E 23 -26.48 7.57 -51.17
C GLY E 23 -25.93 7.64 -49.76
N TRP E 24 -24.69 8.10 -49.61
CA TRP E 24 -24.06 8.22 -48.30
C TRP E 24 -24.85 9.02 -47.27
N THR E 25 -25.68 9.96 -47.74
CA THR E 25 -26.40 10.85 -46.80
C THR E 25 -27.45 10.12 -46.00
N SER E 26 -27.81 8.93 -46.45
CA SER E 26 -28.68 8.02 -45.66
C SER E 26 -27.90 7.04 -44.78
N ARG E 27 -26.57 7.02 -44.86
CA ARG E 27 -25.74 6.09 -44.04
C ARG E 27 -24.97 6.79 -42.94
N TRP E 28 -24.91 8.12 -42.96
CA TRP E 28 -24.11 8.85 -41.99
C TRP E 28 -24.97 9.88 -41.31
N ILE E 29 -24.66 10.17 -40.05
CA ILE E 29 -25.47 11.00 -39.18
C ILE E 29 -24.61 12.06 -38.57
N GLU E 30 -25.10 13.28 -38.63
CA GLU E 30 -24.45 14.44 -38.06
C GLU E 30 -24.80 14.55 -36.59
N SER E 31 -23.81 14.75 -35.74
CA SER E 31 -24.09 15.01 -34.33
C SER E 31 -24.71 16.37 -34.21
N LYS E 32 -25.69 16.51 -33.32
CA LYS E 32 -26.20 17.84 -32.93
C LYS E 32 -25.73 18.29 -31.55
N HIS E 33 -24.67 17.68 -31.04
CA HIS E 33 -24.21 18.00 -29.68
C HIS E 33 -23.92 19.50 -29.53
N LYS E 34 -23.39 20.07 -30.60
CA LYS E 34 -23.17 21.48 -30.75
C LYS E 34 -23.87 21.98 -32.03
N SER E 35 -24.08 23.29 -32.08
CA SER E 35 -24.80 23.93 -33.22
C SER E 35 -23.85 24.38 -34.33
N ASP E 36 -22.55 24.45 -34.03
CA ASP E 36 -21.52 25.03 -34.93
C ASP E 36 -20.43 24.05 -35.41
N PHE E 37 -20.77 22.78 -35.46
CA PHE E 37 -19.88 21.80 -36.07
C PHE E 37 -19.67 22.15 -37.55
N GLY E 38 -18.46 21.93 -38.06
CA GLY E 38 -18.21 22.06 -39.46
C GLY E 38 -18.97 21.01 -40.24
N LYS E 39 -19.15 21.23 -41.52
CA LYS E 39 -19.91 20.33 -42.38
C LYS E 39 -18.96 19.56 -43.33
N PHE E 40 -19.18 18.25 -43.43
CA PHE E 40 -18.53 17.45 -44.46
C PHE E 40 -19.30 17.62 -45.75
N VAL E 41 -18.58 17.61 -46.85
CA VAL E 41 -19.17 17.63 -48.16
C VAL E 41 -18.58 16.53 -49.03
N LEU E 42 -19.36 16.00 -49.97
CA LEU E 42 -18.87 14.96 -50.87
C LEU E 42 -18.05 15.62 -52.00
N SER E 43 -16.82 15.16 -52.18
CA SER E 43 -15.87 15.81 -53.08
C SER E 43 -14.69 14.93 -53.40
N SER E 44 -14.18 15.07 -54.63
CA SER E 44 -12.86 14.51 -55.02
C SER E 44 -11.75 15.57 -55.09
N GLY E 45 -12.08 16.80 -54.71
CA GLY E 45 -11.11 17.91 -54.66
C GLY E 45 -10.60 18.39 -55.99
N LYS E 46 -9.51 19.15 -55.95
CA LYS E 46 -8.92 19.77 -57.15
C LYS E 46 -8.14 18.84 -58.03
N PHE E 47 -7.49 17.88 -57.42
CA PHE E 47 -6.83 16.82 -58.17
C PHE E 47 -7.15 15.44 -57.58
N TYR E 48 -6.99 14.42 -58.41
CA TYR E 48 -7.46 13.10 -58.08
C TYR E 48 -6.95 12.13 -59.11
N GLY E 49 -7.09 10.85 -58.80
CA GLY E 49 -6.82 9.82 -59.78
C GLY E 49 -8.00 9.60 -60.71
N ASP E 50 -9.20 9.65 -60.15
CA ASP E 50 -10.43 9.45 -60.90
C ASP E 50 -11.46 10.31 -60.25
N GLU E 51 -12.04 11.22 -61.04
CA GLU E 51 -12.98 12.22 -60.49
C GLU E 51 -14.13 11.63 -59.67
N GLU E 52 -14.61 10.45 -60.08
CA GLU E 52 -15.73 9.74 -59.39
C GLU E 52 -15.30 8.82 -58.28
N LYS E 53 -14.36 7.94 -58.57
CA LYS E 53 -13.90 7.00 -57.55
C LYS E 53 -13.39 7.69 -56.30
N ASP E 54 -12.69 8.78 -56.49
CA ASP E 54 -11.95 9.45 -55.39
C ASP E 54 -12.78 10.47 -54.64
N LYS E 55 -14.08 10.45 -54.87
CA LYS E 55 -14.99 11.15 -53.99
C LYS E 55 -15.01 10.57 -52.58
N GLY E 56 -14.96 11.46 -51.61
CA GLY E 56 -15.01 11.08 -50.21
C GLY E 56 -15.49 12.25 -49.38
N LEU E 57 -15.46 12.12 -48.07
CA LEU E 57 -15.97 13.15 -47.22
C LEU E 57 -14.89 14.16 -47.01
N GLN E 58 -15.21 15.40 -47.32
CA GLN E 58 -14.25 16.50 -47.23
C GLN E 58 -14.66 17.49 -46.17
N THR E 59 -13.77 17.80 -45.25
CA THR E 59 -14.02 18.89 -44.32
C THR E 59 -14.08 20.23 -45.14
N SER E 60 -15.16 21.00 -44.92
CA SER E 60 -15.47 22.18 -45.73
C SER E 60 -15.31 23.52 -45.01
N GLN E 61 -14.94 23.54 -43.75
CA GLN E 61 -14.82 24.82 -43.02
C GLN E 61 -13.65 24.86 -42.09
N LYS E 62 -12.95 25.98 -42.10
CA LYS E 62 -11.77 26.20 -41.27
C LYS E 62 -12.09 26.36 -39.81
N ALA E 63 -11.17 25.96 -38.98
CA ALA E 63 -11.21 26.14 -37.52
C ALA E 63 -12.54 25.68 -36.95
N ARG E 64 -12.82 24.39 -37.15
CA ARG E 64 -14.06 23.78 -36.70
C ARG E 64 -13.87 22.38 -36.15
N PHE E 65 -14.75 22.02 -35.21
CA PHE E 65 -14.93 20.64 -34.80
C PHE E 65 -15.86 19.95 -35.78
N TYR E 66 -15.60 18.68 -36.00
CA TYR E 66 -16.43 17.84 -36.88
C TYR E 66 -16.93 16.63 -36.12
N ALA E 67 -18.08 16.11 -36.53
CA ALA E 67 -18.72 15.02 -35.80
C ALA E 67 -19.77 14.41 -36.70
N LEU E 68 -19.36 13.43 -37.46
CA LEU E 68 -20.21 12.70 -38.35
C LEU E 68 -19.92 11.18 -38.14
N SER E 69 -20.94 10.35 -38.15
CA SER E 69 -20.73 8.91 -37.88
C SER E 69 -21.63 8.00 -38.71
N ALA E 70 -21.14 6.77 -38.88
CA ALA E 70 -21.88 5.73 -39.60
C ALA E 70 -22.00 4.45 -38.73
N SER E 71 -23.25 3.97 -38.62
CA SER E 71 -23.55 2.74 -37.90
C SER E 71 -23.49 1.54 -38.85
N PHE E 72 -23.24 0.40 -38.26
CA PHE E 72 -23.22 -0.84 -38.98
C PHE E 72 -23.74 -1.92 -38.01
N GLU E 73 -24.10 -3.07 -38.57
CA GLU E 73 -24.53 -4.25 -37.78
C GLU E 73 -23.43 -4.54 -36.71
N PRO E 74 -23.79 -4.43 -35.43
CA PRO E 74 -22.80 -4.59 -34.36
C PRO E 74 -22.07 -5.93 -34.39
N PHE E 75 -20.83 -5.91 -33.91
CA PHE E 75 -20.02 -7.10 -33.86
C PHE E 75 -19.04 -6.97 -32.69
N SER E 76 -18.42 -8.09 -32.36
CA SER E 76 -17.37 -8.17 -31.38
C SER E 76 -16.14 -8.75 -32.06
N ASN E 77 -14.97 -8.31 -31.65
CA ASN E 77 -13.69 -8.86 -32.18
C ASN E 77 -13.14 -10.03 -31.35
N LYS E 78 -13.91 -10.41 -30.32
CA LYS E 78 -13.53 -11.46 -29.39
C LYS E 78 -13.16 -12.71 -30.13
N GLY E 79 -11.97 -13.22 -29.88
CA GLY E 79 -11.51 -14.41 -30.58
C GLY E 79 -11.12 -14.23 -32.04
N GLN E 80 -11.08 -12.98 -32.49
CA GLN E 80 -10.81 -12.65 -33.88
C GLN E 80 -9.83 -11.51 -34.13
N THR E 81 -9.33 -11.46 -35.36
CA THR E 81 -8.57 -10.30 -35.83
C THR E 81 -9.56 -9.17 -36.17
N LEU E 82 -9.19 -7.99 -35.76
CA LEU E 82 -9.84 -6.76 -36.18
C LEU E 82 -8.92 -5.88 -37.02
N VAL E 83 -9.41 -5.53 -38.21
CA VAL E 83 -8.72 -4.62 -39.10
C VAL E 83 -9.58 -3.39 -39.41
N VAL E 84 -8.99 -2.24 -39.12
CA VAL E 84 -9.58 -0.93 -39.41
C VAL E 84 -8.70 -0.22 -40.45
N GLN E 85 -9.30 0.16 -41.55
CA GLN E 85 -8.55 0.78 -42.64
C GLN E 85 -9.35 1.92 -43.32
N PHE E 86 -8.65 2.95 -43.77
CA PHE E 86 -9.26 4.05 -44.56
C PHE E 86 -8.17 4.87 -45.25
N THR E 87 -8.58 5.69 -46.23
CA THR E 87 -7.64 6.64 -46.86
C THR E 87 -7.88 8.04 -46.31
N VAL E 88 -6.77 8.77 -46.16
CA VAL E 88 -6.76 10.18 -45.77
C VAL E 88 -5.91 10.99 -46.77
N LYS E 89 -6.48 12.12 -47.20
CA LYS E 89 -5.81 13.05 -48.11
C LYS E 89 -5.91 14.48 -47.60
N HIS E 90 -4.81 15.00 -47.11
CA HIS E 90 -4.75 16.38 -46.68
C HIS E 90 -4.35 17.27 -47.88
N GLU E 91 -5.26 17.38 -48.85
CA GLU E 91 -5.16 18.20 -50.04
C GLU E 91 -4.74 19.65 -49.80
N GLN E 92 -5.14 20.21 -48.68
CA GLN E 92 -4.90 21.59 -48.37
C GLN E 92 -3.51 21.91 -47.82
N ASN E 93 -2.65 20.91 -47.69
CA ASN E 93 -1.40 21.07 -46.91
C ASN E 93 -1.68 21.55 -45.52
N ILE E 94 -2.12 20.61 -44.69
CA ILE E 94 -2.69 20.95 -43.41
C ILE E 94 -1.63 21.51 -42.46
N ASP E 95 -2.02 22.46 -41.63
CA ASP E 95 -1.12 23.04 -40.60
C ASP E 95 -1.34 22.34 -39.26
N CYS E 96 -2.61 22.21 -38.90
CA CYS E 96 -3.02 21.60 -37.65
C CYS E 96 -4.42 21.01 -37.83
N GLY E 97 -4.54 19.70 -37.58
CA GLY E 97 -5.84 18.99 -37.64
C GLY E 97 -5.73 17.46 -37.66
N GLY E 98 -6.79 16.81 -37.17
CA GLY E 98 -6.83 15.37 -37.03
C GLY E 98 -7.26 14.74 -38.32
N GLY E 99 -6.87 13.49 -38.47
CA GLY E 99 -7.31 12.66 -39.63
C GLY E 99 -7.62 11.24 -39.19
N TYR E 100 -8.10 11.11 -37.96
CA TYR E 100 -8.29 9.80 -37.36
C TYR E 100 -9.76 9.42 -37.26
N VAL E 101 -10.00 8.12 -37.14
CA VAL E 101 -11.32 7.59 -36.86
C VAL E 101 -11.45 7.09 -35.44
N LYS E 102 -12.69 6.89 -35.04
CA LYS E 102 -13.03 6.26 -33.78
C LYS E 102 -14.07 5.20 -33.97
N LEU E 103 -13.85 4.08 -33.29
CA LEU E 103 -14.80 2.99 -33.26
C LEU E 103 -15.48 3.00 -31.93
N PHE E 104 -16.81 3.02 -31.99
CA PHE E 104 -17.67 3.18 -30.79
C PHE E 104 -18.53 1.95 -30.55
N PRO E 105 -18.88 1.71 -29.27
CA PRO E 105 -19.94 0.76 -28.97
C PRO E 105 -21.25 1.20 -29.54
N ASN E 106 -22.12 0.24 -29.81
CA ASN E 106 -23.46 0.53 -30.31
C ASN E 106 -24.35 1.32 -29.37
N SER E 107 -23.94 1.48 -28.13
CA SER E 107 -24.68 2.32 -27.20
C SER E 107 -24.52 3.81 -27.44
N LEU E 108 -23.63 4.20 -28.36
CA LEU E 108 -23.45 5.62 -28.67
C LEU E 108 -24.68 6.21 -29.34
N ASP E 109 -25.15 7.33 -28.79
CA ASP E 109 -26.16 8.16 -29.48
C ASP E 109 -25.45 9.02 -30.52
N GLN E 110 -25.62 8.65 -31.78
CA GLN E 110 -24.92 9.31 -32.92
C GLN E 110 -25.24 10.82 -33.02
N THR E 111 -26.46 11.17 -32.63
CA THR E 111 -26.89 12.59 -32.65
C THR E 111 -26.32 13.39 -31.47
N ASP E 112 -25.61 12.72 -30.56
CA ASP E 112 -24.91 13.45 -29.47
C ASP E 112 -23.39 13.21 -29.43
N MET E 113 -22.85 12.59 -30.49
CA MET E 113 -21.42 12.30 -30.53
C MET E 113 -20.62 13.59 -30.36
N HIS E 114 -19.60 13.51 -29.51
CA HIS E 114 -18.60 14.58 -29.41
C HIS E 114 -17.24 14.10 -28.87
N GLY E 115 -16.30 15.02 -28.73
CA GLY E 115 -14.97 14.74 -28.26
C GLY E 115 -14.91 13.88 -27.02
N ASP E 116 -15.90 13.94 -26.16
CA ASP E 116 -15.83 13.19 -24.90
C ASP E 116 -16.70 11.98 -24.87
N SER E 117 -17.33 11.65 -25.99
CA SER E 117 -18.09 10.41 -26.06
C SER E 117 -17.11 9.21 -25.87
N GLU E 118 -17.60 8.15 -25.23
CA GLU E 118 -16.78 6.98 -24.91
C GLU E 118 -16.63 6.07 -26.12
N TYR E 119 -15.42 5.98 -26.65
CA TYR E 119 -15.15 5.08 -27.76
C TYR E 119 -14.36 3.86 -27.26
N ASN E 120 -14.26 2.85 -28.12
CA ASN E 120 -13.43 1.69 -27.84
C ASN E 120 -11.98 1.88 -28.28
N ILE E 121 -11.83 2.27 -29.55
CA ILE E 121 -10.55 2.47 -30.20
C ILE E 121 -10.53 3.75 -31.04
N MET E 122 -9.42 4.47 -31.00
CA MET E 122 -9.14 5.59 -31.88
C MET E 122 -7.86 5.34 -32.67
N PHE E 123 -7.91 5.63 -33.96
CA PHE E 123 -6.80 5.33 -34.80
C PHE E 123 -6.63 6.31 -35.93
N GLY E 124 -5.43 6.85 -36.08
CA GLY E 124 -5.07 7.53 -37.34
C GLY E 124 -4.20 8.78 -37.18
N PRO E 125 -3.91 9.45 -38.30
CA PRO E 125 -2.95 10.59 -38.30
C PRO E 125 -3.44 11.83 -37.56
N ASP E 126 -2.51 12.48 -36.88
CA ASP E 126 -2.75 13.73 -36.20
C ASP E 126 -1.57 14.69 -36.42
N ILE E 127 -1.90 15.87 -36.94
CA ILE E 127 -0.91 16.85 -37.33
C ILE E 127 -1.18 18.11 -36.57
N CYS E 128 -0.14 18.65 -35.97
CA CYS E 128 -0.23 19.99 -35.41
C CYS E 128 1.13 20.68 -35.42
N GLY E 129 1.31 21.52 -36.44
CA GLY E 129 2.56 22.26 -36.65
C GLY E 129 3.71 21.37 -37.12
N PRO E 130 4.88 21.96 -37.46
CA PRO E 130 6.07 21.12 -37.81
C PRO E 130 6.46 20.05 -36.73
N GLY E 131 6.17 20.33 -35.46
CA GLY E 131 6.52 19.42 -34.36
C GLY E 131 5.76 18.10 -34.16
N THR E 132 4.49 18.02 -34.58
CA THR E 132 3.65 16.81 -34.42
C THR E 132 3.11 16.26 -35.72
N LYS E 133 3.60 15.08 -36.07
CA LYS E 133 3.13 14.34 -37.23
C LYS E 133 3.09 12.86 -36.78
N LYS E 134 1.97 12.47 -36.21
CA LYS E 134 1.88 11.29 -35.37
C LYS E 134 0.71 10.43 -35.77
N VAL E 135 0.86 9.11 -35.64
CA VAL E 135 -0.26 8.19 -35.73
C VAL E 135 -0.74 7.74 -34.34
N HIS E 136 -1.95 8.14 -34.01
CA HIS E 136 -2.56 7.71 -32.77
C HIS E 136 -3.03 6.29 -32.85
N VAL E 137 -2.75 5.52 -31.83
CA VAL E 137 -3.45 4.28 -31.58
C VAL E 137 -3.84 4.33 -30.11
N ILE E 138 -5.15 4.49 -29.87
CA ILE E 138 -5.69 4.58 -28.52
C ILE E 138 -6.68 3.45 -28.21
N PHE E 139 -6.45 2.80 -27.08
CA PHE E 139 -7.36 1.78 -26.59
C PHE E 139 -8.04 2.26 -25.33
N ASN E 140 -9.37 2.14 -25.31
CA ASN E 140 -10.11 2.37 -24.06
C ASN E 140 -10.09 1.11 -23.17
N TYR E 141 -9.58 1.28 -21.96
CA TYR E 141 -9.46 0.20 -21.00
C TYR E 141 -9.63 0.68 -19.57
N LYS E 142 -10.49 0.02 -18.81
CA LYS E 142 -10.79 0.40 -17.42
C LYS E 142 -11.05 1.89 -17.30
N GLY E 143 -11.90 2.41 -18.19
CA GLY E 143 -12.32 3.80 -18.14
C GLY E 143 -11.21 4.81 -18.35
N LYS E 144 -10.12 4.37 -18.93
CA LYS E 144 -9.07 5.27 -19.42
C LYS E 144 -8.83 5.06 -20.90
N ASN E 145 -8.46 6.15 -21.56
CA ASN E 145 -8.05 6.14 -22.94
C ASN E 145 -6.55 6.08 -23.00
N VAL E 146 -6.02 4.91 -23.36
CA VAL E 146 -4.60 4.67 -23.22
C VAL E 146 -3.90 4.83 -24.56
N LEU E 147 -2.86 5.65 -24.54
CA LEU E 147 -2.19 6.09 -25.76
C LEU E 147 -0.99 5.23 -26.03
N ILE E 148 -0.75 4.91 -27.28
CA ILE E 148 0.40 4.05 -27.60
C ILE E 148 1.67 4.78 -27.20
N ASN E 149 2.66 4.05 -26.73
CA ASN E 149 3.94 4.63 -26.23
C ASN E 149 5.03 4.65 -27.30
N LYS E 150 4.73 4.08 -28.46
CA LYS E 150 5.62 4.23 -29.61
C LYS E 150 5.33 5.45 -30.42
N ASP E 151 6.37 5.98 -31.03
CA ASP E 151 6.25 7.12 -31.87
C ASP E 151 6.18 6.74 -33.35
N ILE E 152 5.00 6.93 -33.95
CA ILE E 152 4.77 6.57 -35.31
C ILE E 152 4.54 7.85 -36.11
N ARG E 153 5.37 8.08 -37.10
CA ARG E 153 5.26 9.25 -37.90
C ARG E 153 4.17 9.08 -38.95
N CYS E 154 3.32 10.09 -39.12
CA CYS E 154 2.31 10.01 -40.13
C CYS E 154 2.80 10.70 -41.41
N LYS E 155 2.06 10.58 -42.49
CA LYS E 155 2.35 11.35 -43.72
C LYS E 155 1.78 12.76 -43.62
N ASP E 156 2.42 13.69 -44.29
CA ASP E 156 1.99 15.10 -44.20
C ASP E 156 1.91 15.85 -45.54
N ASP E 157 2.23 15.19 -46.65
CA ASP E 157 2.08 15.83 -47.96
C ASP E 157 0.58 16.00 -48.34
N GLU E 158 0.32 16.30 -49.60
CA GLU E 158 -1.03 16.53 -50.06
C GLU E 158 -1.74 15.33 -50.66
N PHE E 159 -1.06 14.19 -50.74
CA PHE E 159 -1.58 13.02 -51.50
C PHE E 159 -2.39 12.08 -50.62
N THR E 160 -3.05 11.12 -51.26
CA THR E 160 -3.90 10.16 -50.57
C THR E 160 -3.02 9.07 -49.89
N HIS E 161 -3.19 8.87 -48.59
CA HIS E 161 -2.46 7.79 -47.89
C HIS E 161 -3.38 6.82 -47.16
N LEU E 162 -3.00 5.55 -47.23
CA LEU E 162 -3.73 4.43 -46.66
C LEU E 162 -3.25 4.16 -45.23
N TYR E 163 -4.17 4.20 -44.27
CA TYR E 163 -3.90 3.88 -42.87
C TYR E 163 -4.63 2.60 -42.42
N THR E 164 -3.88 1.69 -41.84
CA THR E 164 -4.37 0.35 -41.49
C THR E 164 -3.93 -0.01 -40.10
N LEU E 165 -4.90 -0.34 -39.26
CA LEU E 165 -4.63 -0.90 -37.90
C LEU E 165 -5.13 -2.32 -37.81
N ILE E 166 -4.23 -3.20 -37.37
CA ILE E 166 -4.47 -4.63 -37.20
C ILE E 166 -4.32 -4.98 -35.76
N VAL E 167 -5.38 -5.57 -35.21
CA VAL E 167 -5.39 -6.03 -33.84
C VAL E 167 -5.77 -7.50 -33.75
N ARG E 168 -4.91 -8.30 -33.15
CA ARG E 168 -5.08 -9.79 -33.15
C ARG E 168 -5.39 -10.35 -31.74
N PRO E 169 -6.09 -11.52 -31.67
CA PRO E 169 -6.52 -12.10 -30.41
C PRO E 169 -5.40 -12.65 -29.53
N ASP E 170 -4.16 -12.67 -29.99
CA ASP E 170 -3.01 -12.88 -29.08
C ASP E 170 -2.43 -11.57 -28.55
N ASN E 171 -3.19 -10.48 -28.69
CA ASN E 171 -2.77 -9.17 -28.21
C ASN E 171 -1.54 -8.63 -28.94
N THR E 172 -1.33 -9.07 -30.16
CA THR E 172 -0.41 -8.39 -31.03
C THR E 172 -1.14 -7.35 -31.89
N TYR E 173 -0.39 -6.37 -32.37
CA TYR E 173 -0.97 -5.38 -33.30
C TYR E 173 0.07 -5.01 -34.35
N GLU E 174 -0.41 -4.46 -35.42
CA GLU E 174 0.43 -3.96 -36.46
C GLU E 174 -0.21 -2.67 -37.02
N VAL E 175 0.62 -1.70 -37.34
CA VAL E 175 0.18 -0.47 -38.05
C VAL E 175 0.89 -0.35 -39.40
N LYS E 176 0.08 -0.14 -40.43
CA LYS E 176 0.56 0.07 -41.77
C LYS E 176 0.18 1.45 -42.31
N ILE E 177 1.10 2.01 -43.08
CA ILE E 177 0.85 3.16 -43.94
C ILE E 177 1.15 2.79 -45.36
N ASP E 178 0.23 3.10 -46.25
CA ASP E 178 0.36 2.75 -47.68
C ASP E 178 0.70 1.30 -47.86
N ASN E 179 -0.03 0.45 -47.15
CA ASN E 179 0.04 -1.02 -47.22
C ASN E 179 1.40 -1.61 -46.86
N SER E 180 2.13 -0.91 -46.01
CA SER E 180 3.45 -1.34 -45.64
C SER E 180 3.64 -1.05 -44.21
N GLN E 181 4.14 -2.04 -43.50
CA GLN E 181 4.24 -2.00 -42.05
C GLN E 181 5.13 -0.89 -41.61
N VAL E 182 4.73 -0.18 -40.58
CA VAL E 182 5.58 0.86 -39.97
C VAL E 182 5.77 0.65 -38.50
N GLU E 183 4.89 -0.13 -37.88
CA GLU E 183 5.03 -0.42 -36.47
C GLU E 183 4.35 -1.76 -36.10
N SER E 184 4.88 -2.41 -35.10
CA SER E 184 4.27 -3.64 -34.59
C SER E 184 4.73 -4.00 -33.16
N GLY E 185 3.97 -4.85 -32.51
CA GLY E 185 4.30 -5.33 -31.20
C GLY E 185 3.15 -5.98 -30.47
N SER E 186 3.21 -5.91 -29.15
CA SER E 186 2.16 -6.41 -28.28
C SER E 186 1.56 -5.30 -27.44
N LEU E 187 0.26 -5.43 -27.20
CA LEU E 187 -0.48 -4.47 -26.40
C LEU E 187 0.13 -4.30 -25.03
N GLU E 188 0.58 -5.39 -24.42
CA GLU E 188 1.09 -5.29 -23.05
C GLU E 188 2.37 -4.50 -22.99
N ASP E 189 3.18 -4.52 -24.03
CA ASP E 189 4.45 -3.82 -24.01
C ASP E 189 4.33 -2.37 -24.48
N ASP E 190 3.48 -2.13 -25.47
CA ASP E 190 3.46 -0.82 -26.16
C ASP E 190 2.41 0.19 -25.61
N TRP E 191 1.63 -0.24 -24.62
CA TRP E 191 0.78 0.64 -23.84
C TRP E 191 0.96 0.33 -22.35
N ASP E 192 0.71 1.31 -21.50
CA ASP E 192 0.65 1.11 -20.04
C ASP E 192 -0.75 0.81 -19.60
N PHE E 193 -1.20 -0.41 -19.81
CA PHE E 193 -2.52 -0.78 -19.30
C PHE E 193 -2.57 -1.03 -17.80
N LEU E 194 -3.63 -0.66 -17.10
CA LEU E 194 -3.61 -0.84 -15.60
C LEU E 194 -2.73 -2.01 -15.06
N PRO E 200 -6.53 -11.11 -19.84
CA PRO E 200 -5.56 -11.20 -20.93
C PRO E 200 -6.15 -10.55 -22.20
N SER E 201 -7.48 -10.51 -22.30
CA SER E 201 -8.18 -9.92 -23.50
C SER E 201 -8.36 -8.38 -23.58
N ILE E 202 -7.25 -7.70 -23.33
CA ILE E 202 -7.20 -6.24 -23.53
C ILE E 202 -7.69 -5.82 -24.92
N TYR E 203 -7.34 -6.60 -25.90
CA TYR E 203 -7.65 -6.33 -27.28
C TYR E 203 -9.13 -6.33 -27.59
N ALA E 204 -9.94 -6.98 -26.73
CA ALA E 204 -11.32 -7.35 -27.09
C ALA E 204 -12.42 -6.40 -26.55
N TYR E 205 -13.44 -6.17 -27.37
CA TYR E 205 -14.57 -5.31 -27.07
C TYR E 205 -15.81 -6.07 -27.38
N ASP E 206 -16.78 -5.92 -26.50
CA ASP E 206 -18.02 -6.66 -26.63
C ASP E 206 -18.80 -6.24 -27.84
N ASN E 207 -18.68 -4.97 -28.17
CA ASN E 207 -19.52 -4.40 -29.16
C ASN E 207 -18.92 -3.19 -29.91
N PHE E 208 -18.96 -3.31 -31.22
CA PHE E 208 -18.63 -2.23 -32.13
C PHE E 208 -19.90 -1.99 -32.95
N GLY E 209 -20.37 -0.75 -32.99
CA GLY E 209 -21.56 -0.41 -33.76
C GLY E 209 -21.49 0.85 -34.59
N VAL E 210 -20.56 1.74 -34.27
CA VAL E 210 -20.41 2.99 -34.99
C VAL E 210 -18.94 3.39 -35.26
N LEU E 211 -18.70 3.85 -36.48
CA LEU E 211 -17.45 4.52 -36.85
C LEU E 211 -17.68 6.03 -36.95
N GLY E 212 -16.96 6.80 -36.15
CA GLY E 212 -17.07 8.25 -36.19
C GLY E 212 -15.82 9.00 -36.65
N LEU E 213 -16.09 10.08 -37.37
CA LEU E 213 -15.09 11.11 -37.63
C LEU E 213 -15.42 12.21 -36.68
N ASP E 214 -14.59 12.33 -35.67
CA ASP E 214 -14.84 13.25 -34.59
C ASP E 214 -13.51 13.90 -34.28
N LEU E 215 -13.36 15.17 -34.68
CA LEU E 215 -12.04 15.78 -34.76
C LEU E 215 -12.06 17.28 -34.95
N TRP E 216 -10.87 17.86 -34.88
CA TRP E 216 -10.69 19.29 -35.00
C TRP E 216 -9.81 19.58 -36.22
N GLN E 217 -10.07 20.69 -36.89
CA GLN E 217 -9.23 21.15 -38.00
C GLN E 217 -9.12 22.65 -38.08
N VAL E 218 -7.89 23.14 -38.28
CA VAL E 218 -7.66 24.56 -38.62
C VAL E 218 -7.92 24.64 -40.12
N LYS E 219 -6.89 24.49 -40.94
CA LYS E 219 -7.11 24.50 -42.38
C LYS E 219 -7.81 23.25 -42.84
N SER E 220 -8.93 23.42 -43.49
CA SER E 220 -9.85 22.37 -43.86
C SER E 220 -9.53 21.88 -45.24
N GLY E 221 -10.23 20.85 -45.70
CA GLY E 221 -10.03 20.28 -47.06
C GLY E 221 -9.57 18.82 -47.08
N THR E 222 -9.40 18.23 -45.91
CA THR E 222 -9.06 16.81 -45.81
C THR E 222 -10.20 15.95 -46.41
N ILE E 223 -9.81 14.97 -47.23
CA ILE E 223 -10.77 14.00 -47.78
C ILE E 223 -10.54 12.58 -47.26
N PHE E 224 -11.61 12.02 -46.69
CA PHE E 224 -11.63 10.62 -46.19
C PHE E 224 -12.38 9.72 -47.15
N ASP E 225 -11.81 8.59 -47.53
CA ASP E 225 -12.48 7.68 -48.46
C ASP E 225 -12.15 6.22 -48.01
N ASN E 226 -12.80 5.30 -48.69
CA ASN E 226 -12.45 3.88 -48.71
C ASN E 226 -12.29 3.23 -47.33
N PHE E 227 -13.29 3.44 -46.50
CA PHE E 227 -13.32 2.89 -45.15
C PHE E 227 -13.60 1.41 -45.22
N LEU E 228 -12.90 0.63 -44.40
CA LEU E 228 -13.08 -0.82 -44.32
C LEU E 228 -12.86 -1.32 -42.89
N ILE E 229 -13.84 -2.06 -42.39
CA ILE E 229 -13.68 -2.82 -41.14
C ILE E 229 -13.94 -4.26 -41.43
N THR E 230 -12.91 -5.07 -41.16
CA THR E 230 -12.89 -6.48 -41.55
C THR E 230 -12.15 -7.31 -40.51
N ASN E 231 -12.17 -8.62 -40.69
CA ASN E 231 -11.46 -9.53 -39.79
C ASN E 231 -10.34 -10.25 -40.50
N ASP E 232 -10.03 -9.81 -41.71
CA ASP E 232 -9.07 -10.51 -42.60
C ASP E 232 -7.98 -9.52 -43.12
N GLU E 233 -6.75 -9.74 -42.67
CA GLU E 233 -5.60 -8.88 -43.00
C GLU E 233 -5.31 -8.90 -44.49
N ALA E 234 -5.35 -10.09 -45.07
CA ALA E 234 -5.12 -10.26 -46.47
C ALA E 234 -6.18 -9.51 -47.29
N TYR E 235 -7.44 -9.63 -46.92
CA TYR E 235 -8.51 -8.89 -47.60
C TYR E 235 -8.34 -7.37 -47.48
N ALA E 236 -7.99 -6.91 -46.29
CA ALA E 236 -7.66 -5.49 -46.12
C ALA E 236 -6.57 -5.04 -47.10
N GLU E 237 -5.54 -5.84 -47.26
CA GLU E 237 -4.44 -5.50 -48.16
C GLU E 237 -4.90 -5.46 -49.62
N GLU E 238 -5.71 -6.42 -50.01
CA GLU E 238 -6.31 -6.45 -51.33
C GLU E 238 -7.10 -5.20 -51.63
N PHE E 239 -7.98 -4.86 -50.72
CA PHE E 239 -8.88 -3.73 -50.86
C PHE E 239 -8.06 -2.42 -50.91
N GLY E 240 -7.00 -2.36 -50.11
CA GLY E 240 -6.10 -1.25 -50.12
C GLY E 240 -5.51 -1.08 -51.51
N ASN E 241 -5.10 -2.16 -52.12
CA ASN E 241 -4.50 -2.08 -53.46
C ASN E 241 -5.50 -1.75 -54.57
N GLU E 242 -6.76 -2.08 -54.33
CA GLU E 242 -7.85 -1.84 -55.26
C GLU E 242 -8.41 -0.45 -55.08
N THR E 243 -8.06 0.22 -54.00
CA THR E 243 -8.52 1.59 -53.73
C THR E 243 -7.37 2.63 -53.78
N TRP E 244 -6.65 2.80 -52.68
CA TRP E 244 -5.42 3.61 -52.66
C TRP E 244 -4.46 3.28 -53.80
N GLY E 245 -4.29 2.01 -54.05
CA GLY E 245 -3.33 1.57 -55.03
C GLY E 245 -3.71 1.93 -56.44
N VAL E 246 -4.99 2.19 -56.65
CA VAL E 246 -5.53 2.54 -57.96
C VAL E 246 -5.60 4.07 -58.09
N THR E 247 -5.71 4.77 -56.98
CA THR E 247 -5.70 6.22 -56.94
C THR E 247 -4.32 6.83 -57.22
N LYS E 248 -3.35 6.23 -56.55
CA LYS E 248 -2.01 6.77 -56.32
C LYS E 248 -1.28 7.47 -57.52
N ALA E 249 -1.04 6.74 -58.60
CA ALA E 249 -0.16 7.20 -59.69
C ALA E 249 -0.81 8.32 -60.52
N ALA E 250 -2.09 8.12 -60.88
CA ALA E 250 -2.86 9.11 -61.65
C ALA E 250 -3.08 10.40 -60.83
N GLU E 251 -3.31 10.27 -59.54
CA GLU E 251 -3.37 11.44 -58.64
C GLU E 251 -2.09 12.29 -58.65
N LYS E 252 -0.97 11.63 -58.48
CA LYS E 252 0.32 12.25 -58.49
C LYS E 252 0.62 12.92 -59.87
N GLN E 253 0.28 12.24 -60.94
CA GLN E 253 0.47 12.78 -62.28
C GLN E 253 -0.37 14.06 -62.52
N MET E 254 -1.63 14.03 -62.14
CA MET E 254 -2.48 15.21 -62.30
C MET E 254 -1.99 16.37 -61.44
N LYS E 255 -1.50 16.07 -60.26
CA LYS E 255 -0.98 17.13 -59.38
C LYS E 255 0.36 17.73 -59.87
N ASP E 256 1.28 16.90 -60.36
CA ASP E 256 2.50 17.42 -60.95
C ASP E 256 2.21 18.39 -62.11
N LYS E 257 1.20 18.06 -62.91
CA LYS E 257 0.83 18.86 -64.04
C LYS E 257 0.32 20.22 -63.57
N GLN E 258 -0.55 20.22 -62.56
CA GLN E 258 -1.07 21.47 -62.00
C GLN E 258 -0.02 22.32 -61.31
N ASP E 259 0.94 21.68 -60.66
CA ASP E 259 2.09 22.40 -60.07
C ASP E 259 2.93 23.11 -61.13
N GLU E 260 3.24 22.41 -62.21
CA GLU E 260 3.95 23.02 -63.35
C GLU E 260 3.21 24.20 -63.94
N GLU E 261 1.93 24.06 -64.20
CA GLU E 261 1.16 25.21 -64.74
C GLU E 261 1.14 26.41 -63.76
N GLN E 262 1.04 26.12 -62.48
CA GLN E 262 1.06 27.14 -61.46
C GLN E 262 2.34 27.94 -61.53
N ARG E 263 3.46 27.26 -61.68
CA ARG E 263 4.72 27.99 -61.82
C ARG E 263 4.93 28.57 -63.23
N PRO F 10 -3.18 -8.64 18.40
CA PRO F 10 -2.01 -8.42 17.51
C PRO F 10 -2.47 -7.83 16.22
N ALA F 11 -2.02 -6.63 15.93
CA ALA F 11 -2.49 -5.92 14.75
C ALA F 11 -1.59 -6.28 13.57
N VAL F 12 -2.21 -6.63 12.46
CA VAL F 12 -1.49 -6.89 11.22
C VAL F 12 -1.86 -5.78 10.27
N TYR F 13 -0.98 -4.82 10.08
CA TYR F 13 -1.27 -3.68 9.22
C TYR F 13 -1.03 -3.99 7.75
N PHE F 14 -0.16 -4.96 7.50
CA PHE F 14 0.21 -5.35 6.11
C PHE F 14 0.89 -6.70 6.09
N LYS F 15 0.42 -7.52 5.16
CA LYS F 15 0.97 -8.86 4.93
C LYS F 15 0.95 -9.14 3.43
N GLU F 16 2.07 -9.61 2.90
CA GLU F 16 2.12 -10.00 1.49
C GLU F 16 3.05 -11.21 1.29
N GLN F 17 2.44 -12.31 0.82
CA GLN F 17 3.20 -13.49 0.49
C GLN F 17 3.10 -13.96 -0.95
N PHE F 18 2.31 -13.25 -1.74
CA PHE F 18 2.14 -13.53 -3.16
C PHE F 18 1.75 -14.99 -3.43
N LEU F 19 0.77 -15.47 -2.69
CA LEU F 19 0.31 -16.83 -2.72
C LEU F 19 -0.89 -17.07 -3.66
N ASP F 20 -1.51 -16.00 -4.15
CA ASP F 20 -2.78 -16.10 -4.90
C ASP F 20 -2.60 -15.74 -6.38
N GLY F 21 -1.69 -16.47 -7.01
CA GLY F 21 -1.33 -16.22 -8.41
C GLY F 21 -0.91 -14.78 -8.71
N ASP F 22 -1.58 -14.20 -9.66
CA ASP F 22 -1.31 -12.85 -10.11
C ASP F 22 -2.10 -11.79 -9.30
N GLY F 23 -2.77 -12.24 -8.25
CA GLY F 23 -3.52 -11.32 -7.34
C GLY F 23 -2.76 -10.08 -6.95
N TRP F 24 -1.46 -10.24 -6.73
CA TRP F 24 -0.60 -9.10 -6.30
C TRP F 24 -0.65 -7.90 -7.21
N THR F 25 -0.91 -8.12 -8.50
CA THR F 25 -0.88 -7.02 -9.48
C THR F 25 -1.96 -6.00 -9.22
N SER F 26 -2.95 -6.37 -8.42
CA SER F 26 -4.01 -5.39 -8.03
C SER F 26 -3.74 -4.78 -6.64
N ARG F 27 -2.64 -5.18 -5.99
CA ARG F 27 -2.28 -4.64 -4.66
C ARG F 27 -1.05 -3.71 -4.73
N TRP F 28 -0.32 -3.72 -5.84
CA TRP F 28 0.91 -2.96 -5.93
C TRP F 28 0.81 -2.07 -7.14
N ILE F 29 1.45 -0.92 -7.07
CA ILE F 29 1.33 0.13 -8.06
C ILE F 29 2.74 0.53 -8.47
N GLU F 30 2.92 0.61 -9.78
CA GLU F 30 4.16 1.03 -10.39
C GLU F 30 4.22 2.53 -10.43
N SER F 31 5.30 3.11 -9.98
CA SER F 31 5.48 4.57 -10.16
C SER F 31 5.68 4.87 -11.62
N LYS F 32 5.10 5.95 -12.10
CA LYS F 32 5.38 6.47 -13.46
C LYS F 32 6.23 7.73 -13.42
N HIS F 33 6.90 7.98 -12.29
CA HIS F 33 7.74 9.19 -12.17
C HIS F 33 8.76 9.29 -13.30
N LYS F 34 9.30 8.15 -13.68
CA LYS F 34 10.16 7.99 -14.84
C LYS F 34 9.56 6.93 -15.79
N SER F 35 10.01 6.94 -17.04
CA SER F 35 9.55 5.97 -18.07
C SER F 35 10.38 4.70 -18.11
N ASP F 36 11.56 4.71 -17.52
CA ASP F 36 12.56 3.63 -17.66
C ASP F 36 12.90 2.90 -16.34
N PHE F 37 11.96 2.90 -15.41
CA PHE F 37 12.11 2.09 -14.22
C PHE F 37 12.18 0.60 -14.65
N GLY F 38 13.00 -0.18 -13.95
CA GLY F 38 12.99 -1.60 -14.11
C GLY F 38 11.67 -2.20 -13.67
N LYS F 39 11.39 -3.42 -14.11
CA LYS F 39 10.13 -4.06 -13.80
C LYS F 39 10.34 -5.20 -12.81
N PHE F 40 9.48 -5.29 -11.80
CA PHE F 40 9.41 -6.51 -10.95
C PHE F 40 8.54 -7.57 -11.64
N VAL F 41 8.93 -8.83 -11.50
CA VAL F 41 8.18 -9.96 -12.01
C VAL F 41 7.99 -10.95 -10.89
N LEU F 42 6.91 -11.70 -10.95
CA LEU F 42 6.66 -12.72 -9.95
C LEU F 42 7.48 -13.96 -10.29
N SER F 43 8.27 -14.43 -9.33
CA SER F 43 9.20 -15.53 -9.56
C SER F 43 9.72 -16.14 -8.25
N SER F 44 9.95 -17.46 -8.29
CA SER F 44 10.66 -18.17 -7.20
C SER F 44 12.09 -18.47 -7.59
N GLY F 45 12.52 -17.99 -8.76
CA GLY F 45 13.90 -18.18 -9.24
C GLY F 45 14.30 -19.60 -9.59
N LYS F 46 15.61 -19.83 -9.71
CA LYS F 46 16.15 -21.12 -10.19
C LYS F 46 16.15 -22.19 -9.12
N PHE F 47 16.31 -21.77 -7.88
CA PHE F 47 16.22 -22.70 -6.73
C PHE F 47 15.37 -22.07 -5.61
N TYR F 48 14.82 -22.93 -4.77
CA TYR F 48 13.82 -22.54 -3.84
C TYR F 48 13.54 -23.67 -2.91
N GLY F 49 12.87 -23.36 -1.82
CA GLY F 49 12.34 -24.42 -0.95
C GLY F 49 11.07 -25.03 -1.50
N ASP F 50 10.21 -24.17 -2.02
CA ASP F 50 8.89 -24.62 -2.56
C ASP F 50 8.60 -23.71 -3.69
N GLU F 51 8.40 -24.29 -4.87
CA GLU F 51 8.27 -23.50 -6.08
C GLU F 51 7.18 -22.43 -6.00
N GLU F 52 6.10 -22.75 -5.31
CA GLU F 52 4.95 -21.84 -5.19
C GLU F 52 5.09 -20.87 -4.00
N LYS F 53 5.38 -21.41 -2.82
CA LYS F 53 5.44 -20.57 -1.63
C LYS F 53 6.49 -19.47 -1.79
N ASP F 54 7.61 -19.82 -2.40
CA ASP F 54 8.76 -18.92 -2.49
C ASP F 54 8.72 -17.94 -3.65
N LYS F 55 7.57 -17.84 -4.28
CA LYS F 55 7.34 -16.74 -5.19
C LYS F 55 7.32 -15.39 -4.47
N GLY F 56 8.03 -14.44 -5.06
CA GLY F 56 8.04 -13.10 -4.61
C GLY F 56 8.37 -12.14 -5.74
N LEU F 57 8.62 -10.89 -5.42
CA LEU F 57 8.90 -9.90 -6.43
C LEU F 57 10.35 -9.92 -6.75
N GLN F 58 10.65 -10.10 -8.02
CA GLN F 58 12.01 -10.21 -8.48
C GLN F 58 12.36 -9.06 -9.39
N THR F 59 13.48 -8.42 -9.13
CA THR F 59 13.99 -7.45 -10.04
C THR F 59 14.44 -8.18 -11.34
N SER F 60 13.98 -7.67 -12.48
CA SER F 60 14.15 -8.35 -13.78
C SER F 60 15.09 -7.65 -14.78
N GLN F 61 15.65 -6.50 -14.44
CA GLN F 61 16.52 -5.78 -15.35
C GLN F 61 17.70 -5.17 -14.68
N LYS F 62 18.81 -5.20 -15.40
CA LYS F 62 20.10 -4.78 -14.91
C LYS F 62 20.26 -3.28 -15.00
N ALA F 63 21.00 -2.73 -14.03
CA ALA F 63 21.31 -1.31 -13.98
C ALA F 63 20.05 -0.45 -14.14
N ARG F 64 19.16 -0.58 -13.18
CA ARG F 64 17.89 0.15 -13.18
C ARG F 64 17.45 0.60 -11.78
N PHE F 65 16.73 1.71 -11.76
CA PHE F 65 15.94 2.11 -10.63
C PHE F 65 14.61 1.38 -10.63
N TYR F 66 14.15 1.03 -9.44
CA TYR F 66 12.88 0.35 -9.24
C TYR F 66 12.01 1.16 -8.31
N ALA F 67 10.68 1.01 -8.47
CA ALA F 67 9.72 1.86 -7.77
C ALA F 67 8.35 1.23 -7.87
N LEU F 68 8.06 0.40 -6.91
CA LEU F 68 6.79 -0.30 -6.82
C LEU F 68 6.33 -0.18 -5.38
N SER F 69 5.06 0.01 -5.15
CA SER F 69 4.55 0.19 -3.76
C SER F 69 3.16 -0.40 -3.51
N ALA F 70 2.91 -0.68 -2.26
CA ALA F 70 1.64 -1.23 -1.80
C ALA F 70 1.06 -0.40 -0.64
N SER F 71 -0.21 -0.03 -0.79
CA SER F 71 -0.90 0.74 0.22
C SER F 71 -1.64 -0.20 1.16
N PHE F 72 -1.87 0.31 2.35
CA PHE F 72 -2.64 -0.39 3.33
C PHE F 72 -3.42 0.65 4.13
N GLU F 73 -4.41 0.17 4.87
CA GLU F 73 -5.16 1.00 5.82
C GLU F 73 -4.17 1.75 6.74
N PRO F 74 -4.15 3.08 6.63
CA PRO F 74 -3.21 3.85 7.44
C PRO F 74 -3.26 3.60 8.94
N PHE F 75 -2.13 3.82 9.60
CA PHE F 75 -2.03 3.66 11.03
C PHE F 75 -0.92 4.56 11.54
N SER F 76 -0.88 4.70 12.85
CA SER F 76 0.20 5.38 13.53
C SER F 76 0.84 4.39 14.49
N ASN F 77 2.17 4.48 14.68
CA ASN F 77 2.83 3.71 15.72
C ASN F 77 2.94 4.43 17.13
N LYS F 78 2.37 5.62 17.21
CA LYS F 78 2.33 6.39 18.47
C LYS F 78 1.80 5.58 19.64
N GLY F 79 2.60 5.50 20.69
CA GLY F 79 2.22 4.68 21.86
C GLY F 79 2.36 3.17 21.73
N GLN F 80 2.90 2.69 20.61
CA GLN F 80 3.00 1.22 20.31
C GLN F 80 4.26 0.78 19.66
N THR F 81 4.42 -0.54 19.64
CA THR F 81 5.52 -1.16 18.98
C THR F 81 5.21 -1.24 17.47
N LEU F 82 6.22 -0.93 16.68
CA LEU F 82 6.21 -1.12 15.23
C LEU F 82 7.24 -2.12 14.79
N VAL F 83 6.76 -3.14 14.09
CA VAL F 83 7.62 -4.18 13.55
C VAL F 83 7.45 -4.27 12.03
N VAL F 84 8.59 -4.16 11.36
CA VAL F 84 8.69 -4.24 9.90
C VAL F 84 9.59 -5.42 9.54
N GLN F 85 9.05 -6.32 8.74
CA GLN F 85 9.74 -7.57 8.45
C GLN F 85 9.49 -8.07 7.00
N PHE F 86 10.52 -8.66 6.40
CA PHE F 86 10.41 -9.21 5.04
C PHE F 86 11.62 -10.11 4.74
N THR F 87 11.50 -10.94 3.71
CA THR F 87 12.64 -11.75 3.26
C THR F 87 13.26 -11.16 2.01
N VAL F 88 14.58 -11.29 1.93
CA VAL F 88 15.40 -10.86 0.78
C VAL F 88 16.33 -12.01 0.35
N LYS F 89 16.36 -12.25 -0.96
CA LYS F 89 17.17 -13.27 -1.57
C LYS F 89 17.91 -12.73 -2.78
N HIS F 90 19.21 -12.51 -2.62
CA HIS F 90 20.04 -12.08 -3.74
C HIS F 90 20.59 -13.31 -4.46
N GLU F 91 19.68 -14.02 -5.13
CA GLU F 91 19.96 -15.18 -5.98
C GLU F 91 21.09 -15.01 -6.98
N GLN F 92 21.25 -13.81 -7.52
CA GLN F 92 22.22 -13.52 -8.55
C GLN F 92 23.63 -13.28 -8.05
N ASN F 93 23.86 -13.37 -6.75
CA ASN F 93 25.17 -12.94 -6.16
C ASN F 93 25.46 -11.50 -6.50
N ILE F 94 24.79 -10.60 -5.78
CA ILE F 94 24.72 -9.23 -6.18
C ILE F 94 26.05 -8.55 -6.02
N ASP F 95 26.38 -7.64 -6.93
CA ASP F 95 27.60 -6.84 -6.83
C ASP F 95 27.31 -5.51 -6.11
N CYS F 96 26.24 -4.85 -6.57
CA CYS F 96 25.86 -3.56 -6.07
C CYS F 96 24.37 -3.36 -6.29
N GLY F 97 23.66 -3.12 -5.19
CA GLY F 97 22.22 -2.92 -5.21
C GLY F 97 21.57 -2.99 -3.84
N GLY F 98 20.45 -2.29 -3.73
CA GLY F 98 19.68 -2.23 -2.49
C GLY F 98 18.73 -3.38 -2.35
N GLY F 99 18.38 -3.66 -1.08
CA GLY F 99 17.38 -4.67 -0.75
C GLY F 99 16.50 -4.21 0.39
N TYR F 100 16.29 -2.91 0.45
CA TYR F 100 15.58 -2.31 1.57
C TYR F 100 14.19 -1.81 1.19
N VAL F 101 13.36 -1.68 2.22
CA VAL F 101 12.00 -1.13 2.08
C VAL F 101 11.92 0.26 2.65
N LYS F 102 10.86 0.95 2.26
CA LYS F 102 10.54 2.24 2.82
C LYS F 102 9.10 2.30 3.20
N LEU F 103 8.87 2.88 4.37
CA LEU F 103 7.52 3.13 4.86
C LEU F 103 7.22 4.60 4.70
N PHE F 104 6.12 4.87 4.04
CA PHE F 104 5.72 6.23 3.63
C PHE F 104 4.43 6.66 4.31
N PRO F 105 4.27 7.98 4.49
CA PRO F 105 2.97 8.52 4.90
C PRO F 105 1.96 8.28 3.80
N ASN F 106 0.70 8.22 4.20
CA ASN F 106 -0.39 8.08 3.25
C ASN F 106 -0.54 9.21 2.24
N SER F 107 0.13 10.32 2.47
CA SER F 107 0.10 11.41 1.52
C SER F 107 0.93 11.15 0.27
N LEU F 108 1.68 10.07 0.25
CA LEU F 108 2.47 9.74 -0.95
C LEU F 108 1.56 9.39 -2.15
N ASP F 109 1.82 10.04 -3.27
CA ASP F 109 1.26 9.63 -4.55
C ASP F 109 2.09 8.46 -5.14
N GLN F 110 1.52 7.26 -5.07
CA GLN F 110 2.20 6.01 -5.43
C GLN F 110 2.65 5.98 -6.91
N THR F 111 1.89 6.66 -7.76
CA THR F 111 2.27 6.79 -9.18
C THR F 111 3.41 7.79 -9.41
N ASP F 112 3.88 8.48 -8.37
CA ASP F 112 5.01 9.43 -8.54
C ASP F 112 6.18 9.10 -7.61
N MET F 113 6.12 7.94 -6.97
CA MET F 113 7.15 7.57 -6.02
C MET F 113 8.49 7.55 -6.71
N HIS F 114 9.50 8.11 -6.04
CA HIS F 114 10.87 8.02 -6.48
C HIS F 114 11.89 8.21 -5.34
N GLY F 115 13.16 8.16 -5.68
CA GLY F 115 14.26 8.28 -4.72
C GLY F 115 14.15 9.47 -3.78
N ASP F 116 13.50 10.53 -4.18
CA ASP F 116 13.44 11.73 -3.34
C ASP F 116 12.09 11.93 -2.73
N SER F 117 11.19 10.96 -2.87
CA SER F 117 9.94 11.06 -2.16
C SER F 117 10.22 10.98 -0.63
N GLU F 118 9.40 11.69 0.15
CA GLU F 118 9.59 11.76 1.59
C GLU F 118 8.99 10.53 2.27
N TYR F 119 9.87 9.73 2.83
CA TYR F 119 9.44 8.59 3.63
C TYR F 119 9.59 8.85 5.14
N ASN F 120 8.95 8.00 5.97
CA ASN F 120 9.14 8.02 7.43
C ASN F 120 10.35 7.23 7.88
N ILE F 121 10.42 5.98 7.40
CA ILE F 121 11.46 5.03 7.78
C ILE F 121 11.95 4.23 6.59
N MET F 122 13.26 4.03 6.52
CA MET F 122 13.87 3.11 5.53
C MET F 122 14.64 2.02 6.27
N PHE F 123 14.47 0.78 5.80
CA PHE F 123 15.10 -0.31 6.47
C PHE F 123 15.50 -1.42 5.53
N GLY F 124 16.75 -1.87 5.62
CA GLY F 124 17.12 -3.15 5.05
C GLY F 124 18.50 -3.17 4.43
N PRO F 125 18.89 -4.32 3.86
CA PRO F 125 20.26 -4.52 3.35
C PRO F 125 20.62 -3.66 2.14
N ASP F 126 21.87 -3.21 2.12
CA ASP F 126 22.43 -2.48 1.03
C ASP F 126 23.87 -2.99 0.75
N ILE F 127 24.08 -3.38 -0.50
CA ILE F 127 25.33 -3.95 -0.93
C ILE F 127 25.91 -3.10 -2.05
N CYS F 128 27.16 -2.75 -1.91
CA CYS F 128 27.88 -2.11 -3.00
C CYS F 128 29.34 -2.43 -2.92
N GLY F 129 29.72 -3.42 -3.70
CA GLY F 129 31.09 -3.84 -3.81
C GLY F 129 31.60 -4.47 -2.53
N PRO F 130 32.95 -4.63 -2.44
CA PRO F 130 33.60 -5.36 -1.35
C PRO F 130 33.40 -4.63 -0.04
N GLY F 131 33.42 -3.29 -0.07
CA GLY F 131 33.35 -2.45 1.12
C GLY F 131 32.04 -2.32 1.86
N THR F 132 30.91 -2.43 1.17
CA THR F 132 29.59 -2.16 1.76
C THR F 132 28.69 -3.38 1.78
N LYS F 133 28.44 -3.85 2.99
CA LYS F 133 27.45 -4.90 3.27
C LYS F 133 26.78 -4.49 4.55
N LYS F 134 25.77 -3.67 4.43
CA LYS F 134 25.30 -2.90 5.54
C LYS F 134 23.77 -2.97 5.62
N VAL F 135 23.26 -2.95 6.84
CA VAL F 135 21.83 -2.79 7.06
C VAL F 135 21.51 -1.36 7.43
N HIS F 136 20.73 -0.73 6.57
CA HIS F 136 20.28 0.61 6.80
C HIS F 136 19.15 0.63 7.78
N VAL F 137 19.20 1.59 8.70
CA VAL F 137 18.03 1.97 9.49
C VAL F 137 18.00 3.49 9.52
N ILE F 138 17.06 4.05 8.79
CA ILE F 138 16.99 5.49 8.59
C ILE F 138 15.64 6.02 9.09
N PHE F 139 15.73 7.06 9.89
CA PHE F 139 14.56 7.74 10.40
C PHE F 139 14.55 9.14 9.85
N ASN F 140 13.37 9.52 9.37
CA ASN F 140 13.15 10.87 8.95
C ASN F 140 12.73 11.72 10.14
N TYR F 141 13.50 12.77 10.39
CA TYR F 141 13.25 13.65 11.52
C TYR F 141 13.64 15.07 11.17
N LYS F 142 12.75 16.02 11.43
CA LYS F 142 12.99 17.45 11.14
C LYS F 142 13.53 17.63 9.75
N GLY F 143 12.88 16.99 8.77
CA GLY F 143 13.23 17.14 7.35
C GLY F 143 14.59 16.63 6.98
N LYS F 144 15.19 15.82 7.85
CA LYS F 144 16.43 15.12 7.55
C LYS F 144 16.22 13.61 7.63
N ASN F 145 16.97 12.91 6.81
CA ASN F 145 17.00 11.47 6.82
C ASN F 145 18.22 11.05 7.58
N VAL F 146 18.01 10.54 8.78
CA VAL F 146 19.11 10.31 9.71
C VAL F 146 19.47 8.83 9.71
N LEU F 147 20.76 8.58 9.51
CA LEU F 147 21.29 7.25 9.31
C LEU F 147 21.80 6.68 10.61
N ILE F 148 21.56 5.40 10.84
CA ILE F 148 22.02 4.81 12.09
C ILE F 148 23.54 4.88 12.15
N ASN F 149 24.09 5.08 13.33
CA ASN F 149 25.56 5.15 13.56
C ASN F 149 26.24 3.85 13.84
N LYS F 150 25.46 2.81 14.09
CA LYS F 150 26.02 1.50 14.29
C LYS F 150 26.21 0.80 12.98
N ASP F 151 27.25 -0.02 12.94
CA ASP F 151 27.57 -0.74 11.76
C ASP F 151 26.99 -2.16 11.83
N ILE F 152 25.98 -2.41 11.02
CA ILE F 152 25.31 -3.70 10.97
C ILE F 152 25.60 -4.36 9.66
N ARG F 153 26.23 -5.51 9.73
CA ARG F 153 26.54 -6.26 8.54
C ARG F 153 25.31 -7.00 8.02
N CYS F 154 25.08 -6.93 6.70
CA CYS F 154 24.00 -7.65 6.13
C CYS F 154 24.50 -8.99 5.59
N LYS F 155 23.60 -9.85 5.18
CA LYS F 155 24.00 -11.08 4.49
C LYS F 155 24.27 -10.79 3.02
N ASP F 156 25.12 -11.59 2.41
CA ASP F 156 25.48 -11.37 1.02
C ASP F 156 25.54 -12.64 0.15
N ASP F 157 25.30 -13.81 0.70
CA ASP F 157 25.22 -15.02 -0.11
C ASP F 157 23.96 -15.05 -1.02
N GLU F 158 23.67 -16.19 -1.61
CA GLU F 158 22.55 -16.29 -2.54
C GLU F 158 21.21 -16.70 -1.92
N PHE F 159 21.19 -16.98 -0.62
CA PHE F 159 20.04 -17.61 0.00
C PHE F 159 19.04 -16.58 0.53
N THR F 160 17.86 -17.06 0.96
CA THR F 160 16.79 -16.21 1.50
C THR F 160 17.08 -15.79 2.96
N HIS F 161 17.09 -14.51 3.24
CA HIS F 161 17.29 -14.03 4.63
C HIS F 161 16.19 -13.15 5.12
N LEU F 162 15.87 -13.34 6.42
CA LEU F 162 14.83 -12.60 7.10
C LEU F 162 15.39 -11.36 7.75
N TYR F 163 14.77 -10.23 7.46
CA TYR F 163 15.14 -8.94 8.04
C TYR F 163 13.99 -8.35 8.86
N THR F 164 14.29 -8.00 10.09
CA THR F 164 13.25 -7.54 11.03
C THR F 164 13.74 -6.27 11.75
N LEU F 165 12.91 -5.23 11.70
CA LEU F 165 13.12 -4.03 12.49
C LEU F 165 12.02 -3.86 13.50
N ILE F 166 12.44 -3.65 14.74
CA ILE F 166 11.50 -3.44 15.88
C ILE F 166 11.78 -2.07 16.46
N VAL F 167 10.74 -1.27 16.52
CA VAL F 167 10.77 0.06 17.11
C VAL F 167 9.74 0.22 18.22
N ARG F 168 10.18 0.60 19.41
CA ARG F 168 9.30 0.61 20.61
C ARG F 168 9.06 2.02 21.14
N PRO F 169 7.91 2.22 21.81
CA PRO F 169 7.54 3.56 22.29
C PRO F 169 8.38 4.11 23.45
N ASP F 170 9.29 3.35 24.01
CA ASP F 170 10.36 3.94 24.84
C ASP F 170 11.59 4.36 24.06
N ASN F 171 11.47 4.44 22.73
CA ASN F 171 12.58 4.82 21.85
C ASN F 171 13.71 3.80 21.88
N THR F 172 13.40 2.56 22.20
CA THR F 172 14.36 1.49 21.93
C THR F 172 14.07 0.84 20.58
N TYR F 173 15.07 0.16 20.05
CA TYR F 173 14.91 -0.53 18.79
C TYR F 173 15.72 -1.78 18.82
N GLU F 174 15.38 -2.69 17.95
CA GLU F 174 16.13 -3.89 17.78
C GLU F 174 16.13 -4.26 16.29
N VAL F 175 17.26 -4.77 15.82
CA VAL F 175 17.34 -5.32 14.46
C VAL F 175 17.68 -6.80 14.54
N LYS F 176 16.90 -7.58 13.82
CA LYS F 176 17.15 -9.00 13.65
C LYS F 176 17.42 -9.41 12.18
N ILE F 177 18.31 -10.38 12.05
CA ILE F 177 18.52 -11.09 10.82
C ILE F 177 18.28 -12.58 11.10
N ASP F 178 17.50 -13.21 10.23
CA ASP F 178 17.16 -14.65 10.38
C ASP F 178 16.64 -14.97 11.76
N ASN F 179 15.75 -14.11 12.24
CA ASN F 179 15.07 -14.20 13.54
C ASN F 179 15.99 -14.20 14.75
N SER F 180 17.11 -13.53 14.63
CA SER F 180 18.07 -13.53 15.71
C SER F 180 18.68 -12.14 15.77
N GLN F 181 18.73 -11.60 16.98
CA GLN F 181 19.15 -10.22 17.22
C GLN F 181 20.55 -9.99 16.77
N VAL F 182 20.78 -8.91 16.05
CA VAL F 182 22.15 -8.53 15.63
C VAL F 182 22.50 -7.15 16.12
N GLU F 183 21.52 -6.37 16.50
CA GLU F 183 21.77 -5.01 16.99
C GLU F 183 20.59 -4.49 17.85
N SER F 184 20.91 -3.65 18.81
CA SER F 184 19.89 -3.06 19.67
C SER F 184 20.40 -1.83 20.40
N GLY F 185 19.47 -1.01 20.84
CA GLY F 185 19.83 0.18 21.59
C GLY F 185 18.67 1.19 21.62
N SER F 186 19.05 2.45 21.77
CA SER F 186 18.09 3.55 21.85
C SER F 186 18.34 4.53 20.73
N LEU F 187 17.25 5.08 20.26
CA LEU F 187 17.28 6.05 19.19
C LEU F 187 18.18 7.23 19.53
N GLU F 188 18.13 7.68 20.76
CA GLU F 188 18.86 8.89 21.12
C GLU F 188 20.34 8.64 21.06
N ASP F 189 20.78 7.41 21.33
CA ASP F 189 22.23 7.10 21.34
C ASP F 189 22.75 6.71 19.96
N ASP F 190 21.95 6.00 19.19
CA ASP F 190 22.47 5.34 17.98
C ASP F 190 22.25 6.16 16.69
N TRP F 191 21.58 7.29 16.82
CA TRP F 191 21.47 8.28 15.74
C TRP F 191 21.79 9.66 16.29
N ASP F 192 22.30 10.54 15.43
CA ASP F 192 22.47 11.97 15.75
C ASP F 192 21.23 12.77 15.41
N PHE F 193 20.17 12.65 16.19
CA PHE F 193 19.00 13.48 15.96
C PHE F 193 19.26 14.89 16.48
N LEU F 194 19.88 14.92 17.67
CA LEU F 194 20.06 16.09 18.52
C LEU F 194 21.40 16.02 19.24
N PRO F 195 21.97 17.18 19.59
CA PRO F 195 23.22 17.27 20.36
C PRO F 195 23.20 16.57 21.71
N GLY F 196 22.06 16.53 22.40
CA GLY F 196 22.01 15.80 23.65
C GLY F 196 20.63 15.21 23.80
N SER F 197 20.45 14.40 24.82
CA SER F 197 19.21 13.67 25.00
C SER F 197 18.07 14.62 25.34
N GLY F 198 16.88 14.19 24.95
CA GLY F 198 15.66 14.80 25.34
C GLY F 198 15.02 15.00 24.03
N ASP F 199 13.99 14.11 23.22
CA ASP F 199 12.76 14.21 22.52
C ASP F 199 12.32 12.78 22.56
N PRO F 200 11.38 12.48 23.46
CA PRO F 200 10.99 11.10 23.58
C PRO F 200 10.09 10.59 22.43
N SER F 201 9.57 11.49 21.57
CA SER F 201 8.67 11.08 20.44
C SER F 201 9.33 10.81 19.09
N ILE F 202 10.65 10.75 19.04
CA ILE F 202 11.40 10.54 17.80
C ILE F 202 10.94 9.30 17.02
N TYR F 203 10.65 8.24 17.75
CA TYR F 203 10.20 6.97 17.18
C TYR F 203 8.88 7.08 16.41
N ALA F 204 8.10 8.11 16.68
CA ALA F 204 6.66 8.09 16.30
C ALA F 204 6.32 8.86 15.01
N TYR F 205 5.39 8.32 14.24
CA TYR F 205 4.90 8.93 13.00
C TYR F 205 3.39 8.94 13.03
N ASP F 206 2.83 10.03 12.55
CA ASP F 206 1.38 10.22 12.56
C ASP F 206 0.71 9.21 11.69
N ASN F 207 1.39 8.86 10.62
CA ASN F 207 0.78 7.93 9.72
C ASN F 207 1.70 7.21 8.76
N PHE F 208 1.33 5.96 8.61
CA PHE F 208 1.94 5.06 7.69
C PHE F 208 0.82 4.61 6.79
N GLY F 209 1.03 4.72 5.48
CA GLY F 209 0.04 4.25 4.48
C GLY F 209 0.56 3.43 3.30
N VAL F 210 1.86 3.52 3.02
CA VAL F 210 2.46 2.81 1.90
C VAL F 210 3.84 2.23 2.21
N LEU F 211 4.03 0.98 1.76
CA LEU F 211 5.34 0.33 1.75
C LEU F 211 5.88 0.31 0.33
N GLY F 212 7.03 0.91 0.13
CA GLY F 212 7.66 0.94 -1.19
C GLY F 212 8.99 0.22 -1.30
N LEU F 213 9.15 -0.41 -2.47
CA LEU F 213 10.44 -0.88 -2.93
C LEU F 213 10.93 0.16 -3.91
N ASP F 214 11.88 0.96 -3.47
CA ASP F 214 12.36 2.09 -4.21
C ASP F 214 13.88 2.10 -4.08
N LEU F 215 14.56 1.69 -5.14
CA LEU F 215 15.96 1.30 -5.02
C LEU F 215 16.67 1.15 -6.37
N TRP F 216 17.98 0.93 -6.28
CA TRP F 216 18.79 0.82 -7.43
C TRP F 216 19.43 -0.57 -7.44
N GLN F 217 19.63 -1.14 -8.64
CA GLN F 217 20.35 -2.39 -8.78
C GLN F 217 21.22 -2.44 -10.04
N VAL F 218 22.45 -2.92 -9.90
CA VAL F 218 23.28 -3.25 -11.04
C VAL F 218 22.84 -4.63 -11.47
N LYS F 219 23.48 -5.68 -10.96
CA LYS F 219 23.00 -7.05 -11.28
C LYS F 219 21.70 -7.36 -10.61
N SER F 220 20.72 -7.71 -11.41
CA SER F 220 19.34 -7.90 -11.00
C SER F 220 19.06 -9.34 -10.63
N GLY F 221 17.85 -9.64 -10.14
CA GLY F 221 17.48 -11.02 -9.71
C GLY F 221 17.10 -11.19 -8.24
N THR F 222 17.17 -10.10 -7.48
CA THR F 222 16.78 -10.13 -6.06
C THR F 222 15.29 -10.43 -5.94
N ILE F 223 14.95 -11.34 -5.01
CA ILE F 223 13.54 -11.68 -4.73
C ILE F 223 13.13 -11.27 -3.31
N PHE F 224 12.07 -10.47 -3.26
CA PHE F 224 11.45 -10.01 -2.01
C PHE F 224 10.17 -10.78 -1.73
N ASP F 225 10.00 -11.29 -0.53
CA ASP F 225 8.78 -12.06 -0.19
C ASP F 225 8.42 -11.77 1.28
N ASN F 226 7.29 -12.30 1.66
CA ASN F 226 6.85 -12.41 3.04
C ASN F 226 6.92 -11.14 3.85
N PHE F 227 6.36 -10.08 3.30
CA PHE F 227 6.33 -8.78 3.97
C PHE F 227 5.33 -8.82 5.11
N LEU F 228 5.70 -8.22 6.24
CA LEU F 228 4.81 -8.12 7.41
C LEU F 228 5.03 -6.79 8.14
N ILE F 229 3.94 -6.09 8.39
CA ILE F 229 3.95 -4.94 9.29
C ILE F 229 2.94 -5.21 10.39
N THR F 230 3.44 -5.18 11.62
CA THR F 230 2.69 -5.58 12.77
C THR F 230 3.13 -4.76 14.02
N ASN F 231 2.41 -4.95 15.10
CA ASN F 231 2.74 -4.27 16.36
C ASN F 231 3.20 -5.25 17.43
N ASP F 232 3.41 -6.51 17.03
CA ASP F 232 3.65 -7.61 17.94
C ASP F 232 4.93 -8.35 17.56
N GLU F 233 5.94 -8.24 18.40
CA GLU F 233 7.26 -8.84 18.18
C GLU F 233 7.19 -10.35 18.14
N ALA F 234 6.40 -10.92 19.03
CA ALA F 234 6.22 -12.35 19.10
C ALA F 234 5.55 -12.87 17.83
N TYR F 235 4.50 -12.21 17.38
CA TYR F 235 3.88 -12.61 16.13
C TYR F 235 4.84 -12.51 14.92
N ALA F 236 5.62 -11.44 14.85
CA ALA F 236 6.63 -11.32 13.81
C ALA F 236 7.55 -12.54 13.82
N GLU F 237 7.96 -12.96 14.99
CA GLU F 237 8.89 -14.10 15.13
C GLU F 237 8.24 -15.40 14.67
N GLU F 238 6.97 -15.59 15.00
CA GLU F 238 6.19 -16.72 14.52
C GLU F 238 6.12 -16.77 13.03
N PHE F 239 5.73 -15.65 12.46
CA PHE F 239 5.52 -15.56 11.01
C PHE F 239 6.87 -15.80 10.29
N GLY F 240 7.95 -15.30 10.89
CA GLY F 240 9.28 -15.48 10.38
C GLY F 240 9.57 -16.98 10.31
N ASN F 241 9.23 -17.72 11.35
CA ASN F 241 9.51 -19.17 11.39
C ASN F 241 8.60 -20.00 10.49
N GLU F 242 7.44 -19.44 10.18
CA GLU F 242 6.45 -20.05 9.28
C GLU F 242 6.74 -19.72 7.84
N THR F 243 7.61 -18.73 7.61
CA THR F 243 7.95 -18.33 6.22
C THR F 243 9.43 -18.66 5.90
N TRP F 244 10.35 -17.79 6.25
CA TRP F 244 11.78 -18.03 6.13
C TRP F 244 12.19 -19.37 6.71
N GLY F 245 11.66 -19.67 7.87
CA GLY F 245 12.01 -20.87 8.60
C GLY F 245 11.57 -22.13 7.90
N VAL F 246 10.60 -22.01 7.00
CA VAL F 246 10.08 -23.15 6.23
C VAL F 246 10.76 -23.23 4.85
N THR F 247 11.24 -22.11 4.34
CA THR F 247 12.01 -22.04 3.11
C THR F 247 13.43 -22.61 3.22
N LYS F 248 14.08 -22.21 4.30
CA LYS F 248 15.50 -22.34 4.53
C LYS F 248 16.19 -23.67 4.11
N ALA F 249 15.79 -24.78 4.70
CA ALA F 249 16.54 -26.04 4.58
C ALA F 249 16.41 -26.69 3.19
N ALA F 250 15.19 -26.68 2.66
CA ALA F 250 14.92 -27.21 1.36
C ALA F 250 15.60 -26.35 0.29
N GLU F 251 15.57 -25.04 0.46
CA GLU F 251 16.27 -24.13 -0.48
C GLU F 251 17.76 -24.47 -0.59
N LYS F 252 18.38 -24.61 0.54
CA LYS F 252 19.79 -24.94 0.64
C LYS F 252 20.09 -26.33 0.02
N GLN F 253 19.24 -27.31 0.28
CA GLN F 253 19.37 -28.64 -0.28
C GLN F 253 19.25 -28.65 -1.81
N MET F 254 18.27 -27.96 -2.35
CA MET F 254 18.15 -27.86 -3.80
C MET F 254 19.36 -27.16 -4.42
N LYS F 255 19.85 -26.12 -3.78
CA LYS F 255 20.99 -25.38 -4.33
C LYS F 255 22.30 -26.19 -4.26
N ASP F 256 22.51 -26.91 -3.18
CA ASP F 256 23.69 -27.79 -3.09
C ASP F 256 23.68 -28.79 -4.25
N LYS F 257 22.50 -29.30 -4.58
CA LYS F 257 22.35 -30.32 -5.64
C LYS F 257 22.72 -29.71 -6.97
N GLN F 258 22.25 -28.50 -7.23
CA GLN F 258 22.60 -27.81 -8.46
C GLN F 258 24.08 -27.44 -8.55
N ASP F 259 24.68 -27.08 -7.42
CA ASP F 259 26.12 -26.77 -7.37
C ASP F 259 26.95 -28.02 -7.71
N GLU F 260 26.57 -29.15 -7.12
CA GLU F 260 27.20 -30.41 -7.43
C GLU F 260 27.07 -30.78 -8.91
N GLU F 261 25.89 -30.64 -9.51
CA GLU F 261 25.73 -30.95 -10.96
C GLU F 261 26.60 -30.01 -11.82
N GLN F 262 26.67 -28.76 -11.43
CA GLN F 262 27.52 -27.80 -12.10
C GLN F 262 29.00 -28.22 -12.08
N ARG F 263 29.47 -28.68 -10.91
CA ARG F 263 30.85 -29.13 -10.73
C ARG F 263 31.22 -30.33 -11.61
N LEU F 264 30.24 -31.11 -12.06
CA LEU F 264 30.54 -32.25 -12.90
C LEU F 264 30.41 -31.74 -14.32
N PRO G 10 40.87 7.83 -56.28
CA PRO G 10 39.68 8.61 -55.87
C PRO G 10 40.09 10.00 -55.44
N ALA G 11 39.64 10.99 -56.17
CA ALA G 11 40.05 12.35 -55.90
C ALA G 11 39.11 12.96 -54.84
N VAL G 12 39.70 13.57 -53.82
CA VAL G 12 38.94 14.28 -52.81
C VAL G 12 39.28 15.74 -52.99
N TYR G 13 38.38 16.50 -53.60
CA TYR G 13 38.63 17.92 -53.84
C TYR G 13 38.35 18.79 -52.61
N PHE G 14 37.50 18.29 -51.72
CA PHE G 14 37.08 19.03 -50.52
C PHE G 14 36.43 18.09 -49.53
N LYS G 15 36.86 18.24 -48.29
CA LYS G 15 36.29 17.52 -47.16
C LYS G 15 36.24 18.47 -45.96
N GLU G 16 35.09 18.55 -45.29
CA GLU G 16 34.99 19.32 -44.02
C GLU G 16 34.10 18.61 -43.01
N GLN G 17 34.71 18.20 -41.91
CA GLN G 17 33.95 17.64 -40.81
C GLN G 17 33.94 18.46 -39.52
N PHE G 18 34.67 19.56 -39.52
CA PHE G 18 34.79 20.40 -38.33
C PHE G 18 35.18 19.58 -37.10
N LEU G 19 36.24 18.78 -37.20
CA LEU G 19 36.69 17.92 -36.10
C LEU G 19 37.79 18.56 -35.25
N ASP G 20 38.39 19.65 -35.72
CA ASP G 20 39.64 20.19 -35.14
C ASP G 20 39.37 21.56 -34.45
N GLY G 21 38.43 21.54 -33.54
CA GLY G 21 38.09 22.69 -32.75
C GLY G 21 37.67 23.87 -33.58
N ASP G 22 38.32 25.01 -33.34
CA ASP G 22 38.06 26.26 -34.07
C ASP G 22 38.89 26.36 -35.39
N GLY G 23 39.61 25.30 -35.76
CA GLY G 23 40.34 25.24 -37.03
C GLY G 23 39.56 25.76 -38.24
N TRP G 24 38.28 25.43 -38.30
CA TRP G 24 37.44 25.84 -39.42
C TRP G 24 37.39 27.33 -39.68
N THR G 25 37.62 28.15 -38.65
CA THR G 25 37.60 29.63 -38.81
C THR G 25 38.72 30.16 -39.70
N SER G 26 39.76 29.35 -39.93
CA SER G 26 40.79 29.69 -40.91
C SER G 26 40.54 29.05 -42.30
N ARG G 27 39.46 28.28 -42.48
CA ARG G 27 39.13 27.67 -43.79
C ARG G 27 37.90 28.30 -44.46
N TRP G 28 37.15 29.11 -43.71
CA TRP G 28 35.90 29.65 -44.24
C TRP G 28 35.93 31.15 -44.11
N ILE G 29 35.24 31.83 -45.01
CA ILE G 29 35.30 33.28 -45.13
C ILE G 29 33.90 33.83 -45.18
N GLU G 30 33.66 34.87 -44.40
CA GLU G 30 32.35 35.51 -44.35
C GLU G 30 32.31 36.54 -45.42
N SER G 31 31.23 36.59 -46.16
CA SER G 31 31.02 37.68 -47.12
C SER G 31 30.74 38.98 -46.37
N LYS G 32 31.29 40.09 -46.85
CA LYS G 32 30.99 41.42 -46.32
C LYS G 32 30.08 42.17 -47.31
N HIS G 33 29.44 41.47 -48.25
CA HIS G 33 28.60 42.16 -49.23
C HIS G 33 27.51 43.01 -48.56
N LYS G 34 26.98 42.49 -47.47
CA LYS G 34 26.04 43.20 -46.61
C LYS G 34 26.62 43.27 -45.19
N SER G 35 26.08 44.20 -44.39
CA SER G 35 26.52 44.40 -43.00
C SER G 35 25.75 43.54 -41.98
N ASP G 36 24.59 43.01 -42.37
CA ASP G 36 23.65 42.32 -41.47
C ASP G 36 23.37 40.84 -41.82
N PHE G 37 24.35 40.17 -42.44
CA PHE G 37 24.31 38.71 -42.58
C PHE G 37 24.25 38.04 -41.20
N GLY G 38 23.47 36.98 -41.09
CA GLY G 38 23.48 36.15 -39.92
C GLY G 38 24.83 35.46 -39.75
N LYS G 39 25.12 35.00 -38.55
CA LYS G 39 26.40 34.33 -38.28
C LYS G 39 26.22 32.86 -38.08
N PHE G 40 27.16 32.10 -38.62
CA PHE G 40 27.26 30.67 -38.31
C PHE G 40 28.04 30.54 -37.02
N VAL G 41 27.68 29.54 -36.25
CA VAL G 41 28.48 29.14 -35.06
C VAL G 41 28.75 27.67 -35.11
N LEU G 42 29.82 27.25 -34.49
CA LEU G 42 30.10 25.84 -34.37
C LEU G 42 29.26 25.24 -33.26
N SER G 43 28.52 24.17 -33.58
CA SER G 43 27.63 23.51 -32.61
C SER G 43 27.20 22.09 -33.03
N SER G 44 26.99 21.23 -32.03
CA SER G 44 26.32 19.92 -32.24
C SER G 44 24.86 19.94 -31.78
N GLY G 45 24.40 21.09 -31.29
CA GLY G 45 22.98 21.29 -30.88
C GLY G 45 22.60 20.54 -29.63
N LYS G 46 21.30 20.43 -29.41
CA LYS G 46 20.74 19.92 -28.12
C LYS G 46 20.74 18.39 -28.04
N PHE G 47 20.63 17.74 -29.19
CA PHE G 47 20.82 16.30 -29.27
C PHE G 47 21.72 15.94 -30.47
N TYR G 48 22.31 14.75 -30.40
CA TYR G 48 23.34 14.33 -31.31
C TYR G 48 23.69 12.88 -31.07
N GLY G 49 24.40 12.30 -32.03
CA GLY G 49 24.93 10.96 -31.86
C GLY G 49 26.21 10.97 -31.08
N ASP G 50 27.04 11.97 -31.34
CA ASP G 50 28.31 12.14 -30.61
C ASP G 50 28.56 13.63 -30.51
N GLU G 51 28.73 14.11 -29.28
CA GLU G 51 28.81 15.56 -29.03
C GLU G 51 29.88 16.28 -29.85
N GLU G 52 30.98 15.58 -30.08
CA GLU G 52 32.13 16.16 -30.82
C GLU G 52 32.02 15.91 -32.35
N LYS G 53 31.76 14.67 -32.76
CA LYS G 53 31.71 14.36 -34.19
C LYS G 53 30.65 15.16 -34.92
N ASP G 54 29.51 15.33 -34.23
CA ASP G 54 28.36 15.97 -34.83
C ASP G 54 28.33 17.48 -34.73
N LYS G 55 29.47 18.07 -34.38
CA LYS G 55 29.65 19.52 -34.61
C LYS G 55 29.70 19.91 -36.08
N GLY G 56 28.96 20.98 -36.40
CA GLY G 56 28.95 21.56 -37.73
C GLY G 56 28.57 23.02 -37.67
N LEU G 57 28.32 23.61 -38.81
CA LEU G 57 28.01 25.02 -38.85
C LEU G 57 26.54 25.19 -38.64
N GLN G 58 26.19 26.00 -37.65
CA GLN G 58 24.81 26.20 -37.29
C GLN G 58 24.40 27.64 -37.53
N THR G 59 23.26 27.83 -38.19
CA THR G 59 22.70 29.16 -38.32
C THR G 59 22.19 29.65 -36.94
N SER G 60 22.63 30.84 -36.53
CA SER G 60 22.46 31.34 -35.13
C SER G 60 21.49 32.49 -34.98
N GLN G 61 20.89 32.97 -36.07
CA GLN G 61 19.99 34.08 -36.01
C GLN G 61 18.80 33.95 -36.94
N LYS G 62 17.68 34.41 -36.42
CA LYS G 62 16.42 34.29 -37.07
C LYS G 62 16.23 35.37 -38.14
N ALA G 63 15.53 34.99 -39.21
CA ALA G 63 15.19 35.91 -40.30
C ALA G 63 16.41 36.64 -40.80
N ARG G 64 17.34 35.88 -41.31
CA ARG G 64 18.58 36.42 -41.85
C ARG G 64 19.04 35.72 -43.11
N PHE G 65 19.77 36.48 -43.92
CA PHE G 65 20.63 35.92 -44.97
C PHE G 65 21.96 35.50 -44.42
N TYR G 66 22.47 34.41 -44.98
CA TYR G 66 23.76 33.87 -44.60
C TYR G 66 24.65 33.78 -45.83
N ALA G 67 25.94 33.88 -45.62
CA ALA G 67 26.89 33.92 -46.70
C ALA G 67 28.28 33.63 -46.18
N LEU G 68 28.62 32.36 -46.17
CA LEU G 68 29.92 31.88 -45.70
C LEU G 68 30.44 30.85 -46.72
N SER G 69 31.74 30.82 -46.95
CA SER G 69 32.34 29.95 -47.97
C SER G 69 33.66 29.42 -47.67
N ALA G 70 33.98 28.35 -48.39
CA ALA G 70 35.29 27.70 -48.28
C ALA G 70 35.88 27.42 -49.68
N SER G 71 37.14 27.82 -49.83
CA SER G 71 37.94 27.52 -51.02
C SER G 71 38.62 26.23 -50.97
N PHE G 72 38.95 25.74 -52.16
CA PHE G 72 39.75 24.52 -52.28
C PHE G 72 40.55 24.66 -53.58
N GLU G 73 41.57 23.83 -53.70
CA GLU G 73 42.34 23.69 -54.96
C GLU G 73 41.38 23.48 -56.16
N PRO G 74 41.37 24.44 -57.11
CA PRO G 74 40.39 24.37 -58.20
C PRO G 74 40.49 23.09 -59.01
N PHE G 75 39.36 22.69 -59.60
CA PHE G 75 39.32 21.52 -60.45
C PHE G 75 38.23 21.68 -61.44
N SER G 76 38.27 20.82 -62.45
CA SER G 76 37.23 20.75 -63.48
C SER G 76 36.63 19.33 -63.45
N ASN G 77 35.32 19.23 -63.64
CA ASN G 77 34.67 17.92 -63.74
C ASN G 77 34.59 17.39 -65.21
N LYS G 78 35.16 18.15 -66.15
CA LYS G 78 35.24 17.74 -67.56
C LYS G 78 35.80 16.32 -67.72
N GLY G 79 35.01 15.47 -68.36
CA GLY G 79 35.44 14.07 -68.56
C GLY G 79 35.31 13.15 -67.37
N GLN G 80 34.74 13.65 -66.29
CA GLN G 80 34.69 12.96 -64.97
C GLN G 80 33.36 13.02 -64.29
N THR G 81 33.22 12.15 -63.31
CA THR G 81 32.09 12.18 -62.39
C THR G 81 32.37 13.25 -61.34
N LEU G 82 31.35 14.04 -61.08
CA LEU G 82 31.33 14.96 -59.92
C LEU G 82 30.31 14.49 -58.89
N VAL G 83 30.78 14.30 -57.66
CA VAL G 83 29.91 14.06 -56.50
C VAL G 83 30.03 15.17 -55.42
N VAL G 84 28.86 15.72 -55.08
CA VAL G 84 28.69 16.73 -54.04
C VAL G 84 27.81 16.13 -52.94
N GLN G 85 28.33 16.12 -51.73
CA GLN G 85 27.64 15.51 -50.61
C GLN G 85 27.83 16.25 -49.27
N PHE G 86 26.81 16.29 -48.44
CA PHE G 86 26.87 16.91 -47.13
C PHE G 86 25.70 16.45 -46.27
N THR G 87 25.79 16.66 -44.96
CA THR G 87 24.63 16.44 -44.07
C THR G 87 23.96 17.75 -43.65
N VAL G 88 22.65 17.68 -43.48
CA VAL G 88 21.81 18.79 -43.05
C VAL G 88 20.86 18.31 -41.94
N LYS G 89 20.77 19.14 -40.91
CA LYS G 89 19.94 18.86 -39.73
C LYS G 89 19.16 20.07 -39.30
N HIS G 90 17.87 20.06 -39.57
CA HIS G 90 17.01 21.16 -39.19
C HIS G 90 16.46 20.84 -37.80
N GLU G 91 17.35 20.87 -36.81
CA GLU G 91 16.97 20.72 -35.39
C GLU G 91 15.76 21.49 -34.93
N GLN G 92 15.63 22.69 -35.44
CA GLN G 92 14.64 23.64 -34.95
C GLN G 92 13.26 23.40 -35.50
N ASN G 93 13.07 22.35 -36.28
CA ASN G 93 11.79 22.15 -37.01
C ASN G 93 11.46 23.36 -37.87
N ILE G 94 12.15 23.46 -39.00
CA ILE G 94 12.20 24.70 -39.74
C ILE G 94 10.86 24.99 -40.39
N ASP G 95 10.49 26.28 -40.43
CA ASP G 95 9.24 26.71 -41.08
C ASP G 95 9.52 27.11 -42.53
N CYS G 96 10.56 27.91 -42.68
CA CYS G 96 10.97 28.42 -43.97
C CYS G 96 12.45 28.75 -43.94
N GLY G 97 13.19 28.14 -44.87
CA GLY G 97 14.63 28.36 -45.01
C GLY G 97 15.33 27.33 -45.90
N GLY G 98 16.42 27.74 -46.49
CA GLY G 98 17.24 26.90 -47.33
C GLY G 98 18.23 26.04 -46.55
N GLY G 99 18.63 24.93 -47.16
CA GLY G 99 19.65 24.05 -46.63
C GLY G 99 20.57 23.56 -47.73
N TYR G 100 20.75 24.39 -48.73
CA TYR G 100 21.49 24.00 -49.95
C TYR G 100 22.85 24.66 -50.07
N VAL G 101 23.72 24.00 -50.83
CA VAL G 101 25.07 24.51 -51.11
C VAL G 101 25.16 25.04 -52.54
N LYS G 102 26.22 25.80 -52.76
CA LYS G 102 26.55 26.28 -54.09
C LYS G 102 28.01 26.07 -54.37
N LEU G 103 28.27 25.59 -55.57
CA LEU G 103 29.62 25.43 -56.07
C LEU G 103 29.92 26.54 -57.06
N PHE G 104 31.01 27.23 -56.80
CA PHE G 104 31.37 28.46 -57.51
C PHE G 104 32.69 28.30 -58.26
N PRO G 105 32.84 29.04 -59.38
CA PRO G 105 34.13 29.16 -60.01
C PRO G 105 35.09 29.83 -59.08
N ASN G 106 36.36 29.54 -59.27
CA ASN G 106 37.43 30.22 -58.51
C ASN G 106 37.54 31.74 -58.71
N SER G 107 36.89 32.28 -59.71
CA SER G 107 36.81 33.72 -59.89
C SER G 107 35.90 34.46 -58.88
N LEU G 108 35.16 33.73 -58.05
CA LEU G 108 34.35 34.35 -57.02
C LEU G 108 35.22 35.06 -55.96
N ASP G 109 34.87 36.31 -55.70
CA ASP G 109 35.39 37.04 -54.53
C ASP G 109 34.56 36.65 -53.30
N GLN G 110 35.15 35.82 -52.43
CA GLN G 110 34.45 35.25 -51.25
C GLN G 110 33.92 36.34 -50.32
N THR G 111 34.65 37.45 -50.23
CA THR G 111 34.25 38.55 -49.37
C THR G 111 33.11 39.36 -49.98
N ASP G 112 32.69 39.03 -51.21
CA ASP G 112 31.52 39.71 -51.82
C ASP G 112 30.40 38.75 -52.24
N MET G 113 30.50 37.50 -51.80
CA MET G 113 29.47 36.52 -52.11
C MET G 113 28.10 36.96 -51.65
N HIS G 114 27.12 36.78 -52.52
CA HIS G 114 25.73 37.01 -52.20
C HIS G 114 24.75 36.29 -53.13
N GLY G 115 23.47 36.45 -52.86
CA GLY G 115 22.40 35.78 -53.59
C GLY G 115 22.49 35.90 -55.10
N ASP G 116 23.12 36.94 -55.60
CA ASP G 116 23.25 37.12 -57.06
C ASP G 116 24.65 36.89 -57.60
N SER G 117 25.55 36.39 -56.78
CA SER G 117 26.83 35.93 -57.30
C SER G 117 26.62 34.73 -58.26
N GLU G 118 27.47 34.65 -59.28
CA GLU G 118 27.38 33.62 -60.31
C GLU G 118 28.01 32.30 -59.85
N TYR G 119 27.15 31.30 -59.65
CA TYR G 119 27.63 29.96 -59.29
C TYR G 119 27.52 29.02 -60.50
N ASN G 120 28.18 27.87 -60.42
CA ASN G 120 28.05 26.79 -61.44
C ASN G 120 26.88 25.86 -61.19
N ILE G 121 26.80 25.37 -59.95
CA ILE G 121 25.73 24.46 -59.50
C ILE G 121 25.23 24.85 -58.11
N MET G 122 23.92 24.72 -57.91
CA MET G 122 23.32 24.77 -56.61
C MET G 122 22.58 23.45 -56.30
N PHE G 123 22.76 22.94 -55.10
CA PHE G 123 22.14 21.67 -54.74
C PHE G 123 21.73 21.57 -53.27
N GLY G 124 20.48 21.22 -53.01
CA GLY G 124 20.10 20.80 -51.68
C GLY G 124 18.70 21.19 -51.27
N PRO G 125 18.33 20.85 -50.03
CA PRO G 125 16.94 21.02 -49.57
C PRO G 125 16.52 22.50 -49.36
N ASP G 126 15.26 22.75 -49.67
CA ASP G 126 14.64 24.04 -49.48
C ASP G 126 13.22 23.86 -48.99
N ILE G 127 12.96 24.52 -47.86
CA ILE G 127 11.69 24.41 -47.18
C ILE G 127 11.07 25.78 -47.06
N CYS G 128 9.79 25.87 -47.39
CA CYS G 128 9.03 27.05 -47.12
C CYS G 128 7.56 26.72 -46.95
N GLY G 129 7.17 26.59 -45.70
CA GLY G 129 5.80 26.26 -45.32
C GLY G 129 5.45 24.80 -45.62
N PRO G 130 4.24 24.34 -45.22
CA PRO G 130 3.76 23.00 -45.67
C PRO G 130 3.85 22.73 -47.21
N GLY G 131 3.71 23.76 -48.07
CA GLY G 131 3.72 23.59 -49.53
C GLY G 131 5.03 23.26 -50.24
N THR G 132 6.15 23.72 -49.72
CA THR G 132 7.48 23.53 -50.34
C THR G 132 8.41 22.71 -49.46
N LYS G 133 8.69 21.50 -49.92
CA LYS G 133 9.67 20.63 -49.32
C LYS G 133 10.41 19.97 -50.49
N LYS G 134 11.41 20.65 -50.97
CA LYS G 134 11.93 20.37 -52.29
C LYS G 134 13.46 20.29 -52.24
N VAL G 135 14.03 19.42 -53.08
CA VAL G 135 15.47 19.42 -53.35
C VAL G 135 15.76 20.16 -54.66
N HIS G 136 16.48 21.26 -54.54
CA HIS G 136 16.95 22.00 -55.69
C HIS G 136 18.16 21.35 -56.33
N VAL G 137 18.13 21.29 -57.66
CA VAL G 137 19.31 20.96 -58.46
C VAL G 137 19.32 21.99 -59.60
N ILE G 138 20.22 22.95 -59.48
CA ILE G 138 20.27 24.06 -60.42
C ILE G 138 21.60 24.08 -61.14
N PHE G 139 21.52 24.20 -62.45
CA PHE G 139 22.72 24.31 -63.27
C PHE G 139 22.74 25.66 -63.91
N ASN G 140 23.88 26.30 -63.85
CA ASN G 140 24.08 27.53 -64.57
C ASN G 140 24.56 27.25 -66.00
N TYR G 141 23.80 27.77 -66.96
CA TYR G 141 24.07 27.55 -68.37
C TYR G 141 23.66 28.76 -69.19
N LYS G 142 24.58 29.24 -70.03
CA LYS G 142 24.33 30.43 -70.90
C LYS G 142 23.75 31.57 -70.13
N GLY G 143 24.35 31.85 -68.98
CA GLY G 143 23.93 32.98 -68.12
C GLY G 143 22.56 32.85 -67.51
N LYS G 144 22.00 31.65 -67.52
CA LYS G 144 20.75 31.37 -66.84
C LYS G 144 20.97 30.30 -65.77
N ASN G 145 20.22 30.42 -64.68
CA ASN G 145 20.16 29.41 -63.63
C ASN G 145 18.99 28.53 -63.87
N VAL G 146 19.25 27.32 -64.33
CA VAL G 146 18.17 26.46 -64.80
C VAL G 146 17.80 25.46 -63.70
N LEU G 147 16.51 25.42 -63.40
CA LEU G 147 15.98 24.62 -62.30
C LEU G 147 15.51 23.25 -62.75
N ILE G 148 15.75 22.22 -61.96
CA ILE G 148 15.35 20.88 -62.37
C ILE G 148 13.84 20.85 -62.49
N ASN G 149 13.32 20.09 -63.45
CA ASN G 149 11.86 19.94 -63.69
C ASN G 149 11.21 18.81 -62.94
N LYS G 150 12.00 17.95 -62.34
CA LYS G 150 11.46 16.89 -61.50
C LYS G 150 11.23 17.40 -60.08
N ASP G 151 10.20 16.88 -59.47
CA ASP G 151 9.86 17.25 -58.12
C ASP G 151 10.46 16.25 -57.13
N ILE G 152 11.46 16.68 -56.38
CA ILE G 152 12.14 15.85 -55.40
C ILE G 152 11.80 16.34 -54.03
N ARG G 153 11.21 15.50 -53.22
CA ARG G 153 10.86 15.85 -51.90
C ARG G 153 12.08 15.77 -50.98
N CYS G 154 12.27 16.78 -50.15
CA CYS G 154 13.35 16.75 -49.20
C CYS G 154 12.84 16.23 -47.86
N LYS G 155 13.74 15.97 -46.92
CA LYS G 155 13.33 15.63 -45.55
C LYS G 155 13.03 16.89 -44.75
N ASP G 156 12.17 16.73 -43.76
CA ASP G 156 11.58 17.84 -43.06
C ASP G 156 11.62 17.72 -41.53
N ASP G 157 11.93 16.54 -41.01
CA ASP G 157 12.02 16.33 -39.57
C ASP G 157 13.24 16.99 -38.90
N GLU G 158 13.52 16.64 -37.67
CA GLU G 158 14.61 17.31 -36.90
C GLU G 158 15.94 16.61 -36.94
N PHE G 159 16.03 15.49 -37.64
CA PHE G 159 17.20 14.63 -37.62
C PHE G 159 18.19 14.97 -38.72
N THR G 160 19.38 14.37 -38.63
CA THR G 160 20.46 14.58 -39.63
C THR G 160 20.17 13.79 -40.93
N HIS G 161 20.18 14.45 -42.08
CA HIS G 161 20.03 13.73 -43.35
C HIS G 161 21.18 14.00 -44.29
N LEU G 162 21.56 12.93 -45.02
CA LEU G 162 22.61 12.94 -46.05
C LEU G 162 22.07 13.26 -47.45
N TYR G 163 22.63 14.30 -48.07
CA TYR G 163 22.24 14.73 -49.42
C TYR G 163 23.42 14.55 -50.38
N THR G 164 23.16 13.88 -51.49
CA THR G 164 24.24 13.51 -52.44
C THR G 164 23.78 13.80 -53.86
N LEU G 165 24.60 14.56 -54.58
CA LEU G 165 24.38 14.81 -55.99
C LEU G 165 25.50 14.18 -56.77
N ILE G 166 25.11 13.38 -57.76
CA ILE G 166 26.05 12.73 -58.69
C ILE G 166 25.79 13.21 -60.10
N VAL G 167 26.84 13.72 -60.70
CA VAL G 167 26.78 14.22 -62.10
C VAL G 167 27.88 13.52 -62.93
N ARG G 168 27.47 12.90 -64.04
CA ARG G 168 28.38 12.07 -64.85
C ARG G 168 28.62 12.65 -66.26
N PRO G 169 29.79 12.35 -66.85
CA PRO G 169 30.16 12.89 -68.15
C PRO G 169 29.37 12.39 -69.37
N ASP G 170 28.45 11.46 -69.19
CA ASP G 170 27.41 11.24 -70.20
C ASP G 170 26.15 12.05 -69.95
N ASN G 171 26.23 13.08 -69.10
CA ASN G 171 25.12 13.97 -68.78
C ASN G 171 24.01 13.25 -68.05
N THR G 172 24.31 12.16 -67.37
CA THR G 172 23.37 11.58 -66.44
C THR G 172 23.61 12.14 -65.05
N TYR G 173 22.58 12.09 -64.24
CA TYR G 173 22.71 12.54 -62.84
C TYR G 173 21.89 11.61 -61.94
N GLU G 174 22.25 11.60 -60.69
CA GLU G 174 21.51 10.90 -59.68
C GLU G 174 21.48 11.74 -58.42
N VAL G 175 20.34 11.73 -57.75
CA VAL G 175 20.21 12.37 -56.42
C VAL G 175 19.89 11.30 -55.40
N LYS G 176 20.64 11.33 -54.32
CA LYS G 176 20.41 10.48 -53.15
C LYS G 176 20.12 11.24 -51.82
N ILE G 177 19.23 10.68 -51.03
CA ILE G 177 18.95 11.11 -49.68
C ILE G 177 19.18 9.93 -48.77
N ASP G 178 19.97 10.15 -47.71
CA ASP G 178 20.35 9.07 -46.77
C ASP G 178 20.89 7.85 -47.50
N ASN G 179 21.78 8.12 -48.45
CA ASN G 179 22.51 7.11 -49.24
C ASN G 179 21.62 6.20 -50.06
N SER G 180 20.49 6.69 -50.47
CA SER G 180 19.56 5.88 -51.23
C SER G 180 18.94 6.76 -52.28
N GLN G 181 18.95 6.24 -53.50
CA GLN G 181 18.54 7.01 -54.68
C GLN G 181 17.12 7.48 -54.55
N VAL G 182 16.86 8.73 -54.91
CA VAL G 182 15.49 9.26 -54.94
C VAL G 182 15.14 9.84 -56.26
N GLU G 183 16.14 10.12 -57.08
CA GLU G 183 15.88 10.63 -58.42
C GLU G 183 17.06 10.37 -59.39
N SER G 184 16.75 10.21 -60.66
CA SER G 184 17.80 10.06 -61.66
C SER G 184 17.30 10.41 -63.06
N GLY G 185 18.23 10.65 -63.95
CA GLY G 185 17.90 10.87 -65.35
C GLY G 185 19.04 11.55 -66.10
N SER G 186 18.69 12.28 -67.13
CA SER G 186 19.63 12.99 -67.97
C SER G 186 19.34 14.46 -67.93
N LEU G 187 20.40 15.23 -68.01
CA LEU G 187 20.33 16.70 -68.00
C LEU G 187 19.46 17.22 -69.12
N GLU G 188 19.56 16.63 -70.31
CA GLU G 188 18.83 17.16 -71.46
C GLU G 188 17.33 16.98 -71.22
N ASP G 189 16.92 15.94 -70.48
CA ASP G 189 15.46 15.69 -70.33
C ASP G 189 14.90 16.43 -69.13
N ASP G 190 15.68 16.54 -68.07
CA ASP G 190 15.10 16.94 -66.78
C ASP G 190 15.24 18.44 -66.50
N TRP G 191 15.90 19.14 -67.42
CA TRP G 191 16.00 20.60 -67.42
C TRP G 191 15.70 21.12 -68.82
N ASP G 192 15.16 22.34 -68.90
CA ASP G 192 15.00 23.05 -70.18
C ASP G 192 16.22 23.87 -70.53
N PHE G 193 17.30 23.26 -70.94
CA PHE G 193 18.47 24.01 -71.37
C PHE G 193 18.25 24.57 -72.81
N LEU G 194 17.67 23.71 -73.66
CA LEU G 194 17.55 23.87 -75.07
C LEU G 194 16.26 23.27 -75.58
N PRO G 195 15.77 23.76 -76.70
CA PRO G 195 14.55 23.22 -77.32
C PRO G 195 14.61 21.76 -77.70
N GLY G 196 15.77 21.25 -78.07
CA GLY G 196 15.82 19.83 -78.38
C GLY G 196 17.20 19.36 -78.03
N SER G 197 17.45 18.07 -78.23
CA SER G 197 18.79 17.56 -78.09
C SER G 197 19.63 18.18 -79.23
N GLY G 198 20.91 18.34 -79.00
CA GLY G 198 21.45 18.23 -77.67
C GLY G 198 22.83 18.84 -77.77
N ASP G 199 23.70 19.24 -76.58
CA ASP G 199 24.96 19.83 -76.21
C ASP G 199 25.39 18.82 -75.18
N PRO G 200 26.32 17.96 -75.57
CA PRO G 200 26.73 16.93 -74.64
C PRO G 200 27.62 17.46 -73.49
N SER G 201 28.09 18.70 -73.56
CA SER G 201 28.95 19.30 -72.52
C SER G 201 28.24 20.10 -71.37
N ILE G 202 26.90 20.05 -71.31
CA ILE G 202 26.15 20.83 -70.30
C ILE G 202 26.61 20.58 -68.87
N TYR G 203 26.93 19.34 -68.57
CA TYR G 203 27.34 18.93 -67.23
C TYR G 203 28.63 19.61 -66.77
N ALA G 204 29.42 20.13 -67.70
CA ALA G 204 30.84 20.38 -67.44
C ALA G 204 31.15 21.84 -67.14
N TYR G 205 32.06 22.06 -66.17
CA TYR G 205 32.46 23.40 -65.76
C TYR G 205 33.97 23.43 -65.77
N ASP G 206 34.50 24.54 -66.26
CA ASP G 206 35.95 24.69 -66.38
C ASP G 206 36.62 24.69 -65.03
N ASN G 207 35.93 25.28 -64.08
CA ASN G 207 36.54 25.55 -62.82
C ASN G 207 35.55 25.55 -61.64
N PHE G 208 35.90 24.77 -60.63
CA PHE G 208 35.28 24.82 -59.35
C PHE G 208 36.36 25.22 -58.36
N GLY G 209 36.09 26.27 -57.54
CA GLY G 209 37.06 26.71 -56.52
C GLY G 209 36.49 27.01 -55.12
N VAL G 210 35.19 27.24 -55.03
CA VAL G 210 34.57 27.56 -53.79
C VAL G 210 33.25 26.84 -53.62
N LEU G 211 33.04 26.35 -52.39
CA LEU G 211 31.72 25.94 -51.89
C LEU G 211 31.14 26.99 -50.94
N GLY G 212 29.94 27.47 -51.24
CA GLY G 212 29.25 28.45 -50.39
C GLY G 212 27.94 28.00 -49.79
N LEU G 213 27.74 28.44 -48.56
CA LEU G 213 26.43 28.43 -47.91
C LEU G 213 25.87 29.85 -48.02
N ASP G 214 24.92 30.01 -48.91
CA ASP G 214 24.41 31.32 -49.28
C ASP G 214 22.91 31.17 -49.38
N LEU G 215 22.20 31.64 -48.35
CA LEU G 215 20.82 31.25 -48.14
C LEU G 215 20.08 32.11 -47.10
N TRP G 216 18.79 31.89 -47.03
CA TRP G 216 17.89 32.64 -46.21
C TRP G 216 17.21 31.71 -45.24
N GLN G 217 16.97 32.21 -44.04
CA GLN G 217 16.32 31.41 -42.96
C GLN G 217 15.44 32.25 -42.07
N VAL G 218 14.23 31.79 -41.81
CA VAL G 218 13.37 32.38 -40.83
C VAL G 218 13.86 31.73 -39.54
N LYS G 219 13.25 30.62 -39.10
CA LYS G 219 13.68 29.98 -37.86
C LYS G 219 15.03 29.32 -38.06
N SER G 220 15.99 29.69 -37.22
CA SER G 220 17.37 29.32 -37.37
C SER G 220 17.68 28.12 -36.57
N GLY G 221 18.92 27.63 -36.61
CA GLY G 221 19.29 26.38 -35.91
C GLY G 221 19.69 25.18 -36.78
N THR G 222 19.64 25.34 -38.10
CA THR G 222 20.14 24.30 -39.02
C THR G 222 21.61 24.05 -38.86
N ILE G 223 22.00 22.78 -38.79
CA ILE G 223 23.41 22.39 -38.73
C ILE G 223 23.88 21.65 -40.01
N PHE G 224 24.91 22.20 -40.63
CA PHE G 224 25.58 21.57 -41.80
C PHE G 224 26.91 20.87 -41.37
N ASP G 225 27.13 19.62 -41.79
CA ASP G 225 28.35 18.89 -41.42
C ASP G 225 28.75 17.98 -42.63
N ASN G 226 29.92 17.39 -42.48
CA ASN G 226 30.40 16.32 -43.31
C ASN G 226 30.35 16.58 -44.83
N PHE G 227 30.88 17.72 -45.23
CA PHE G 227 30.89 18.12 -46.61
C PHE G 227 31.94 17.24 -47.36
N LEU G 228 31.59 16.81 -48.56
CA LEU G 228 32.52 16.05 -49.42
C LEU G 228 32.30 16.40 -50.89
N ILE G 229 33.40 16.72 -51.56
CA ILE G 229 33.41 16.84 -53.00
C ILE G 229 34.46 15.88 -53.55
N THR G 230 34.00 14.97 -54.41
CA THR G 230 34.82 13.86 -54.89
C THR G 230 34.40 13.48 -56.33
N ASN G 231 35.16 12.57 -56.90
CA ASN G 231 34.88 12.09 -58.28
C ASN G 231 34.50 10.63 -58.27
N ASP G 232 34.31 10.07 -57.07
CA ASP G 232 34.08 8.65 -56.87
C ASP G 232 32.77 8.39 -56.08
N GLU G 233 31.78 7.82 -56.78
CA GLU G 233 30.44 7.53 -56.19
C GLU G 233 30.54 6.57 -55.02
N ALA G 234 31.36 5.55 -55.19
CA ALA G 234 31.52 4.53 -54.18
C ALA G 234 32.14 5.12 -52.92
N TYR G 235 33.14 5.95 -53.08
CA TYR G 235 33.74 6.62 -51.95
C TYR G 235 32.75 7.54 -51.23
N ALA G 236 31.97 8.29 -51.99
CA ALA G 236 30.94 9.11 -51.41
C ALA G 236 30.02 8.26 -50.54
N GLU G 237 29.67 7.08 -51.01
CA GLU G 237 28.73 6.19 -50.28
C GLU G 237 29.37 5.66 -49.00
N GLU G 238 30.65 5.30 -49.07
CA GLU G 238 31.45 4.88 -47.93
C GLU G 238 31.51 5.98 -46.85
N PHE G 239 31.86 7.17 -47.26
CA PHE G 239 31.99 8.31 -46.36
C PHE G 239 30.62 8.67 -45.70
N GLY G 240 29.54 8.54 -46.49
CA GLY G 240 28.22 8.75 -46.02
C GLY G 240 27.88 7.77 -44.92
N ASN G 241 28.27 6.50 -45.07
CA ASN G 241 28.04 5.51 -44.03
C ASN G 241 28.94 5.66 -42.81
N GLU G 242 30.09 6.27 -42.98
CA GLU G 242 31.04 6.53 -41.89
C GLU G 242 30.67 7.82 -41.14
N THR G 243 29.79 8.65 -41.71
CA THR G 243 29.44 9.93 -41.09
C THR G 243 27.95 9.91 -40.67
N TRP G 244 27.04 10.22 -41.58
CA TRP G 244 25.60 10.10 -41.35
C TRP G 244 25.22 8.74 -40.76
N GLY G 245 25.79 7.70 -41.33
CA GLY G 245 25.47 6.36 -40.92
C GLY G 245 25.91 6.01 -39.52
N VAL G 246 26.85 6.75 -39.00
CA VAL G 246 27.35 6.57 -37.62
C VAL G 246 26.60 7.50 -36.64
N THR G 247 26.15 8.65 -37.11
CA THR G 247 25.35 9.58 -36.34
C THR G 247 23.96 9.00 -35.99
N LYS G 248 23.34 8.45 -37.01
CA LYS G 248 21.89 8.20 -37.11
C LYS G 248 21.16 7.61 -35.89
N ALA G 249 21.59 6.44 -35.45
CA ALA G 249 20.87 5.65 -34.43
C ALA G 249 21.00 6.23 -33.02
N ALA G 250 22.21 6.65 -32.67
CA ALA G 250 22.47 7.31 -31.38
C ALA G 250 21.76 8.67 -31.29
N GLU G 251 21.77 9.43 -32.39
CA GLU G 251 21.04 10.72 -32.43
C GLU G 251 19.53 10.50 -32.10
N LYS G 252 18.93 9.55 -32.78
CA LYS G 252 17.51 9.23 -32.63
C LYS G 252 17.21 8.73 -31.19
N GLN G 253 18.07 7.90 -30.64
CA GLN G 253 17.94 7.44 -29.28
C GLN G 253 18.01 8.59 -28.24
N MET G 254 18.98 9.48 -28.38
CA MET G 254 19.08 10.62 -27.46
C MET G 254 17.84 11.52 -27.55
N LYS G 255 17.35 11.73 -28.77
CA LYS G 255 16.19 12.60 -28.95
C LYS G 255 14.90 11.98 -28.38
N ASP G 256 14.71 10.69 -28.61
CA ASP G 256 13.57 9.99 -28.00
C ASP G 256 13.57 10.15 -26.47
N LYS G 257 14.75 10.08 -25.87
CA LYS G 257 14.87 10.15 -24.44
C LYS G 257 14.45 11.55 -24.00
N GLN G 258 14.91 12.58 -24.70
CA GLN G 258 14.57 13.96 -24.36
C GLN G 258 13.09 14.24 -24.54
N ASP G 259 12.50 13.65 -25.56
CA ASP G 259 11.06 13.79 -25.80
C ASP G 259 10.27 13.18 -24.65
N GLU G 260 10.67 12.00 -24.20
CA GLU G 260 10.06 11.38 -23.02
C GLU G 260 10.19 12.20 -21.76
N GLU G 261 11.34 12.76 -21.48
CA GLU G 261 11.52 13.59 -20.32
C GLU G 261 10.70 14.88 -20.38
N GLN G 262 10.57 15.43 -21.57
CA GLN G 262 9.68 16.54 -21.81
C GLN G 262 8.22 16.23 -21.44
N ARG G 263 7.74 15.06 -21.87
CA ARG G 263 6.36 14.60 -21.57
C ARG G 263 6.06 14.43 -20.07
N LEU G 264 7.08 14.26 -19.23
CA LEU G 264 6.88 14.08 -17.78
C LEU G 264 7.16 15.31 -16.91
N PRO H 10 -41.76 38.32 0.43
CA PRO H 10 -40.78 37.26 0.72
C PRO H 10 -40.98 36.09 -0.22
N ALA H 11 -40.00 35.81 -1.03
CA ALA H 11 -40.12 34.76 -2.04
C ALA H 11 -39.71 33.40 -1.45
N VAL H 12 -40.55 32.40 -1.63
CA VAL H 12 -40.28 31.06 -1.16
C VAL H 12 -40.11 30.22 -2.40
N TYR H 13 -38.87 29.96 -2.78
CA TYR H 13 -38.59 29.21 -4.00
C TYR H 13 -38.75 27.70 -3.82
N PHE H 14 -38.64 27.25 -2.57
CA PHE H 14 -38.72 25.84 -2.22
C PHE H 14 -38.92 25.65 -0.75
N LYS H 15 -39.87 24.78 -0.43
CA LYS H 15 -40.13 24.38 0.95
C LYS H 15 -40.47 22.89 0.96
N GLU H 16 -39.89 22.13 1.88
CA GLU H 16 -40.23 20.69 2.04
C GLU H 16 -40.15 20.26 3.49
N GLN H 17 -41.31 19.88 4.02
CA GLN H 17 -41.36 19.39 5.40
C GLN H 17 -41.81 17.94 5.55
N PHE H 18 -42.18 17.33 4.43
CA PHE H 18 -42.67 15.97 4.40
C PHE H 18 -43.81 15.81 5.41
N LEU H 19 -44.80 16.69 5.37
CA LEU H 19 -45.96 16.63 6.28
C LEU H 19 -47.18 15.83 5.71
N ASP H 20 -47.17 15.52 4.41
CA ASP H 20 -48.39 15.01 3.71
C ASP H 20 -48.26 13.53 3.29
N GLY H 21 -47.96 12.71 4.28
CA GLY H 21 -47.73 11.31 4.07
C GLY H 21 -46.66 10.99 3.06
N ASP H 22 -47.02 10.18 2.08
CA ASP H 22 -46.13 9.75 0.99
C ASP H 22 -46.10 10.77 -0.19
N GLY H 23 -46.76 11.92 -0.02
CA GLY H 23 -46.75 13.00 -1.06
C GLY H 23 -45.36 13.30 -1.65
N TRP H 24 -44.35 13.30 -0.79
CA TRP H 24 -42.99 13.58 -1.21
C TRP H 24 -42.50 12.72 -2.39
N THR H 25 -43.02 11.49 -2.54
CA THR H 25 -42.54 10.56 -3.57
C THR H 25 -42.89 11.06 -4.96
N SER H 26 -43.81 12.02 -5.06
CA SER H 26 -44.07 12.70 -6.35
C SER H 26 -43.24 13.97 -6.55
N ARG H 27 -42.49 14.41 -5.54
CA ARG H 27 -41.71 15.67 -5.61
C ARG H 27 -40.21 15.42 -5.72
N TRP H 28 -39.77 14.18 -5.48
CA TRP H 28 -38.36 13.90 -5.50
C TRP H 28 -38.08 12.77 -6.48
N ILE H 29 -36.91 12.78 -7.07
CA ILE H 29 -36.56 11.87 -8.14
C ILE H 29 -35.22 11.21 -7.81
N GLU H 30 -35.16 9.90 -7.96
CA GLU H 30 -33.98 9.15 -7.74
C GLU H 30 -33.14 9.15 -8.97
N SER H 31 -31.86 9.42 -8.83
CA SER H 31 -30.95 9.27 -9.97
C SER H 31 -30.81 7.79 -10.32
N LYS H 32 -30.77 7.48 -11.61
CA LYS H 32 -30.44 6.14 -12.07
C LYS H 32 -29.01 6.07 -12.64
N HIS H 33 -28.17 7.06 -12.34
CA HIS H 33 -26.81 7.09 -12.89
C HIS H 33 -26.05 5.79 -12.58
N LYS H 34 -26.30 5.27 -11.38
CA LYS H 34 -25.77 3.96 -10.94
C LYS H 34 -26.95 3.09 -10.52
N SER H 35 -26.68 1.77 -10.47
CA SER H 35 -27.70 0.78 -10.10
C SER H 35 -27.76 0.47 -8.61
N ASP H 36 -26.73 0.88 -7.85
CA ASP H 36 -26.55 0.55 -6.42
C ASP H 36 -26.48 1.76 -5.48
N PHE H 37 -27.12 2.85 -5.87
CA PHE H 37 -27.38 3.95 -4.90
C PHE H 37 -28.19 3.45 -3.68
N GLY H 38 -27.86 3.95 -2.50
CA GLY H 38 -28.67 3.74 -1.32
C GLY H 38 -30.03 4.40 -1.45
N LYS H 39 -30.96 3.99 -0.64
CA LYS H 39 -32.32 4.47 -0.71
C LYS H 39 -32.60 5.36 0.48
N PHE H 40 -33.27 6.47 0.22
CA PHE H 40 -33.88 7.25 1.30
C PHE H 40 -35.20 6.64 1.64
N VAL H 41 -35.53 6.72 2.91
CA VAL H 41 -36.85 6.32 3.42
C VAL H 41 -37.45 7.45 4.26
N LEU H 42 -38.76 7.55 4.31
CA LEU H 42 -39.43 8.52 5.20
C LEU H 42 -39.47 7.99 6.62
N SER H 43 -38.97 8.78 7.56
CA SER H 43 -38.84 8.36 8.95
C SER H 43 -38.62 9.50 9.90
N SER H 44 -39.08 9.30 11.11
CA SER H 44 -38.85 10.22 12.22
C SER H 44 -37.89 9.62 13.29
N GLY H 45 -37.41 8.42 13.00
CA GLY H 45 -36.39 7.73 13.81
C GLY H 45 -36.88 7.32 15.16
N LYS H 46 -35.94 6.97 16.02
CA LYS H 46 -36.28 6.35 17.33
C LYS H 46 -36.70 7.34 18.41
N PHE H 47 -36.17 8.54 18.35
CA PHE H 47 -36.62 9.65 19.19
C PHE H 47 -36.83 10.91 18.35
N TYR H 48 -37.66 11.81 18.87
CA TYR H 48 -38.16 12.93 18.12
C TYR H 48 -38.91 13.85 19.04
N GLY H 49 -39.14 15.06 18.57
CA GLY H 49 -40.01 15.99 19.28
C GLY H 49 -41.47 15.71 19.02
N ASP H 50 -41.80 15.36 17.78
CA ASP H 50 -43.17 15.01 17.39
C ASP H 50 -43.06 13.96 16.33
N GLU H 51 -43.72 12.82 16.55
CA GLU H 51 -43.55 11.66 15.67
C GLU H 51 -43.81 11.94 14.19
N GLU H 52 -44.78 12.82 13.95
CA GLU H 52 -45.23 13.16 12.57
C GLU H 52 -44.46 14.35 11.98
N LYS H 53 -44.37 15.45 12.73
CA LYS H 53 -43.64 16.64 12.23
C LYS H 53 -42.20 16.33 11.84
N ASP H 54 -41.56 15.49 12.66
CA ASP H 54 -40.15 15.26 12.55
C ASP H 54 -39.80 14.17 11.56
N LYS H 55 -40.76 13.78 10.75
CA LYS H 55 -40.44 12.93 9.61
C LYS H 55 -39.61 13.69 8.57
N GLY H 56 -38.62 13.00 8.02
CA GLY H 56 -37.83 13.50 6.93
C GLY H 56 -37.20 12.38 6.14
N LEU H 57 -36.28 12.72 5.28
CA LEU H 57 -35.61 11.68 4.48
C LEU H 57 -34.44 11.10 5.22
N GLN H 58 -34.46 9.76 5.39
CA GLN H 58 -33.47 9.09 6.16
C GLN H 58 -32.66 8.17 5.29
N THR H 59 -31.35 8.26 5.37
CA THR H 59 -30.50 7.31 4.67
C THR H 59 -30.65 5.90 5.33
N SER H 60 -30.91 4.88 4.51
CA SER H 60 -31.36 3.57 5.03
C SER H 60 -30.35 2.45 4.82
N GLN H 61 -29.22 2.74 4.20
CA GLN H 61 -28.22 1.71 3.91
C GLN H 61 -26.79 2.18 4.12
N LYS H 62 -26.03 1.28 4.68
CA LYS H 62 -24.68 1.56 5.09
C LYS H 62 -23.72 1.51 3.89
N ALA H 63 -22.71 2.34 3.94
CA ALA H 63 -21.65 2.37 2.92
C ALA H 63 -22.23 2.48 1.54
N ARG H 64 -22.93 3.59 1.30
CA ARG H 64 -23.55 3.85 0.01
C ARG H 64 -23.47 5.30 -0.41
N PHE H 65 -23.48 5.49 -1.73
CA PHE H 65 -23.77 6.77 -2.34
C PHE H 65 -25.27 6.97 -2.45
N TYR H 66 -25.66 8.21 -2.27
CA TYR H 66 -27.06 8.61 -2.36
C TYR H 66 -27.20 9.71 -3.42
N ALA H 67 -28.37 9.76 -4.03
CA ALA H 67 -28.61 10.70 -5.10
C ALA H 67 -30.10 10.85 -5.33
N LEU H 68 -30.70 11.79 -4.62
CA LEU H 68 -32.11 12.08 -4.72
C LEU H 68 -32.25 13.61 -4.86
N SER H 69 -33.17 14.08 -5.69
CA SER H 69 -33.32 15.52 -5.91
C SER H 69 -34.73 15.99 -6.16
N ALA H 70 -34.92 17.26 -5.90
CA ALA H 70 -36.24 17.90 -6.02
C ALA H 70 -36.10 19.17 -6.88
N SER H 71 -36.94 19.24 -7.92
CA SER H 71 -37.07 20.45 -8.80
C SER H 71 -38.06 21.46 -8.23
N PHE H 72 -37.83 22.70 -8.61
CA PHE H 72 -38.72 23.82 -8.26
C PHE H 72 -38.70 24.80 -9.44
N GLU H 73 -39.69 25.68 -9.48
CA GLU H 73 -39.74 26.78 -10.46
C GLU H 73 -38.40 27.54 -10.43
N PRO H 74 -37.68 27.55 -11.56
CA PRO H 74 -36.35 28.14 -11.57
C PRO H 74 -36.32 29.63 -11.17
N PHE H 75 -35.19 30.07 -10.66
CA PHE H 75 -35.00 31.44 -10.24
C PHE H 75 -33.54 31.78 -10.30
N SER H 76 -33.28 33.09 -10.23
CA SER H 76 -31.93 33.64 -10.17
C SER H 76 -31.82 34.46 -8.90
N ASN H 77 -30.65 34.42 -8.25
CA ASN H 77 -30.40 35.26 -7.03
C ASN H 77 -29.75 36.64 -7.39
N LYS H 78 -29.60 36.89 -8.69
CA LYS H 78 -29.07 38.17 -9.20
C LYS H 78 -29.77 39.34 -8.55
N GLY H 79 -29.01 40.22 -7.92
CA GLY H 79 -29.60 41.40 -7.29
C GLY H 79 -30.35 41.16 -6.00
N GLN H 80 -30.27 39.93 -5.50
CA GLN H 80 -31.03 39.51 -4.31
C GLN H 80 -30.22 38.76 -3.28
N THR H 81 -30.79 38.67 -2.08
CA THR H 81 -30.34 37.74 -1.07
C THR H 81 -30.82 36.31 -1.39
N LEU H 82 -29.92 35.36 -1.23
CA LEU H 82 -30.25 33.92 -1.29
C LEU H 82 -30.03 33.29 0.07
N VAL H 83 -31.06 32.62 0.57
CA VAL H 83 -30.99 31.84 1.79
C VAL H 83 -31.35 30.37 1.52
N VAL H 84 -30.41 29.50 1.89
CA VAL H 84 -30.56 28.06 1.87
C VAL H 84 -30.52 27.50 3.29
N GLN H 85 -31.54 26.75 3.66
CA GLN H 85 -31.72 26.30 5.05
C GLN H 85 -32.36 24.87 5.12
N PHE H 86 -31.90 24.04 6.05
CA PHE H 86 -32.48 22.75 6.30
C PHE H 86 -32.03 22.20 7.67
N THR H 87 -32.71 21.18 8.18
CA THR H 87 -32.29 20.48 9.39
C THR H 87 -31.62 19.15 9.07
N VAL H 88 -30.62 18.82 9.89
CA VAL H 88 -29.86 17.57 9.80
C VAL H 88 -29.73 16.92 11.16
N LYS H 89 -30.00 15.62 11.21
CA LYS H 89 -29.99 14.82 12.45
C LYS H 89 -29.26 13.50 12.23
N HIS H 90 -28.06 13.43 12.75
CA HIS H 90 -27.26 12.23 12.64
C HIS H 90 -27.58 11.34 13.86
N GLU H 91 -28.79 10.81 13.88
CA GLU H 91 -29.25 9.88 14.96
C GLU H 91 -28.30 8.77 15.31
N GLN H 92 -27.66 8.26 14.28
CA GLN H 92 -26.85 7.07 14.38
C GLN H 92 -25.47 7.31 15.01
N ASN H 93 -25.19 8.53 15.42
CA ASN H 93 -23.82 8.89 15.81
C ASN H 93 -22.83 8.57 14.68
N ILE H 94 -22.82 9.41 13.67
CA ILE H 94 -22.18 9.08 12.40
C ILE H 94 -20.66 9.04 12.56
N ASP H 95 -20.03 8.13 11.84
CA ASP H 95 -18.55 8.03 11.83
C ASP H 95 -17.97 8.83 10.67
N CYS H 96 -18.55 8.63 9.51
CA CYS H 96 -18.10 9.24 8.29
C CYS H 96 -19.28 9.29 7.32
N GLY H 97 -19.58 10.51 6.88
CA GLY H 97 -20.67 10.76 5.93
C GLY H 97 -21.05 12.23 5.81
N GLY H 98 -21.54 12.59 4.64
CA GLY H 98 -22.00 13.93 4.35
C GLY H 98 -23.43 14.20 4.84
N GLY H 99 -23.72 15.48 5.05
CA GLY H 99 -25.05 15.96 5.45
C GLY H 99 -25.40 17.25 4.72
N TYR H 100 -24.83 17.41 3.53
CA TYR H 100 -24.92 18.67 2.80
C TYR H 100 -25.83 18.58 1.58
N VAL H 101 -26.33 19.75 1.18
CA VAL H 101 -27.16 19.89 -0.01
C VAL H 101 -26.42 20.54 -1.15
N LYS H 102 -26.96 20.37 -2.34
CA LYS H 102 -26.46 21.01 -3.52
C LYS H 102 -27.58 21.67 -4.27
N LEU H 103 -27.30 22.89 -4.72
CA LEU H 103 -28.21 23.64 -5.58
C LEU H 103 -27.67 23.60 -6.99
N PHE H 104 -28.54 23.13 -7.90
CA PHE H 104 -28.19 22.90 -9.28
C PHE H 104 -28.93 23.82 -10.23
N PRO H 105 -28.32 24.12 -11.39
CA PRO H 105 -29.05 24.74 -12.49
C PRO H 105 -30.15 23.82 -12.97
N ASN H 106 -31.18 24.41 -13.52
CA ASN H 106 -32.26 23.66 -14.14
C ASN H 106 -31.88 22.77 -15.33
N SER H 107 -30.70 22.95 -15.88
CA SER H 107 -30.22 22.06 -16.93
C SER H 107 -29.82 20.65 -16.44
N LEU H 108 -29.81 20.43 -15.12
CA LEU H 108 -29.48 19.11 -14.60
C LEU H 108 -30.57 18.08 -14.96
N ASP H 109 -30.12 16.97 -15.52
CA ASP H 109 -30.98 15.76 -15.66
C ASP H 109 -31.00 15.02 -14.32
N GLN H 110 -32.12 15.14 -13.61
CA GLN H 110 -32.27 14.56 -12.26
C GLN H 110 -32.05 13.04 -12.23
N THR H 111 -32.42 12.37 -13.32
CA THR H 111 -32.26 10.90 -13.42
C THR H 111 -30.82 10.51 -13.70
N ASP H 112 -29.93 11.49 -13.92
CA ASP H 112 -28.50 11.19 -14.10
C ASP H 112 -27.59 11.88 -13.07
N MET H 113 -28.20 12.45 -12.04
CA MET H 113 -27.42 13.17 -11.01
C MET H 113 -26.39 12.24 -10.38
N HIS H 114 -25.17 12.76 -10.24
CA HIS H 114 -24.15 12.08 -9.49
C HIS H 114 -23.04 13.02 -8.97
N GLY H 115 -22.07 12.46 -8.28
CA GLY H 115 -21.00 13.19 -7.63
C GLY H 115 -20.30 14.17 -8.55
N ASP H 116 -20.29 13.93 -9.84
CA ASP H 116 -19.61 14.82 -10.78
C ASP H 116 -20.54 15.68 -11.59
N SER H 117 -21.83 15.68 -11.28
CA SER H 117 -22.73 16.61 -11.90
C SER H 117 -22.33 18.05 -11.47
N GLU H 118 -22.53 19.00 -12.40
CA GLU H 118 -22.21 20.40 -12.18
C GLU H 118 -23.31 21.10 -11.35
N TYR H 119 -22.96 21.47 -10.12
CA TYR H 119 -23.86 22.28 -9.28
C TYR H 119 -23.40 23.76 -9.24
N ASN H 120 -24.26 24.63 -8.75
CA ASN H 120 -23.91 26.04 -8.47
C ASN H 120 -23.28 26.26 -7.08
N ILE H 121 -23.98 25.79 -6.07
CA ILE H 121 -23.58 25.95 -4.67
C ILE H 121 -23.72 24.56 -3.94
N MET H 122 -22.76 24.23 -3.08
CA MET H 122 -22.90 23.14 -2.11
C MET H 122 -22.78 23.68 -0.70
N PHE H 123 -23.67 23.24 0.19
CA PHE H 123 -23.67 23.73 1.55
C PHE H 123 -24.07 22.68 2.60
N GLY H 124 -23.25 22.51 3.64
CA GLY H 124 -23.67 21.80 4.82
C GLY H 124 -22.62 20.95 5.52
N PRO H 125 -23.01 20.26 6.58
CA PRO H 125 -22.06 19.47 7.41
C PRO H 125 -21.45 18.23 6.72
N ASP H 126 -20.17 18.02 6.99
CA ASP H 126 -19.45 16.84 6.52
C ASP H 126 -18.56 16.31 7.66
N ILE H 127 -18.76 15.02 7.93
CA ILE H 127 -18.10 14.36 9.03
C ILE H 127 -17.32 13.18 8.48
N CYS H 128 -16.07 13.09 8.88
CA CYS H 128 -15.29 11.92 8.55
C CYS H 128 -14.22 11.69 9.57
N GLY H 129 -14.55 10.79 10.48
CA GLY H 129 -13.65 10.38 11.52
C GLY H 129 -13.41 11.49 12.52
N PRO H 130 -12.36 11.27 13.35
CA PRO H 130 -12.05 12.17 14.44
C PRO H 130 -11.67 13.57 13.94
N GLY H 131 -10.94 13.63 12.84
CA GLY H 131 -10.38 14.88 12.31
C GLY H 131 -11.30 15.86 11.62
N THR H 132 -12.40 15.39 11.01
CA THR H 132 -13.26 16.24 10.15
C THR H 132 -14.67 16.40 10.68
N LYS H 133 -14.97 17.62 11.12
CA LYS H 133 -16.32 18.05 11.49
C LYS H 133 -16.51 19.45 10.98
N LYS H 134 -16.91 19.55 9.74
CA LYS H 134 -16.72 20.75 8.99
C LYS H 134 -18.00 21.10 8.25
N VAL H 135 -18.27 22.41 8.11
CA VAL H 135 -19.34 22.90 7.26
C VAL H 135 -18.79 23.39 5.92
N HIS H 136 -19.18 22.68 4.87
CA HIS H 136 -18.78 23.04 3.53
C HIS H 136 -19.59 24.21 3.03
N VAL H 137 -18.91 25.15 2.40
CA VAL H 137 -19.58 26.18 1.60
C VAL H 137 -18.77 26.25 0.33
N ILE H 138 -19.36 25.73 -0.75
CA ILE H 138 -18.66 25.64 -2.03
C ILE H 138 -19.40 26.40 -3.10
N PHE H 139 -18.65 27.18 -3.84
CA PHE H 139 -19.20 27.95 -4.94
C PHE H 139 -18.55 27.46 -6.21
N ASN H 140 -19.38 27.22 -7.22
CA ASN H 140 -18.88 26.91 -8.54
C ASN H 140 -18.62 28.19 -9.33
N TYR H 141 -17.38 28.36 -9.79
CA TYR H 141 -16.97 29.56 -10.50
C TYR H 141 -15.91 29.23 -11.52
N LYS H 142 -16.13 29.66 -12.75
CA LYS H 142 -15.19 29.40 -13.84
C LYS H 142 -14.80 27.93 -13.87
N GLY H 143 -15.82 27.07 -13.83
CA GLY H 143 -15.64 25.61 -13.96
C GLY H 143 -14.84 24.96 -12.84
N LYS H 144 -14.66 25.69 -11.75
CA LYS H 144 -14.05 25.14 -10.57
C LYS H 144 -15.01 25.18 -9.42
N ASN H 145 -14.88 24.20 -8.54
CA ASN H 145 -15.62 24.15 -7.31
C ASN H 145 -14.74 24.68 -6.22
N VAL H 146 -15.07 25.87 -5.73
CA VAL H 146 -14.16 26.58 -4.81
C VAL H 146 -14.65 26.43 -3.39
N LEU H 147 -13.73 25.99 -2.53
CA LEU H 147 -14.03 25.67 -1.15
C LEU H 147 -13.77 26.82 -0.23
N ILE H 148 -14.64 27.02 0.75
CA ILE H 148 -14.42 28.12 1.67
C ILE H 148 -13.10 27.89 2.43
N ASN H 149 -12.38 28.96 2.72
CA ASN H 149 -11.08 28.90 3.43
C ASN H 149 -11.20 28.96 4.91
N LYS H 150 -12.36 29.32 5.41
CA LYS H 150 -12.58 29.38 6.84
C LYS H 150 -13.00 28.03 7.36
N ASP H 151 -12.58 27.75 8.58
CA ASP H 151 -12.87 26.49 9.19
C ASP H 151 -14.08 26.62 10.10
N ILE H 152 -15.18 26.01 9.67
CA ILE H 152 -16.44 26.07 10.40
C ILE H 152 -16.75 24.70 10.94
N ARG H 153 -16.87 24.61 12.23
CA ARG H 153 -17.13 23.35 12.85
C ARG H 153 -18.61 23.02 12.79
N CYS H 154 -18.92 21.77 12.45
CA CYS H 154 -20.30 21.40 12.39
C CYS H 154 -20.69 20.77 13.70
N LYS H 155 -21.96 20.49 13.89
CA LYS H 155 -22.39 19.66 15.03
C LYS H 155 -22.21 18.16 14.73
N ASP H 156 -22.03 17.38 15.78
CA ASP H 156 -21.77 15.94 15.60
C ASP H 156 -22.51 15.02 16.57
N ASP H 157 -23.29 15.57 17.49
CA ASP H 157 -24.13 14.73 18.38
C ASP H 157 -25.31 14.08 17.62
N GLU H 158 -26.27 13.54 18.36
CA GLU H 158 -27.36 12.79 17.74
C GLU H 158 -28.62 13.60 17.49
N PHE H 159 -28.61 14.88 17.86
CA PHE H 159 -29.79 15.71 17.84
C PHE H 159 -29.99 16.49 16.51
N THR H 160 -31.14 17.11 16.35
CA THR H 160 -31.49 17.84 15.13
C THR H 160 -30.79 19.22 15.15
N HIS H 161 -30.06 19.53 14.11
CA HIS H 161 -29.51 20.87 14.00
C HIS H 161 -29.93 21.61 12.75
N LEU H 162 -30.13 22.92 12.90
CA LEU H 162 -30.47 23.85 11.80
C LEU H 162 -29.26 24.46 11.13
N TYR H 163 -29.18 24.30 9.80
CA TYR H 163 -28.11 24.85 9.00
C TYR H 163 -28.61 25.89 8.03
N THR H 164 -27.99 27.06 8.04
CA THR H 164 -28.47 28.22 7.23
C THR H 164 -27.29 28.90 6.55
N LEU H 165 -27.42 29.04 5.23
CA LEU H 165 -26.47 29.80 4.46
C LEU H 165 -27.18 31.03 3.88
N ILE H 166 -26.60 32.19 4.15
CA ILE H 166 -27.09 33.48 3.64
C ILE H 166 -26.03 34.07 2.68
N VAL H 167 -26.44 34.34 1.45
CA VAL H 167 -25.57 34.97 0.43
C VAL H 167 -26.22 36.26 -0.06
N ARG H 168 -25.50 37.37 0.02
CA ARG H 168 -26.04 38.71 -0.31
C ARG H 168 -25.41 39.36 -1.52
N PRO H 169 -26.16 40.24 -2.22
CA PRO H 169 -25.69 40.80 -3.52
C PRO H 169 -24.53 41.80 -3.41
N ASP H 170 -24.11 42.15 -2.20
CA ASP H 170 -22.81 42.81 -2.02
C ASP H 170 -21.67 41.81 -1.79
N ASN H 171 -21.89 40.53 -2.11
CA ASN H 171 -20.89 39.48 -1.97
C ASN H 171 -20.52 39.25 -0.52
N THR H 172 -21.40 39.58 0.40
CA THR H 172 -21.23 39.13 1.78
C THR H 172 -21.98 37.83 2.00
N TYR H 173 -21.57 37.08 3.00
CA TYR H 173 -22.29 35.84 3.33
C TYR H 173 -22.28 35.66 4.83
N GLU H 174 -23.18 34.84 5.28
CA GLU H 174 -23.24 34.47 6.70
C GLU H 174 -23.66 33.00 6.80
N VAL H 175 -23.07 32.30 7.74
CA VAL H 175 -23.46 30.92 8.06
C VAL H 175 -23.96 30.87 9.49
N LYS H 176 -25.12 30.24 9.64
CA LYS H 176 -25.71 29.99 10.94
C LYS H 176 -25.92 28.50 11.23
N ILE H 177 -25.73 28.16 12.49
CA ILE H 177 -26.10 26.86 13.04
C ILE H 177 -27.05 27.07 14.20
N ASP H 178 -28.15 26.33 14.19
CA ASP H 178 -29.19 26.52 15.21
C ASP H 178 -29.61 27.97 15.39
N ASN H 179 -29.83 28.64 14.25
CA ASN H 179 -30.26 30.05 14.15
C ASN H 179 -29.34 31.05 14.81
N SER H 180 -28.08 30.74 14.88
CA SER H 180 -27.13 31.64 15.52
C SER H 180 -25.85 31.66 14.70
N GLN H 181 -25.35 32.87 14.42
CA GLN H 181 -24.24 33.06 13.47
C GLN H 181 -23.01 32.36 13.95
N VAL H 182 -22.33 31.67 13.06
CA VAL H 182 -21.05 31.02 13.41
C VAL H 182 -19.95 31.51 12.52
N GLU H 183 -20.30 32.09 11.39
CA GLU H 183 -19.27 32.57 10.47
C GLU H 183 -19.85 33.67 9.54
N SER H 184 -18.99 34.60 9.15
CA SER H 184 -19.39 35.65 8.18
C SER H 184 -18.22 36.31 7.51
N GLY H 185 -18.49 36.96 6.39
CA GLY H 185 -17.47 37.68 5.69
C GLY H 185 -17.84 37.99 4.27
N SER H 186 -16.83 38.12 3.42
N SER H 186 -16.84 38.11 3.43
CA SER H 186 -17.02 38.41 2.00
CA SER H 186 -17.03 38.42 2.02
C SER H 186 -16.44 37.30 1.15
C SER H 186 -16.44 37.31 1.15
N LEU H 187 -17.12 37.06 0.03
CA LEU H 187 -16.72 36.04 -0.91
C LEU H 187 -15.30 36.26 -1.39
N GLU H 188 -14.92 37.51 -1.63
CA GLU H 188 -13.63 37.79 -2.23
C GLU H 188 -12.51 37.46 -1.24
N ASP H 189 -12.77 37.55 0.07
CA ASP H 189 -11.74 37.27 1.09
C ASP H 189 -11.72 35.79 1.51
N ASP H 190 -12.89 35.17 1.60
CA ASP H 190 -12.99 33.85 2.24
C ASP H 190 -12.94 32.65 1.25
N TRP H 191 -12.84 32.96 -0.03
CA TRP H 191 -12.53 31.97 -1.09
C TRP H 191 -11.46 32.52 -2.01
N ASP H 192 -10.69 31.63 -2.62
CA ASP H 192 -9.71 31.98 -3.65
C ASP H 192 -10.35 31.90 -5.02
N PHE H 193 -11.22 32.82 -5.36
CA PHE H 193 -11.77 32.87 -6.73
C PHE H 193 -10.73 33.44 -7.70
N LEU H 194 -10.10 34.53 -7.24
CA LEU H 194 -9.21 35.41 -7.99
C LEU H 194 -8.06 35.90 -7.10
N PRO H 195 -6.93 36.25 -7.70
CA PRO H 195 -5.80 36.85 -6.97
C PRO H 195 -6.11 38.14 -6.20
N GLY H 196 -7.04 38.96 -6.65
CA GLY H 196 -7.36 40.14 -5.90
C GLY H 196 -8.81 40.45 -6.16
N SER H 197 -9.30 41.51 -5.54
CA SER H 197 -10.68 41.91 -5.68
C SER H 197 -10.94 42.26 -7.15
N GLY H 198 -12.11 41.83 -7.60
CA GLY H 198 -12.40 41.77 -9.01
C GLY H 198 -13.84 42.03 -9.35
N ASP H 199 -14.44 40.69 -9.40
CA ASP H 199 -15.70 40.33 -10.01
C ASP H 199 -16.83 40.46 -8.97
N PRO H 200 -17.67 41.48 -9.12
CA PRO H 200 -18.67 41.72 -8.07
C PRO H 200 -19.87 40.78 -8.22
N SER H 201 -19.93 40.06 -9.34
CA SER H 201 -21.01 39.11 -9.63
C SER H 201 -20.76 37.62 -9.20
N ILE H 202 -19.70 37.35 -8.44
CA ILE H 202 -19.33 35.99 -8.02
C ILE H 202 -20.52 35.26 -7.33
N TYR H 203 -21.25 35.98 -6.49
CA TYR H 203 -22.35 35.42 -5.72
C TYR H 203 -23.49 34.90 -6.59
N ALA H 204 -23.53 35.33 -7.85
CA ALA H 204 -24.79 35.25 -8.62
C ALA H 204 -24.82 34.10 -9.61
N TYR H 205 -25.99 33.48 -9.74
CA TYR H 205 -26.21 32.36 -10.67
C TYR H 205 -27.46 32.67 -11.48
N ASP H 206 -27.37 32.37 -12.76
CA ASP H 206 -28.46 32.66 -13.68
C ASP H 206 -29.70 31.85 -13.34
N ASN H 207 -29.46 30.65 -12.87
CA ASN H 207 -30.51 29.69 -12.77
C ASN H 207 -30.30 28.65 -11.65
N PHE H 208 -31.30 28.57 -10.80
CA PHE H 208 -31.39 27.53 -9.82
C PHE H 208 -32.67 26.80 -10.16
N GLY H 209 -32.60 25.47 -10.31
CA GLY H 209 -33.81 24.65 -10.56
C GLY H 209 -33.98 23.33 -9.77
N VAL H 210 -32.89 22.83 -9.20
CA VAL H 210 -32.93 21.61 -8.42
C VAL H 210 -32.08 21.69 -7.14
N LEU H 211 -32.65 21.16 -6.06
CA LEU H 211 -31.92 20.84 -4.83
C LEU H 211 -31.67 19.34 -4.71
N GLY H 212 -30.40 18.95 -4.63
CA GLY H 212 -30.03 17.54 -4.52
C GLY H 212 -29.32 17.13 -3.23
N LEU H 213 -29.67 15.92 -2.78
CA LEU H 213 -28.93 15.23 -1.76
C LEU H 213 -28.07 14.21 -2.50
N ASP H 214 -26.80 14.51 -2.59
CA ASP H 214 -25.87 13.74 -3.40
C ASP H 214 -24.62 13.58 -2.56
N LEU H 215 -24.43 12.42 -1.97
CA LEU H 215 -23.50 12.24 -0.88
C LEU H 215 -23.19 10.80 -0.56
N TRP H 216 -22.21 10.62 0.31
CA TRP H 216 -21.69 9.33 0.69
C TRP H 216 -21.85 9.14 2.18
N GLN H 217 -22.14 7.90 2.59
CA GLN H 217 -22.32 7.59 4.00
C GLN H 217 -21.83 6.20 4.35
N VAL H 218 -21.06 6.10 5.43
CA VAL H 218 -20.69 4.83 5.98
C VAL H 218 -21.89 4.47 6.86
N LYS H 219 -21.87 4.80 8.15
CA LYS H 219 -23.03 4.51 9.01
C LYS H 219 -24.20 5.37 8.62
N SER H 220 -25.30 4.73 8.31
CA SER H 220 -26.49 5.38 7.81
C SER H 220 -27.47 5.73 8.92
N GLY H 221 -28.59 6.39 8.59
CA GLY H 221 -29.56 6.86 9.61
C GLY H 221 -29.78 8.37 9.73
N THR H 222 -29.03 9.16 8.97
CA THR H 222 -29.18 10.62 8.98
C THR H 222 -30.55 11.02 8.46
N ILE H 223 -31.22 11.92 9.17
CA ILE H 223 -32.49 12.43 8.72
C ILE H 223 -32.37 13.94 8.32
N PHE H 224 -32.79 14.22 7.07
CA PHE H 224 -32.95 15.59 6.54
C PHE H 224 -34.43 16.05 6.55
N ASP H 225 -34.71 17.24 7.07
CA ASP H 225 -36.09 17.75 7.13
C ASP H 225 -36.03 19.29 6.91
N ASN H 226 -37.22 19.85 6.80
CA ASN H 226 -37.46 21.30 6.84
C ASN H 226 -36.62 22.17 5.89
N PHE H 227 -36.56 21.76 4.64
CA PHE H 227 -35.79 22.46 3.63
C PHE H 227 -36.52 23.76 3.29
N LEU H 228 -35.73 24.83 3.12
CA LEU H 228 -36.24 26.15 2.72
C LEU H 228 -35.23 26.88 1.84
N ILE H 229 -35.72 27.35 0.69
CA ILE H 229 -34.98 28.28 -0.13
C ILE H 229 -35.80 29.50 -0.31
N THR H 230 -35.22 30.62 0.13
CA THR H 230 -35.93 31.91 0.21
C THR H 230 -34.95 33.09 -0.07
N ASN H 231 -35.51 34.28 -0.14
CA ASN H 231 -34.72 35.51 -0.38
C ASN H 231 -34.80 36.43 0.79
N ASP H 232 -35.37 35.94 1.89
CA ASP H 232 -35.60 36.74 3.08
C ASP H 232 -34.97 36.09 4.33
N GLU H 233 -33.96 36.75 4.90
CA GLU H 233 -33.24 36.28 6.08
C GLU H 233 -34.16 36.17 7.28
N ALA H 234 -35.00 37.18 7.45
CA ALA H 234 -35.89 37.22 8.60
C ALA H 234 -36.89 36.05 8.53
N TYR H 235 -37.43 35.81 7.34
CA TYR H 235 -38.33 34.70 7.18
C TYR H 235 -37.64 33.35 7.44
N ALA H 236 -36.42 33.19 6.94
CA ALA H 236 -35.63 31.99 7.23
C ALA H 236 -35.48 31.76 8.73
N GLU H 237 -35.24 32.83 9.46
CA GLU H 237 -35.09 32.73 10.88
C GLU H 237 -36.42 32.32 11.55
N GLU H 238 -37.52 32.91 11.12
CA GLU H 238 -38.86 32.56 11.63
C GLU H 238 -39.16 31.08 11.43
N PHE H 239 -38.99 30.64 10.20
CA PHE H 239 -39.26 29.26 9.80
C PHE H 239 -38.36 28.28 10.61
N GLY H 240 -37.13 28.70 10.87
CA GLY H 240 -36.18 27.95 11.67
C GLY H 240 -36.73 27.76 13.07
N ASN H 241 -37.27 28.84 13.64
CA ASN H 241 -37.84 28.77 14.98
C ASN H 241 -39.16 28.00 15.07
N GLU H 242 -39.88 27.96 13.97
CA GLU H 242 -41.15 27.21 13.86
C GLU H 242 -40.89 25.73 13.57
N THR H 243 -39.69 25.38 13.14
CA THR H 243 -39.37 23.98 12.80
C THR H 243 -38.36 23.36 13.81
N TRP H 244 -37.07 23.58 13.59
CA TRP H 244 -36.02 23.22 14.56
C TRP H 244 -36.34 23.68 15.97
N GLY H 245 -36.78 24.91 16.08
CA GLY H 245 -37.04 25.49 17.40
C GLY H 245 -38.14 24.83 18.17
N VAL H 246 -39.06 24.19 17.46
CA VAL H 246 -40.19 23.49 18.15
C VAL H 246 -39.77 22.04 18.40
N THR H 247 -38.90 21.48 17.54
CA THR H 247 -38.41 20.10 17.67
C THR H 247 -37.54 19.93 18.89
N LYS H 248 -36.67 20.91 19.06
CA LYS H 248 -35.52 20.86 19.95
C LYS H 248 -35.68 20.28 21.39
N ALA H 249 -36.50 20.92 22.20
CA ALA H 249 -36.61 20.61 23.61
C ALA H 249 -37.28 19.23 23.87
N ALA H 250 -38.34 18.94 23.15
CA ALA H 250 -39.05 17.69 23.29
C ALA H 250 -38.16 16.55 22.80
N GLU H 251 -37.46 16.75 21.69
CA GLU H 251 -36.53 15.74 21.17
C GLU H 251 -35.50 15.34 22.26
N LYS H 252 -34.92 16.35 22.88
CA LYS H 252 -33.93 16.16 23.91
C LYS H 252 -34.52 15.44 25.14
N GLN H 253 -35.71 15.84 25.54
CA GLN H 253 -36.42 15.22 26.65
C GLN H 253 -36.74 13.71 26.39
N MET H 254 -37.25 13.39 25.22
CA MET H 254 -37.52 12.01 24.88
C MET H 254 -36.22 11.19 24.84
N LYS H 255 -35.14 11.76 24.33
CA LYS H 255 -33.88 11.02 24.27
C LYS H 255 -33.28 10.82 25.67
N ASP H 256 -33.34 11.82 26.53
CA ASP H 256 -32.87 11.65 27.91
C ASP H 256 -33.61 10.51 28.62
N LYS H 257 -34.91 10.40 28.36
CA LYS H 257 -35.78 9.40 28.97
C LYS H 257 -35.32 8.05 28.50
N GLN H 258 -35.09 7.88 27.21
CA GLN H 258 -34.62 6.60 26.67
C GLN H 258 -33.26 6.23 27.19
N ASP H 259 -32.37 7.20 27.34
CA ASP H 259 -31.00 6.94 27.85
C ASP H 259 -31.08 6.43 29.30
N GLU H 260 -31.91 7.06 30.11
CA GLU H 260 -32.18 6.62 31.48
C GLU H 260 -32.72 5.23 31.56
N GLU H 261 -33.74 4.93 30.77
CA GLU H 261 -34.35 3.60 30.76
C GLU H 261 -33.32 2.52 30.26
N GLN H 262 -32.46 2.88 29.32
CA GLN H 262 -31.37 2.02 28.91
C GLN H 262 -30.49 1.66 30.11
N ARG H 263 -30.22 2.65 30.94
CA ARG H 263 -29.53 2.46 32.20
C ARG H 263 -30.52 2.29 33.37
N PRO I 10 -17.01 -8.87 3.14
CA PRO I 10 -18.07 -9.37 4.06
C PRO I 10 -17.70 -9.29 5.50
N ALA I 11 -18.63 -8.82 6.33
CA ALA I 11 -18.40 -8.79 7.76
C ALA I 11 -18.80 -10.13 8.35
N VAL I 12 -17.92 -10.69 9.19
CA VAL I 12 -18.21 -11.93 9.88
C VAL I 12 -18.30 -11.57 11.33
N TYR I 13 -19.51 -11.50 11.87
CA TYR I 13 -19.69 -11.12 13.26
C TYR I 13 -19.52 -12.28 14.22
N PHE I 14 -19.74 -13.48 13.71
CA PHE I 14 -19.61 -14.70 14.52
C PHE I 14 -19.44 -15.92 13.62
N LYS I 15 -18.50 -16.78 14.01
CA LYS I 15 -18.29 -18.06 13.34
C LYS I 15 -17.90 -19.08 14.39
N GLU I 16 -18.55 -20.25 14.36
CA GLU I 16 -18.18 -21.34 15.27
C GLU I 16 -18.30 -22.70 14.57
N GLN I 17 -17.17 -23.36 14.40
CA GLN I 17 -17.15 -24.72 13.86
C GLN I 17 -16.61 -25.79 14.79
N PHE I 18 -16.16 -25.38 15.97
CA PHE I 18 -15.66 -26.30 16.98
C PHE I 18 -14.56 -27.18 16.42
N LEU I 19 -13.60 -26.58 15.75
CA LEU I 19 -12.50 -27.30 15.06
C LEU I 19 -11.23 -27.42 15.91
N ASP I 20 -11.15 -26.68 17.01
CA ASP I 20 -9.89 -26.52 17.79
C ASP I 20 -9.97 -27.22 19.16
N GLY I 21 -10.28 -28.51 19.09
CA GLY I 21 -10.50 -29.32 20.29
C GLY I 21 -11.52 -28.75 21.26
N ASP I 22 -11.08 -28.56 22.51
CA ASP I 22 -11.94 -28.03 23.57
C ASP I 22 -11.93 -26.52 23.66
N GLY I 23 -11.27 -25.87 22.69
CA GLY I 23 -11.24 -24.39 22.61
C GLY I 23 -12.61 -23.72 22.84
N TRP I 24 -13.67 -24.36 22.35
CA TRP I 24 -15.03 -23.84 22.52
C TRP I 24 -15.44 -23.57 23.97
N THR I 25 -14.84 -24.30 24.93
CA THR I 25 -15.26 -24.18 26.34
C THR I 25 -14.88 -22.83 26.92
N SER I 26 -13.99 -22.12 26.24
CA SER I 26 -13.68 -20.72 26.64
C SER I 26 -14.48 -19.68 25.82
N ARG I 27 -15.33 -20.11 24.89
CA ARG I 27 -16.14 -19.18 24.07
C ARG I 27 -17.62 -19.23 24.41
N TRP I 28 -18.04 -20.24 25.15
CA TRP I 28 -19.46 -20.42 25.43
C TRP I 28 -19.66 -20.49 26.92
N ILE I 29 -20.81 -20.02 27.38
CA ILE I 29 -21.08 -19.85 28.79
C ILE I 29 -22.39 -20.54 29.09
N GLU I 30 -22.38 -21.32 30.16
CA GLU I 30 -23.57 -21.99 30.66
C GLU I 30 -24.37 -21.04 31.54
N SER I 31 -25.67 -20.95 31.32
CA SER I 31 -26.52 -20.21 32.27
C SER I 31 -26.58 -20.97 33.57
N LYS I 32 -26.56 -20.25 34.68
CA LYS I 32 -26.85 -20.81 36.02
C LYS I 32 -28.26 -20.43 36.52
N HIS I 33 -29.14 -19.97 35.62
CA HIS I 33 -30.46 -19.51 36.07
C HIS I 33 -31.20 -20.60 36.85
N LYS I 34 -31.00 -21.83 36.40
CA LYS I 34 -31.52 -23.03 37.05
C LYS I 34 -30.34 -23.97 37.31
N SER I 35 -30.54 -24.89 38.24
CA SER I 35 -29.49 -25.83 38.67
C SER I 35 -29.51 -27.15 37.85
N ASP I 36 -30.59 -27.40 37.13
CA ASP I 36 -30.86 -28.68 36.43
C ASP I 36 -30.98 -28.56 34.87
N PHE I 37 -30.33 -27.57 34.29
CA PHE I 37 -30.19 -27.49 32.84
C PHE I 37 -29.43 -28.72 32.33
N GLY I 38 -29.82 -29.24 31.17
CA GLY I 38 -29.09 -30.28 30.52
C GLY I 38 -27.76 -29.75 30.03
N LYS I 39 -26.84 -30.65 29.76
CA LYS I 39 -25.45 -30.30 29.47
C LYS I 39 -25.16 -30.61 27.98
N PHE I 40 -24.54 -29.67 27.30
CA PHE I 40 -24.05 -29.89 25.94
C PHE I 40 -22.70 -30.54 26.03
N VAL I 41 -22.44 -31.43 25.09
CA VAL I 41 -21.18 -32.11 25.00
C VAL I 41 -20.65 -32.03 23.58
N LEU I 42 -19.33 -31.96 23.41
CA LEU I 42 -18.75 -31.91 22.08
C LEU I 42 -18.74 -33.30 21.48
N SER I 43 -19.29 -33.44 20.28
CA SER I 43 -19.51 -34.76 19.66
C SER I 43 -19.83 -34.66 18.17
N SER I 44 -19.36 -35.65 17.42
CA SER I 44 -19.81 -35.86 16.03
C SER I 44 -20.81 -37.03 15.91
N GLY I 45 -21.22 -37.61 17.04
CA GLY I 45 -22.24 -38.66 17.09
C GLY I 45 -21.82 -40.00 16.49
N LYS I 46 -22.79 -40.84 16.24
CA LYS I 46 -22.56 -42.22 15.76
C LYS I 46 -22.23 -42.32 14.27
N PHE I 47 -22.80 -41.43 13.48
CA PHE I 47 -22.42 -41.30 12.07
C PHE I 47 -22.20 -39.83 11.68
N TYR I 48 -21.44 -39.64 10.61
CA TYR I 48 -20.92 -38.34 10.27
C TYR I 48 -20.24 -38.40 8.91
N GLY I 49 -20.00 -37.24 8.33
CA GLY I 49 -19.21 -37.17 7.11
C GLY I 49 -17.72 -37.22 7.42
N ASP I 50 -17.33 -36.52 8.47
CA ASP I 50 -15.95 -36.47 8.92
C ASP I 50 -15.89 -36.39 10.41
N GLU I 51 -15.25 -37.36 11.04
CA GLU I 51 -15.27 -37.47 12.49
C GLU I 51 -14.84 -36.18 13.18
N GLU I 52 -13.91 -35.47 12.58
CA GLU I 52 -13.41 -34.23 13.11
C GLU I 52 -14.23 -33.00 12.77
N LYS I 53 -14.48 -32.78 11.50
CA LYS I 53 -15.20 -31.61 11.07
C LYS I 53 -16.58 -31.52 11.69
N ASP I 54 -17.22 -32.66 11.82
CA ASP I 54 -18.64 -32.68 12.16
C ASP I 54 -18.91 -32.74 13.66
N LYS I 55 -17.87 -32.46 14.43
CA LYS I 55 -18.08 -32.16 15.84
C LYS I 55 -18.86 -30.85 16.05
N GLY I 56 -19.83 -30.91 16.94
CA GLY I 56 -20.61 -29.79 17.33
C GLY I 56 -21.19 -29.99 18.71
N LEU I 57 -22.06 -29.09 19.13
CA LEU I 57 -22.63 -29.19 20.44
C LEU I 57 -23.80 -30.11 20.41
N GLN I 58 -23.73 -31.12 21.25
CA GLN I 58 -24.78 -32.12 21.31
C GLN I 58 -25.52 -32.09 22.64
N THR I 59 -26.83 -32.06 22.59
CA THR I 59 -27.62 -32.21 23.80
C THR I 59 -27.40 -33.65 24.33
N SER I 60 -27.08 -33.76 25.61
CA SER I 60 -26.67 -35.04 26.24
C SER I 60 -27.67 -35.63 27.25
N GLN I 61 -28.78 -34.99 27.53
CA GLN I 61 -29.74 -35.49 28.49
C GLN I 61 -31.18 -35.30 28.09
N LYS I 62 -31.97 -36.30 28.44
CA LYS I 62 -33.38 -36.37 28.04
C LYS I 62 -34.25 -35.53 28.94
N ALA I 63 -35.29 -34.96 28.35
CA ALA I 63 -36.31 -34.17 29.07
C ALA I 63 -35.64 -33.07 29.92
N ARG I 64 -34.93 -32.18 29.25
CA ARG I 64 -34.23 -31.08 29.88
C ARG I 64 -34.30 -29.77 29.10
N PHE I 65 -34.27 -28.68 29.86
CA PHE I 65 -34.03 -27.36 29.30
C PHE I 65 -32.54 -27.17 29.13
N TYR I 66 -32.17 -26.47 28.07
CA TYR I 66 -30.76 -26.15 27.78
C TYR I 66 -30.58 -24.63 27.66
N ALA I 67 -29.38 -24.16 27.96
CA ALA I 67 -29.11 -22.72 28.04
C ALA I 67 -27.62 -22.49 28.03
N LEU I 68 -27.09 -22.41 26.83
CA LEU I 68 -25.70 -22.16 26.59
C LEU I 68 -25.56 -21.02 25.56
N SER I 69 -24.59 -20.14 25.72
CA SER I 69 -24.45 -18.97 24.85
C SER I 69 -23.05 -18.58 24.51
N ALA I 70 -22.91 -17.85 23.41
CA ALA I 70 -21.64 -17.29 22.97
C ALA I 70 -21.76 -15.80 22.65
N SER I 71 -20.88 -15.01 23.24
CA SER I 71 -20.80 -13.60 22.97
C SER I 71 -19.85 -13.33 21.82
N PHE I 72 -20.07 -12.19 21.19
CA PHE I 72 -19.21 -11.71 20.12
C PHE I 72 -19.20 -10.20 20.21
N GLU I 73 -18.23 -9.60 19.52
CA GLU I 73 -18.14 -8.15 19.39
C GLU I 73 -19.51 -7.62 18.92
N PRO I 74 -20.18 -6.82 19.75
CA PRO I 74 -21.49 -6.31 19.37
C PRO I 74 -21.55 -5.57 18.03
N PHE I 75 -22.72 -5.62 17.40
CA PHE I 75 -22.95 -4.95 16.16
C PHE I 75 -24.42 -4.61 16.04
N SER I 76 -24.72 -3.76 15.06
CA SER I 76 -26.11 -3.42 14.69
C SER I 76 -26.30 -3.79 13.23
N ASN I 77 -27.48 -4.25 12.86
CA ASN I 77 -27.81 -4.54 11.44
C ASN I 77 -28.41 -3.33 10.70
N LYS I 78 -28.52 -2.21 11.42
CA LYS I 78 -29.09 -0.99 10.89
C LYS I 78 -28.42 -0.63 9.55
N GLY I 79 -29.22 -0.45 8.53
CA GLY I 79 -28.68 -0.12 7.19
C GLY I 79 -28.01 -1.28 6.45
N GLN I 80 -28.11 -2.48 7.00
CA GLN I 80 -27.42 -3.68 6.48
C GLN I 80 -28.25 -4.95 6.41
N THR I 81 -27.76 -5.89 5.62
CA THR I 81 -28.29 -7.25 5.61
C THR I 81 -27.76 -7.98 6.81
N LEU I 82 -28.66 -8.70 7.47
CA LEU I 82 -28.31 -9.67 8.51
C LEU I 82 -28.60 -11.09 8.09
N VAL I 83 -27.57 -11.92 8.15
CA VAL I 83 -27.70 -13.36 7.88
C VAL I 83 -27.27 -14.19 9.11
N VAL I 84 -28.20 -15.04 9.52
CA VAL I 84 -28.02 -16.00 10.61
C VAL I 84 -28.12 -17.44 10.04
N GLN I 85 -27.09 -18.22 10.25
CA GLN I 85 -27.01 -19.54 9.66
C GLN I 85 -26.34 -20.54 10.61
N PHE I 86 -26.81 -21.80 10.58
CA PHE I 86 -26.20 -22.89 11.35
C PHE I 86 -26.72 -24.24 10.87
N THR I 87 -26.03 -25.32 11.26
CA THR I 87 -26.50 -26.68 10.96
C THR I 87 -27.08 -27.33 12.18
N VAL I 88 -28.12 -28.11 11.92
CA VAL I 88 -28.84 -28.87 12.93
C VAL I 88 -28.96 -30.34 12.44
N LYS I 89 -28.65 -31.25 13.34
CA LYS I 89 -28.75 -32.70 13.10
C LYS I 89 -29.47 -33.39 14.24
N HIS I 90 -30.72 -33.77 14.03
CA HIS I 90 -31.46 -34.54 15.02
C HIS I 90 -31.17 -36.05 14.81
N GLU I 91 -29.92 -36.44 15.06
CA GLU I 91 -29.43 -37.82 15.03
C GLU I 91 -30.31 -38.85 15.73
N GLN I 92 -30.94 -38.46 16.81
CA GLN I 92 -31.74 -39.37 17.62
C GLN I 92 -33.14 -39.66 17.09
N ASN I 93 -33.48 -39.13 15.93
CA ASN I 93 -34.91 -39.13 15.49
C ASN I 93 -35.80 -38.55 16.54
N ILE I 94 -35.80 -37.23 16.60
CA ILE I 94 -36.41 -36.52 17.70
C ILE I 94 -37.93 -36.68 17.69
N ASP I 95 -38.54 -36.76 18.87
CA ASP I 95 -39.99 -36.81 19.02
C ASP I 95 -40.54 -35.42 19.28
N CYS I 96 -39.90 -34.73 20.22
CA CYS I 96 -40.30 -33.39 20.62
C CYS I 96 -39.07 -32.65 21.14
N GLY I 97 -38.78 -31.49 20.54
CA GLY I 97 -37.68 -30.63 20.96
C GLY I 97 -37.29 -29.54 19.97
N GLY I 98 -36.73 -28.45 20.49
CA GLY I 98 -36.35 -27.31 19.68
C GLY I 98 -35.00 -27.51 19.05
N GLY I 99 -34.76 -26.80 17.95
CA GLY I 99 -33.44 -26.75 17.30
C GLY I 99 -33.08 -25.35 16.82
N TYR I 100 -33.59 -24.37 17.55
CA TYR I 100 -33.48 -22.98 17.12
C TYR I 100 -32.47 -22.20 17.92
N VAL I 101 -31.98 -21.12 17.32
CA VAL I 101 -31.12 -20.15 18.00
C VAL I 101 -31.85 -18.86 18.37
N LYS I 102 -31.24 -18.11 19.26
CA LYS I 102 -31.69 -16.77 19.60
C LYS I 102 -30.54 -15.82 19.56
N LEU I 103 -30.83 -14.65 18.98
CA LEU I 103 -29.88 -13.54 19.00
C LEU I 103 -30.33 -12.52 20.02
N PHE I 104 -29.42 -12.20 20.92
CA PHE I 104 -29.68 -11.32 22.05
C PHE I 104 -28.90 -9.99 21.97
N PRO I 105 -29.48 -8.93 22.57
CA PRO I 105 -28.70 -7.76 22.86
C PRO I 105 -27.54 -8.06 23.79
N ASN I 106 -26.50 -7.24 23.70
CA ASN I 106 -25.36 -7.35 24.61
C ASN I 106 -25.65 -7.06 26.07
N SER I 107 -26.81 -6.54 26.37
CA SER I 107 -27.23 -6.38 27.75
C SER I 107 -27.63 -7.69 28.47
N LEU I 108 -27.69 -8.80 27.75
CA LEU I 108 -28.01 -10.08 28.36
C LEU I 108 -26.90 -10.56 29.30
N ASP I 109 -27.30 -10.93 30.51
CA ASP I 109 -26.40 -11.65 31.43
C ASP I 109 -26.43 -13.14 31.06
N GLN I 110 -25.35 -13.60 30.43
CA GLN I 110 -25.23 -14.96 29.91
C GLN I 110 -25.38 -16.02 30.99
N THR I 111 -24.94 -15.68 32.21
CA THR I 111 -25.06 -16.60 33.35
C THR I 111 -26.51 -16.63 33.92
N ASP I 112 -27.42 -15.80 33.40
CA ASP I 112 -28.85 -15.87 33.81
C ASP I 112 -29.80 -16.10 32.65
N MET I 113 -29.26 -16.46 31.49
CA MET I 113 -30.10 -16.70 30.32
C MET I 113 -31.13 -17.77 30.63
N HIS I 114 -32.37 -17.51 30.20
CA HIS I 114 -33.41 -18.54 30.25
C HIS I 114 -34.55 -18.28 29.25
N GLY I 115 -35.56 -19.15 29.25
CA GLY I 115 -36.69 -19.06 28.35
C GLY I 115 -37.34 -17.70 28.30
N ASP I 116 -37.29 -16.92 29.36
CA ASP I 116 -37.95 -15.60 29.35
C ASP I 116 -37.02 -14.43 29.21
N SER I 117 -35.74 -14.70 28.97
CA SER I 117 -34.81 -13.60 28.68
C SER I 117 -35.23 -12.91 27.35
N GLU I 118 -35.02 -11.59 27.29
CA GLU I 118 -35.44 -10.78 26.15
C GLU I 118 -34.43 -10.91 25.02
N TYR I 119 -34.85 -11.55 23.94
CA TYR I 119 -34.01 -11.64 22.75
C TYR I 119 -34.52 -10.70 21.63
N ASN I 120 -33.70 -10.50 20.59
CA ASN I 120 -34.09 -9.66 19.43
C ASN I 120 -34.82 -10.50 18.40
N ILE I 121 -34.17 -11.61 18.05
CA ILE I 121 -34.65 -12.53 17.02
C ILE I 121 -34.49 -13.98 17.49
N MET I 122 -35.50 -14.81 17.19
CA MET I 122 -35.40 -16.29 17.33
C MET I 122 -35.65 -16.99 16.02
N PHE I 123 -34.80 -17.95 15.70
CA PHE I 123 -34.88 -18.58 14.41
C PHE I 123 -34.51 -20.05 14.44
N GLY I 124 -35.39 -20.90 13.91
CA GLY I 124 -34.97 -22.27 13.57
C GLY I 124 -36.04 -23.34 13.80
N PRO I 125 -35.68 -24.61 13.56
CA PRO I 125 -36.65 -25.71 13.60
C PRO I 125 -37.19 -26.02 14.99
N ASP I 126 -38.47 -26.35 15.02
CA ASP I 126 -39.13 -26.82 16.22
C ASP I 126 -40.02 -28.00 15.88
N ILE I 127 -39.78 -29.09 16.59
CA ILE I 127 -40.48 -30.33 16.37
C ILE I 127 -41.22 -30.71 17.65
N CYS I 128 -42.49 -31.06 17.51
CA CYS I 128 -43.22 -31.67 18.61
C CYS I 128 -44.32 -32.58 18.09
N GLY I 129 -44.01 -33.88 18.07
CA GLY I 129 -44.93 -34.90 17.59
C GLY I 129 -45.12 -34.86 16.06
N PRO I 130 -45.86 -35.83 15.47
CA PRO I 130 -46.23 -35.75 14.02
C PRO I 130 -46.86 -34.39 13.56
N GLY I 131 -47.63 -33.72 14.41
CA GLY I 131 -48.30 -32.44 14.07
C GLY I 131 -47.46 -31.15 13.87
N THR I 132 -46.33 -31.02 14.56
CA THR I 132 -45.49 -29.83 14.50
C THR I 132 -44.13 -30.13 13.95
N LYS I 133 -43.88 -29.61 12.75
CA LYS I 133 -42.58 -29.62 12.14
C LYS I 133 -42.44 -28.24 11.49
N LYS I 134 -41.99 -27.27 12.26
CA LYS I 134 -42.15 -25.86 11.91
C LYS I 134 -40.83 -25.10 12.07
N VAL I 135 -40.61 -24.12 11.19
CA VAL I 135 -39.50 -23.19 11.33
C VAL I 135 -39.98 -21.86 11.93
N HIS I 136 -39.49 -21.58 13.12
CA HIS I 136 -39.82 -20.33 13.77
C HIS I 136 -39.01 -19.19 13.25
N VAL I 137 -39.68 -18.09 13.02
CA VAL I 137 -39.00 -16.82 12.79
C VAL I 137 -39.75 -15.83 13.66
N ILE I 138 -39.11 -15.43 14.75
CA ILE I 138 -39.69 -14.51 15.71
C ILE I 138 -38.90 -13.21 15.83
N PHE I 139 -39.64 -12.10 15.77
CA PHE I 139 -39.04 -10.78 15.92
C PHE I 139 -39.59 -10.17 17.17
N ASN I 140 -38.69 -9.65 18.01
CA ASN I 140 -39.10 -8.84 19.14
C ASN I 140 -39.34 -7.38 18.71
N TYR I 141 -40.55 -6.92 18.96
CA TYR I 141 -40.93 -5.57 18.59
C TYR I 141 -41.94 -5.01 19.58
N LYS I 142 -41.68 -3.80 20.08
CA LYS I 142 -42.55 -3.14 21.07
C LYS I 142 -42.91 -4.08 22.19
N GLY I 143 -41.88 -4.74 22.75
CA GLY I 143 -42.05 -5.62 23.91
C GLY I 143 -42.92 -6.84 23.67
N LYS I 144 -43.12 -7.17 22.40
CA LYS I 144 -43.81 -8.40 22.04
C LYS I 144 -42.91 -9.25 21.19
N ASN I 145 -43.04 -10.56 21.34
CA ASN I 145 -42.36 -11.53 20.51
C ASN I 145 -43.33 -11.94 19.41
N VAL I 146 -43.07 -11.45 18.19
CA VAL I 146 -44.03 -11.62 17.12
C VAL I 146 -43.65 -12.78 16.20
N LEU I 147 -44.59 -13.67 16.01
CA LEU I 147 -44.35 -14.97 15.33
C LEU I 147 -44.73 -14.86 13.87
N ILE I 148 -43.91 -15.43 13.01
CA ILE I 148 -44.22 -15.36 11.60
C ILE I 148 -45.55 -16.04 11.35
N ASN I 149 -46.32 -15.47 10.43
CA ASN I 149 -47.70 -15.97 10.10
C ASN I 149 -47.70 -16.95 8.91
N LYS I 150 -46.55 -17.16 8.28
CA LYS I 150 -46.41 -18.21 7.27
C LYS I 150 -46.03 -19.55 7.93
N ASP I 151 -46.48 -20.65 7.31
CA ASP I 151 -46.19 -21.99 7.80
C ASP I 151 -45.00 -22.62 7.03
N ILE I 152 -43.87 -22.75 7.69
CA ILE I 152 -42.67 -23.25 7.09
C ILE I 152 -42.38 -24.59 7.71
N ARG I 153 -42.29 -25.60 6.89
CA ARG I 153 -42.02 -26.94 7.35
C ARG I 153 -40.52 -27.14 7.55
N CYS I 154 -40.15 -27.75 8.67
CA CYS I 154 -38.74 -27.98 8.90
C CYS I 154 -38.41 -29.41 8.49
N LYS I 155 -37.13 -29.77 8.49
CA LYS I 155 -36.74 -31.15 8.27
C LYS I 155 -36.86 -31.94 9.56
N ASP I 156 -37.10 -33.24 9.43
CA ASP I 156 -37.29 -34.09 10.63
C ASP I 156 -36.56 -35.44 10.58
N ASP I 157 -35.84 -35.74 9.52
CA ASP I 157 -35.01 -36.94 9.50
C ASP I 157 -33.77 -36.85 10.44
N GLU I 158 -32.84 -37.76 10.30
CA GLU I 158 -31.70 -37.81 11.21
C GLU I 158 -30.45 -37.09 10.70
N PHE I 159 -30.51 -36.51 9.51
CA PHE I 159 -29.30 -36.01 8.86
C PHE I 159 -29.08 -34.53 9.19
N THR I 160 -27.91 -34.04 8.81
CA THR I 160 -27.54 -32.63 9.06
C THR I 160 -28.25 -31.69 8.07
N HIS I 161 -28.96 -30.69 8.59
CA HIS I 161 -29.60 -29.69 7.71
C HIS I 161 -29.16 -28.27 8.01
N LEU I 162 -29.00 -27.49 6.95
CA LEU I 162 -28.59 -26.11 6.99
C LEU I 162 -29.80 -25.20 7.07
N TYR I 163 -29.83 -24.37 8.10
CA TYR I 163 -30.88 -23.35 8.27
C TYR I 163 -30.29 -21.91 8.15
N THR I 164 -30.93 -21.11 7.33
CA THR I 164 -30.45 -19.76 6.99
C THR I 164 -31.60 -18.76 7.04
N LEU I 165 -31.41 -17.71 7.81
CA LEU I 165 -32.35 -16.57 7.84
C LEU I 165 -31.66 -15.32 7.35
N ILE I 166 -32.29 -14.69 6.37
CA ILE I 166 -31.79 -13.47 5.74
C ILE I 166 -32.79 -12.37 6.02
N VAL I 167 -32.30 -11.29 6.60
CA VAL I 167 -33.09 -10.08 6.86
C VAL I 167 -32.45 -8.84 6.25
N ARG I 168 -33.19 -8.12 5.42
CA ARG I 168 -32.63 -7.00 4.62
C ARG I 168 -33.21 -5.62 5.05
N PRO I 169 -32.43 -4.53 4.89
CA PRO I 169 -32.82 -3.21 5.30
C PRO I 169 -34.00 -2.59 4.54
N ASP I 170 -34.51 -3.23 3.49
CA ASP I 170 -35.83 -2.87 2.94
C ASP I 170 -36.97 -3.66 3.55
N ASN I 171 -36.71 -4.33 4.68
CA ASN I 171 -37.71 -5.13 5.40
C ASN I 171 -38.17 -6.33 4.63
N THR I 172 -37.35 -6.82 3.72
CA THR I 172 -37.61 -8.12 3.14
C THR I 172 -36.83 -9.20 3.93
N TYR I 173 -37.28 -10.45 3.83
CA TYR I 173 -36.57 -11.56 4.47
C TYR I 173 -36.69 -12.78 3.58
N GLU I 174 -35.81 -13.71 3.82
CA GLU I 174 -35.82 -14.95 3.13
C GLU I 174 -35.40 -16.04 4.13
N VAL I 175 -36.03 -17.20 4.03
CA VAL I 175 -35.61 -18.40 4.79
C VAL I 175 -35.18 -19.49 3.81
N LYS I 176 -34.00 -20.03 4.05
CA LYS I 176 -33.49 -21.15 3.32
C LYS I 176 -33.28 -22.40 4.22
N ILE I 177 -33.54 -23.57 3.64
CA ILE I 177 -33.13 -24.87 4.19
C ILE I 177 -32.24 -25.54 3.17
N ASP I 178 -31.11 -26.05 3.64
CA ASP I 178 -30.15 -26.71 2.78
C ASP I 178 -29.83 -25.85 1.55
N ASN I 179 -29.56 -24.57 1.84
CA ASN I 179 -29.11 -23.56 0.87
C ASN I 179 -30.08 -23.32 -0.26
N SER I 180 -31.34 -23.53 0.01
CA SER I 180 -32.34 -23.38 -1.02
C SER I 180 -33.55 -22.76 -0.39
N GLN I 181 -34.07 -21.74 -1.08
CA GLN I 181 -35.13 -20.90 -0.54
C GLN I 181 -36.34 -21.72 -0.29
N VAL I 182 -36.99 -21.49 0.85
CA VAL I 182 -38.27 -22.14 1.16
C VAL I 182 -39.35 -21.15 1.48
N GLU I 183 -38.95 -19.95 1.85
CA GLU I 183 -39.94 -18.91 2.15
C GLU I 183 -39.34 -17.49 1.97
N SER I 184 -40.19 -16.55 1.61
CA SER I 184 -39.76 -15.18 1.47
C SER I 184 -40.92 -14.19 1.53
N GLY I 185 -40.60 -12.93 1.78
CA GLY I 185 -41.59 -11.88 1.75
C GLY I 185 -41.12 -10.61 2.43
N SER I 186 -42.07 -9.87 2.95
CA SER I 186 -41.80 -8.64 3.70
C SER I 186 -42.32 -8.75 5.12
N LEU I 187 -41.57 -8.13 6.01
CA LEU I 187 -41.88 -8.13 7.43
C LEU I 187 -43.28 -7.61 7.65
N GLU I 188 -43.67 -6.57 6.93
CA GLU I 188 -44.96 -5.93 7.21
C GLU I 188 -46.10 -6.85 6.88
N ASP I 189 -45.92 -7.73 5.89
CA ASP I 189 -47.00 -8.61 5.44
C ASP I 189 -47.02 -9.91 6.25
N ASP I 190 -45.84 -10.45 6.57
CA ASP I 190 -45.76 -11.82 7.12
C ASP I 190 -45.72 -11.90 8.67
N TRP I 191 -45.74 -10.75 9.33
CA TRP I 191 -45.97 -10.66 10.77
C TRP I 191 -47.00 -9.56 11.05
N ASP I 192 -47.74 -9.70 12.14
CA ASP I 192 -48.65 -8.64 12.64
C ASP I 192 -47.93 -7.71 13.60
N PHE I 193 -47.11 -6.82 13.09
CA PHE I 193 -46.45 -5.84 13.94
C PHE I 193 -47.39 -4.70 14.33
N LEU I 194 -47.27 -4.12 15.54
CA LEU I 194 -48.08 -2.91 15.90
C LEU I 194 -47.67 -1.64 15.12
N PRO I 200 -40.28 2.72 9.81
CA PRO I 200 -40.29 1.55 8.94
C PRO I 200 -39.20 0.53 9.30
N SER I 201 -38.21 0.87 10.13
CA SER I 201 -37.09 -0.09 10.51
C SER I 201 -37.37 -1.21 11.55
N ILE I 202 -38.47 -1.88 11.33
CA ILE I 202 -38.82 -3.08 12.11
C ILE I 202 -37.68 -4.09 12.12
N TYR I 203 -37.01 -4.21 10.99
CA TYR I 203 -35.94 -5.15 10.83
C TYR I 203 -34.70 -4.89 11.72
N ALA I 204 -34.56 -3.66 12.22
CA ALA I 204 -33.30 -3.19 12.78
C ALA I 204 -33.22 -3.28 14.33
N TYR I 205 -32.04 -3.66 14.81
CA TYR I 205 -31.77 -3.76 16.25
C TYR I 205 -30.48 -3.03 16.53
N ASP I 206 -30.50 -2.29 17.62
CA ASP I 206 -29.36 -1.45 17.97
C ASP I 206 -28.14 -2.27 18.27
N ASN I 207 -28.38 -3.43 18.85
CA ASN I 207 -27.30 -4.20 19.37
C ASN I 207 -27.56 -5.73 19.37
N PHE I 208 -26.58 -6.43 18.81
CA PHE I 208 -26.52 -7.87 18.89
C PHE I 208 -25.19 -8.18 19.55
N GLY I 209 -25.21 -8.99 20.62
CA GLY I 209 -23.99 -9.35 21.33
C GLY I 209 -23.85 -10.81 21.72
N VAL I 210 -24.97 -11.54 21.78
CA VAL I 210 -24.95 -12.95 22.15
C VAL I 210 -25.86 -13.83 21.28
N LEU I 211 -25.32 -14.99 20.88
CA LEU I 211 -26.11 -16.09 20.29
C LEU I 211 -26.35 -17.19 21.33
N GLY I 212 -27.62 -17.47 21.64
CA GLY I 212 -27.94 -18.50 22.60
C GLY I 212 -28.70 -19.71 22.05
N LEU I 213 -28.35 -20.87 22.59
CA LEU I 213 -29.12 -22.08 22.46
C LEU I 213 -29.91 -22.23 23.74
N ASP I 214 -31.18 -21.93 23.65
CA ASP I 214 -32.04 -21.85 24.82
C ASP I 214 -33.36 -22.52 24.45
N LEU I 215 -33.55 -23.74 24.93
CA LEU I 215 -34.55 -24.64 24.37
C LEU I 215 -34.82 -25.87 25.20
N TRP I 216 -35.85 -26.60 24.79
CA TRP I 216 -36.33 -27.76 25.51
C TRP I 216 -36.20 -28.99 24.62
N GLN I 217 -35.93 -30.14 25.22
CA GLN I 217 -35.80 -31.38 24.46
C GLN I 217 -36.24 -32.59 25.26
N VAL I 218 -37.08 -33.44 24.66
CA VAL I 218 -37.45 -34.74 25.25
C VAL I 218 -36.28 -35.67 24.86
N LYS I 219 -36.36 -36.36 23.74
CA LYS I 219 -35.24 -37.18 23.33
C LYS I 219 -34.09 -36.31 22.86
N SER I 220 -32.95 -36.52 23.47
CA SER I 220 -31.77 -35.70 23.28
C SER I 220 -30.90 -36.28 22.19
N GLY I 221 -29.80 -35.61 21.87
CA GLY I 221 -28.84 -36.09 20.83
C GLY I 221 -28.68 -35.16 19.63
N THR I 222 -29.40 -34.06 19.64
CA THR I 222 -29.29 -33.05 18.57
C THR I 222 -27.89 -32.42 18.56
N ILE I 223 -27.28 -32.33 17.39
CA ILE I 223 -25.98 -31.69 17.22
C ILE I 223 -26.08 -30.39 16.40
N PHE I 224 -25.60 -29.32 17.00
CA PHE I 224 -25.51 -27.98 16.35
C PHE I 224 -24.05 -27.72 15.91
N ASP I 225 -23.83 -27.28 14.68
CA ASP I 225 -22.46 -26.97 14.23
C ASP I 225 -22.57 -25.71 13.31
N ASN I 226 -21.41 -25.30 12.91
CA ASN I 226 -21.20 -24.36 11.79
C ASN I 226 -22.05 -23.08 11.83
N PHE I 227 -22.02 -22.44 12.98
CA PHE I 227 -22.75 -21.20 13.20
C PHE I 227 -22.06 -20.07 12.45
N LEU I 228 -22.87 -19.21 11.85
CA LEU I 228 -22.37 -18.05 11.12
C LEU I 228 -23.33 -16.89 11.26
N ILE I 229 -22.79 -15.75 11.67
CA ILE I 229 -23.52 -14.47 11.57
C ILE I 229 -22.71 -13.51 10.71
N THR I 230 -23.34 -13.05 9.63
CA THR I 230 -22.68 -12.28 8.59
C THR I 230 -23.67 -11.27 7.98
N ASN I 231 -23.12 -10.39 7.15
CA ASN I 231 -23.91 -9.40 6.46
C ASN I 231 -23.95 -9.64 4.95
N ASP I 232 -23.44 -10.79 4.52
CA ASP I 232 -23.29 -11.11 3.11
C ASP I 232 -23.96 -12.45 2.75
N GLU I 233 -25.02 -12.38 1.96
CA GLU I 233 -25.82 -13.56 1.59
C GLU I 233 -24.99 -14.53 0.81
N ALA I 234 -24.21 -14.00 -0.11
CA ALA I 234 -23.39 -14.81 -0.96
C ALA I 234 -22.36 -15.56 -0.12
N TYR I 235 -21.75 -14.89 0.83
CA TYR I 235 -20.78 -15.52 1.72
C TYR I 235 -21.42 -16.61 2.58
N ALA I 236 -22.60 -16.33 3.11
CA ALA I 236 -23.36 -17.35 3.82
C ALA I 236 -23.55 -18.59 2.94
N GLU I 237 -23.87 -18.39 1.67
CA GLU I 237 -24.13 -19.54 0.77
C GLU I 237 -22.85 -20.33 0.57
N GLU I 238 -21.72 -19.63 0.38
CA GLU I 238 -20.42 -20.24 0.20
C GLU I 238 -20.05 -21.08 1.39
N PHE I 239 -20.19 -20.50 2.55
CA PHE I 239 -19.85 -21.17 3.80
C PHE I 239 -20.75 -22.40 4.02
N GLY I 240 -22.02 -22.27 3.65
CA GLY I 240 -22.97 -23.38 3.71
C GLY I 240 -22.50 -24.55 2.85
N ASN I 241 -22.01 -24.25 1.65
CA ASN I 241 -21.51 -25.29 0.78
C ASN I 241 -20.19 -25.88 1.18
N GLU I 242 -19.41 -25.11 1.92
CA GLU I 242 -18.11 -25.56 2.45
C GLU I 242 -18.30 -26.34 3.77
N THR I 243 -19.46 -26.25 4.39
CA THR I 243 -19.74 -26.94 5.67
C THR I 243 -20.79 -28.09 5.55
N TRP I 244 -22.07 -27.76 5.61
CA TRP I 244 -23.16 -28.69 5.25
C TRP I 244 -22.94 -29.44 3.91
N GLY I 245 -22.52 -28.71 2.90
CA GLY I 245 -22.34 -29.26 1.58
C GLY I 245 -21.21 -30.26 1.50
N VAL I 246 -20.30 -30.21 2.46
CA VAL I 246 -19.15 -31.12 2.50
C VAL I 246 -19.45 -32.30 3.43
N THR I 247 -20.31 -32.08 4.40
CA THR I 247 -20.82 -33.13 5.28
C THR I 247 -21.75 -34.13 4.61
N LYS I 248 -22.70 -33.58 3.87
CA LYS I 248 -23.93 -34.29 3.41
C LYS I 248 -23.79 -35.71 2.83
N ALA I 249 -22.99 -35.89 1.78
CA ALA I 249 -22.95 -37.17 1.05
C ALA I 249 -22.28 -38.32 1.85
N ALA I 250 -21.14 -38.01 2.46
CA ALA I 250 -20.39 -38.98 3.27
C ALA I 250 -21.18 -39.35 4.52
N GLU I 251 -21.85 -38.39 5.12
CA GLU I 251 -22.77 -38.69 6.25
C GLU I 251 -23.84 -39.71 5.88
N LYS I 252 -24.50 -39.45 4.75
CA LYS I 252 -25.56 -40.31 4.26
C LYS I 252 -25.04 -41.73 3.93
N GLN I 253 -23.88 -41.80 3.30
CA GLN I 253 -23.22 -43.07 2.99
C GLN I 253 -22.95 -43.90 4.27
N MET I 254 -22.35 -43.26 5.27
CA MET I 254 -22.03 -43.96 6.50
C MET I 254 -23.28 -44.44 7.22
N LYS I 255 -24.33 -43.64 7.19
CA LYS I 255 -25.60 -44.03 7.82
C LYS I 255 -26.36 -45.17 7.10
N ASP I 256 -26.39 -45.12 5.77
CA ASP I 256 -26.94 -46.25 5.01
C ASP I 256 -26.26 -47.58 5.38
N LYS I 257 -24.93 -47.53 5.54
CA LYS I 257 -24.14 -48.72 5.82
C LYS I 257 -24.51 -49.25 7.17
N GLN I 258 -24.62 -48.37 8.16
CA GLN I 258 -25.04 -48.76 9.50
C GLN I 258 -26.46 -49.29 9.57
N ASP I 259 -27.35 -48.74 8.78
CA ASP I 259 -28.77 -49.23 8.71
C ASP I 259 -28.82 -50.63 8.14
N GLU I 260 -28.10 -50.87 7.06
CA GLU I 260 -27.96 -52.21 6.50
C GLU I 260 -27.42 -53.22 7.51
N GLU I 261 -26.34 -52.89 8.20
CA GLU I 261 -25.79 -53.85 9.20
C GLU I 261 -26.79 -54.13 10.32
N GLN I 262 -27.49 -53.10 10.75
CA GLN I 262 -28.51 -53.25 11.78
C GLN I 262 -29.59 -54.24 11.35
N ARG I 263 -30.04 -54.14 10.11
CA ARG I 263 -31.03 -55.05 9.53
C ARG I 263 -30.59 -56.54 9.53
N LEU I 264 -29.30 -56.82 9.56
CA LEU I 264 -28.77 -58.20 9.50
C LEU I 264 -28.27 -58.74 10.84
N PRO J 10 28.29 1.19 -23.53
CA PRO J 10 28.03 -0.04 -24.30
C PRO J 10 29.04 -1.10 -24.01
N ALA J 11 28.56 -2.29 -23.68
CA ALA J 11 29.46 -3.41 -23.42
C ALA J 11 29.77 -4.13 -24.75
N VAL J 12 31.04 -4.39 -24.99
CA VAL J 12 31.46 -5.13 -26.15
C VAL J 12 32.01 -6.43 -25.62
N TYR J 13 31.26 -7.50 -25.74
CA TYR J 13 31.71 -8.79 -25.20
C TYR J 13 32.64 -9.54 -26.15
N PHE J 14 32.51 -9.23 -27.44
CA PHE J 14 33.30 -9.88 -28.48
C PHE J 14 33.29 -9.04 -29.77
N LYS J 15 34.47 -8.90 -30.35
CA LYS J 15 34.65 -8.22 -31.63
C LYS J 15 35.76 -8.94 -32.39
N GLU J 16 35.51 -9.25 -33.66
CA GLU J 16 36.53 -9.85 -34.52
C GLU J 16 36.43 -9.35 -35.95
N GLN J 17 37.47 -8.65 -36.39
CA GLN J 17 37.53 -8.18 -37.78
C GLN J 17 38.72 -8.69 -38.57
N PHE J 18 39.59 -9.44 -37.91
CA PHE J 18 40.73 -10.06 -38.56
C PHE J 18 41.60 -9.03 -39.26
N LEU J 19 41.92 -7.96 -38.58
CA LEU J 19 42.65 -6.81 -39.12
C LEU J 19 44.15 -6.87 -38.82
N ASP J 20 44.55 -7.77 -37.94
CA ASP J 20 45.95 -7.82 -37.44
C ASP J 20 46.73 -9.03 -37.96
N GLY J 21 46.78 -9.14 -39.27
CA GLY J 21 47.40 -10.30 -39.94
C GLY J 21 46.89 -11.66 -39.47
N ASP J 22 47.83 -12.48 -39.04
CA ASP J 22 47.56 -13.84 -38.59
C ASP J 22 47.23 -13.89 -37.09
N GLY J 23 47.10 -12.71 -36.46
CA GLY J 23 46.70 -12.62 -35.01
C GLY J 23 45.52 -13.51 -34.63
N TRP J 24 44.55 -13.63 -35.53
CA TRP J 24 43.36 -14.46 -35.28
C TRP J 24 43.64 -15.91 -34.91
N THR J 25 44.74 -16.46 -35.37
CA THR J 25 45.06 -17.87 -35.11
C THR J 25 45.30 -18.13 -33.62
N SER J 26 45.57 -17.08 -32.85
CA SER J 26 45.69 -17.22 -31.38
C SER J 26 44.36 -17.00 -30.66
N ARG J 27 43.31 -16.60 -31.36
CA ARG J 27 42.02 -16.29 -30.77
C ARG J 27 40.95 -17.35 -31.10
N TRP J 28 41.21 -18.20 -32.09
CA TRP J 28 40.22 -19.20 -32.49
C TRP J 28 40.84 -20.57 -32.37
N ILE J 29 40.02 -21.57 -32.07
CA ILE J 29 40.45 -22.92 -31.77
C ILE J 29 39.69 -23.87 -32.66
N GLU J 30 40.42 -24.78 -33.27
CA GLU J 30 39.85 -25.82 -34.14
C GLU J 30 39.39 -26.97 -33.27
N SER J 31 38.18 -27.43 -33.48
CA SER J 31 37.77 -28.66 -32.81
C SER J 31 38.56 -29.81 -33.36
N LYS J 32 38.93 -30.75 -32.50
CA LYS J 32 39.53 -32.03 -32.91
C LYS J 32 38.55 -33.18 -32.70
N HIS J 33 37.25 -32.88 -32.58
CA HIS J 33 36.24 -33.95 -32.40
C HIS J 33 36.32 -35.01 -33.49
N LYS J 34 36.57 -34.54 -34.70
CA LYS J 34 36.77 -35.38 -35.88
C LYS J 34 38.11 -34.99 -36.51
N SER J 35 38.66 -35.90 -37.32
CA SER J 35 39.96 -35.70 -37.99
C SER J 35 39.85 -35.03 -39.35
N ASP J 36 38.64 -35.03 -39.92
CA ASP J 36 38.37 -34.57 -41.32
C ASP J 36 37.43 -33.33 -41.45
N PHE J 37 37.41 -32.49 -40.42
CA PHE J 37 36.79 -31.18 -40.53
C PHE J 37 37.46 -30.37 -41.65
N GLY J 38 36.68 -29.60 -42.39
CA GLY J 38 37.22 -28.65 -43.31
C GLY J 38 38.01 -27.58 -42.58
N LYS J 39 38.88 -26.88 -43.31
CA LYS J 39 39.71 -25.86 -42.70
C LYS J 39 39.24 -24.47 -43.13
N PHE J 40 39.20 -23.54 -42.18
CA PHE J 40 39.03 -22.11 -42.51
C PHE J 40 40.38 -21.52 -42.84
N VAL J 41 40.38 -20.59 -43.76
CA VAL J 41 41.56 -19.88 -44.16
C VAL J 41 41.27 -18.40 -44.20
N LEU J 42 42.26 -17.58 -43.93
CA LEU J 42 42.06 -16.13 -43.93
C LEU J 42 42.12 -15.64 -45.35
N SER J 43 41.07 -14.93 -45.78
CA SER J 43 40.92 -14.51 -47.19
C SER J 43 39.90 -13.40 -47.38
N SER J 44 40.17 -12.51 -48.34
CA SER J 44 39.18 -11.54 -48.82
C SER J 44 38.54 -12.00 -50.15
N GLY J 45 38.88 -13.19 -50.61
CA GLY J 45 38.36 -13.75 -51.87
C GLY J 45 38.76 -13.04 -53.17
N LYS J 46 38.03 -13.33 -54.26
CA LYS J 46 38.35 -12.81 -55.60
C LYS J 46 37.91 -11.37 -55.82
N PHE J 47 36.84 -10.97 -55.18
CA PHE J 47 36.42 -9.55 -55.17
C PHE J 47 36.05 -9.09 -53.77
N TYR J 48 36.11 -7.79 -53.57
CA TYR J 48 36.04 -7.20 -52.25
C TYR J 48 35.93 -5.69 -52.38
N GLY J 49 35.56 -5.06 -51.29
CA GLY J 49 35.65 -3.61 -51.23
C GLY J 49 37.04 -3.11 -50.92
N ASP J 50 37.72 -3.80 -50.02
CA ASP J 50 39.07 -3.47 -49.66
C ASP J 50 39.78 -4.75 -49.37
N GLU J 51 40.89 -4.97 -50.06
CA GLU J 51 41.59 -6.27 -50.00
C GLU J 51 41.94 -6.70 -48.59
N GLU J 52 42.27 -5.73 -47.76
CA GLU J 52 42.63 -6.02 -46.37
C GLU J 52 41.47 -6.02 -45.37
N LYS J 53 40.69 -4.97 -45.38
CA LYS J 53 39.59 -4.87 -44.43
C LYS J 53 38.64 -6.09 -44.56
N ASP J 54 38.40 -6.52 -45.79
CA ASP J 54 37.41 -7.57 -46.08
C ASP J 54 37.97 -8.98 -45.95
N LYS J 55 39.15 -9.12 -45.36
CA LYS J 55 39.58 -10.43 -44.89
C LYS J 55 38.73 -10.98 -43.77
N GLY J 56 38.36 -12.24 -43.92
CA GLY J 56 37.61 -12.97 -42.93
C GLY J 56 37.85 -14.46 -43.05
N LEU J 57 37.12 -15.24 -42.30
CA LEU J 57 37.33 -16.70 -42.30
C LEU J 57 36.57 -17.29 -43.44
N GLN J 58 37.29 -17.99 -44.28
CA GLN J 58 36.71 -18.58 -45.48
C GLN J 58 36.75 -20.08 -45.41
N THR J 59 35.62 -20.71 -45.68
CA THR J 59 35.59 -22.16 -45.82
C THR J 59 36.38 -22.52 -47.11
N SER J 60 37.31 -23.46 -46.97
CA SER J 60 38.28 -23.80 -48.04
C SER J 60 38.10 -25.18 -48.68
N GLN J 61 37.16 -25.99 -48.23
CA GLN J 61 36.98 -27.32 -48.76
C GLN J 61 35.53 -27.69 -48.93
N LYS J 62 35.29 -28.39 -50.03
CA LYS J 62 33.96 -28.78 -50.46
C LYS J 62 33.45 -30.00 -49.71
N ALA J 63 32.14 -30.03 -49.47
CA ALA J 63 31.46 -31.15 -48.79
C ALA J 63 32.17 -31.52 -47.50
N ARG J 64 32.17 -30.59 -46.56
CA ARG J 64 32.81 -30.77 -45.26
C ARG J 64 32.01 -30.12 -44.10
N PHE J 65 32.18 -30.73 -42.92
CA PHE J 65 31.82 -30.11 -41.68
C PHE J 65 32.92 -29.18 -41.20
N TYR J 66 32.51 -28.09 -40.57
CA TYR J 66 33.44 -27.10 -40.02
C TYR J 66 33.15 -26.90 -38.56
N ALA J 67 34.19 -26.53 -37.81
CA ALA J 67 34.11 -26.43 -36.38
C ALA J 67 35.29 -25.65 -35.87
N LEU J 68 35.09 -24.37 -35.80
CA LEU J 68 36.08 -23.43 -35.28
C LEU J 68 35.36 -22.50 -34.29
N SER J 69 36.01 -22.17 -33.19
CA SER J 69 35.37 -21.30 -32.19
C SER J 69 36.32 -20.29 -31.52
N ALA J 70 35.71 -19.22 -31.01
CA ALA J 70 36.41 -18.20 -30.26
C ALA J 70 35.76 -17.95 -28.88
N SER J 71 36.61 -17.96 -27.85
CA SER J 71 36.18 -17.69 -26.48
C SER J 71 36.33 -16.21 -26.17
N PHE J 72 35.53 -15.78 -25.23
CA PHE J 72 35.59 -14.43 -24.72
C PHE J 72 35.23 -14.47 -23.24
N GLU J 73 35.55 -13.40 -22.54
CA GLU J 73 35.20 -13.22 -21.14
C GLU J 73 33.70 -13.51 -20.98
N PRO J 74 33.35 -14.57 -20.23
CA PRO J 74 31.94 -14.92 -20.07
C PRO J 74 31.03 -13.80 -19.57
N PHE J 75 29.77 -13.87 -19.96
CA PHE J 75 28.78 -12.90 -19.53
C PHE J 75 27.41 -13.55 -19.55
N SER J 76 26.46 -12.86 -18.95
CA SER J 76 25.06 -13.24 -18.96
C SER J 76 24.25 -12.11 -19.56
N ASN J 77 23.19 -12.44 -20.30
CA ASN J 77 22.30 -11.43 -20.85
C ASN J 77 21.06 -11.16 -19.94
N LYS J 78 21.04 -11.82 -18.79
CA LYS J 78 20.02 -11.59 -17.77
C LYS J 78 19.83 -10.11 -17.44
N GLY J 79 18.61 -9.63 -17.63
CA GLY J 79 18.31 -8.20 -17.32
C GLY J 79 18.76 -7.21 -18.38
N GLN J 80 19.31 -7.71 -19.48
CA GLN J 80 19.88 -6.83 -20.56
C GLN J 80 19.62 -7.26 -21.98
N THR J 81 19.88 -6.35 -22.89
CA THR J 81 19.78 -6.60 -24.30
C THR J 81 21.02 -7.38 -24.74
N LEU J 82 20.77 -8.39 -25.56
CA LEU J 82 21.82 -9.12 -26.28
C LEU J 82 21.72 -8.89 -27.76
N VAL J 83 22.80 -8.43 -28.34
CA VAL J 83 22.94 -8.26 -29.79
C VAL J 83 24.11 -9.14 -30.33
N VAL J 84 23.77 -9.99 -31.30
CA VAL J 84 24.69 -10.85 -32.05
C VAL J 84 24.69 -10.41 -33.53
N GLN J 85 25.85 -10.07 -34.05
CA GLN J 85 25.96 -9.51 -35.39
C GLN J 85 27.24 -9.98 -36.11
N PHE J 86 27.13 -10.24 -37.41
CA PHE J 86 28.29 -10.64 -38.23
C PHE J 86 27.98 -10.51 -39.72
N THR J 87 29.02 -10.49 -40.56
CA THR J 87 28.80 -10.48 -42.01
C THR J 87 29.05 -11.85 -42.58
N VAL J 88 28.27 -12.16 -43.61
CA VAL J 88 28.37 -13.43 -44.38
C VAL J 88 28.37 -13.10 -45.89
N LYS J 89 29.31 -13.75 -46.59
CA LYS J 89 29.48 -13.58 -48.01
C LYS J 89 29.63 -14.92 -48.68
N HIS J 90 28.58 -15.36 -49.37
CA HIS J 90 28.64 -16.60 -50.12
C HIS J 90 29.15 -16.29 -51.54
N GLU J 91 30.41 -15.91 -51.63
CA GLU J 91 31.14 -15.64 -52.87
C GLU J 91 30.98 -16.71 -53.96
N GLN J 92 30.86 -17.95 -53.55
CA GLN J 92 30.86 -19.08 -54.49
C GLN J 92 29.49 -19.35 -55.10
N ASN J 93 28.49 -18.53 -54.80
CA ASN J 93 27.09 -18.85 -55.18
C ASN J 93 26.70 -20.22 -54.65
N ILE J 94 26.39 -20.25 -53.37
CA ILE J 94 26.30 -21.51 -52.63
C ILE J 94 25.06 -22.28 -53.06
N ASP J 95 25.19 -23.60 -53.09
CA ASP J 95 24.06 -24.48 -53.43
C ASP J 95 23.39 -24.95 -52.14
N CYS J 96 24.22 -25.39 -51.22
CA CYS J 96 23.76 -25.93 -49.97
C CYS J 96 24.86 -25.75 -48.94
N GLY J 97 24.52 -25.08 -47.84
CA GLY J 97 25.42 -24.86 -46.73
C GLY J 97 24.96 -23.79 -45.76
N GLY J 98 25.38 -23.95 -44.51
CA GLY J 98 25.06 -23.02 -43.45
C GLY J 98 25.95 -21.79 -43.44
N GLY J 99 25.42 -20.71 -42.87
CA GLY J 99 26.18 -19.49 -42.64
C GLY J 99 25.89 -18.88 -41.27
N TYR J 100 25.60 -19.73 -40.32
CA TYR J 100 25.12 -19.30 -39.04
C TYR J 100 26.15 -19.49 -37.94
N VAL J 101 25.97 -18.72 -36.87
CA VAL J 101 26.81 -18.84 -35.69
C VAL J 101 26.06 -19.52 -34.54
N LYS J 102 26.82 -19.93 -33.55
CA LYS J 102 26.27 -20.44 -32.33
C LYS J 102 26.97 -19.81 -31.16
N LEU J 103 26.16 -19.45 -30.17
CA LEU J 103 26.66 -18.97 -28.91
C LEU J 103 26.52 -20.08 -27.87
N PHE J 104 27.64 -20.36 -27.23
CA PHE J 104 27.77 -21.51 -26.29
C PHE J 104 28.04 -21.03 -24.86
N PRO J 105 27.62 -21.84 -23.87
CA PRO J 105 28.08 -21.64 -22.53
C PRO J 105 29.58 -21.85 -22.43
N ASN J 106 30.19 -21.22 -21.43
CA ASN J 106 31.62 -21.40 -21.18
C ASN J 106 32.04 -22.80 -20.78
N SER J 107 31.10 -23.66 -20.47
CA SER J 107 31.42 -25.07 -20.20
C SER J 107 31.76 -25.89 -21.45
N LEU J 108 31.61 -25.30 -22.63
CA LEU J 108 31.99 -26.00 -23.88
C LEU J 108 33.51 -26.22 -23.97
N ASP J 109 33.88 -27.46 -24.23
CA ASP J 109 35.26 -27.79 -24.62
C ASP J 109 35.41 -27.50 -26.11
N GLN J 110 36.09 -26.39 -26.41
CA GLN J 110 36.28 -25.90 -27.78
C GLN J 110 36.96 -26.94 -28.69
N THR J 111 37.82 -27.73 -28.10
CA THR J 111 38.51 -28.81 -28.79
C THR J 111 37.65 -30.03 -29.10
N ASP J 112 36.43 -30.06 -28.57
CA ASP J 112 35.49 -31.15 -28.86
C ASP J 112 34.17 -30.66 -29.47
N MET J 113 34.14 -29.40 -29.89
CA MET J 113 32.92 -28.84 -30.47
C MET J 113 32.49 -29.60 -31.69
N HIS J 114 31.20 -29.87 -31.76
CA HIS J 114 30.59 -30.50 -32.93
C HIS J 114 29.08 -30.27 -33.02
N GLY J 115 28.48 -30.77 -34.10
CA GLY J 115 27.08 -30.57 -34.40
C GLY J 115 26.15 -30.85 -33.23
N ASP J 116 26.55 -31.71 -32.31
CA ASP J 116 25.65 -32.06 -31.18
C ASP J 116 26.04 -31.45 -29.88
N SER J 117 27.04 -30.58 -29.89
CA SER J 117 27.38 -29.86 -28.68
C SER J 117 26.18 -28.93 -28.27
N GLU J 118 26.00 -28.73 -26.96
CA GLU J 118 24.88 -27.96 -26.43
C GLU J 118 25.16 -26.47 -26.47
N TYR J 119 24.43 -25.77 -27.32
CA TYR J 119 24.57 -24.30 -27.41
C TYR J 119 23.36 -23.60 -26.73
N ASN J 120 23.49 -22.30 -26.48
CA ASN J 120 22.38 -21.47 -25.98
C ASN J 120 21.49 -20.95 -27.08
N ILE J 121 22.13 -20.35 -28.07
CA ILE J 121 21.46 -19.71 -29.21
C ILE J 121 22.19 -20.01 -30.54
N MET J 122 21.41 -20.31 -31.58
CA MET J 122 21.92 -20.40 -32.94
C MET J 122 21.24 -19.38 -33.83
N PHE J 123 22.04 -18.69 -34.62
CA PHE J 123 21.49 -17.63 -35.45
C PHE J 123 22.20 -17.50 -36.80
N GLY J 124 21.42 -17.47 -37.86
CA GLY J 124 21.96 -16.98 -39.14
C GLY J 124 21.47 -17.76 -40.36
N PRO J 125 21.94 -17.38 -41.55
CA PRO J 125 21.42 -17.92 -42.79
C PRO J 125 21.73 -19.40 -42.99
N ASP J 126 20.78 -20.09 -43.62
CA ASP J 126 20.93 -21.46 -44.04
C ASP J 126 20.31 -21.65 -45.42
N ILE J 127 21.13 -22.17 -46.33
CA ILE J 127 20.73 -22.37 -47.72
C ILE J 127 20.86 -23.84 -48.05
N CYS J 128 19.82 -24.38 -48.63
CA CYS J 128 19.90 -25.74 -49.16
C CYS J 128 18.96 -25.91 -50.31
N GLY J 129 19.53 -25.78 -51.50
CA GLY J 129 18.81 -25.99 -52.71
C GLY J 129 17.75 -24.93 -52.94
N PRO J 130 16.83 -25.24 -53.88
CA PRO J 130 15.87 -24.28 -54.39
C PRO J 130 14.89 -23.88 -53.31
N GLY J 131 14.51 -24.85 -52.46
CA GLY J 131 13.51 -24.65 -51.43
C GLY J 131 13.86 -23.83 -50.18
N THR J 132 15.12 -23.83 -49.76
CA THR J 132 15.51 -23.31 -48.46
C THR J 132 16.47 -22.12 -48.57
N LYS J 133 15.96 -20.95 -48.16
CA LYS J 133 16.75 -19.73 -48.00
C LYS J 133 16.22 -19.05 -46.76
N LYS J 134 16.74 -19.47 -45.63
CA LYS J 134 16.07 -19.24 -44.36
C LYS J 134 17.05 -18.71 -43.33
N VAL J 135 16.56 -17.80 -42.46
CA VAL J 135 17.32 -17.38 -41.31
C VAL J 135 16.85 -18.14 -40.07
N HIS J 136 17.75 -18.93 -39.53
CA HIS J 136 17.51 -19.61 -38.30
C HIS J 136 17.61 -18.70 -37.10
N VAL J 137 16.67 -18.86 -36.18
CA VAL J 137 16.82 -18.30 -34.83
C VAL J 137 16.36 -19.39 -33.88
N ILE J 138 17.32 -20.00 -33.21
CA ILE J 138 17.06 -21.14 -32.36
C ILE J 138 17.46 -20.85 -30.93
N PHE J 139 16.54 -21.15 -30.02
CA PHE J 139 16.80 -20.99 -28.60
C PHE J 139 16.78 -22.35 -27.98
N ASN J 140 17.77 -22.60 -27.14
CA ASN J 140 17.80 -23.78 -26.32
C ASN J 140 17.05 -23.58 -25.00
N TYR J 141 16.04 -24.41 -24.77
CA TYR J 141 15.18 -24.28 -23.61
C TYR J 141 14.69 -25.64 -23.16
N LYS J 142 14.84 -25.92 -21.86
CA LYS J 142 14.44 -27.21 -21.28
C LYS J 142 14.94 -28.36 -22.11
N GLY J 143 16.24 -28.31 -22.46
CA GLY J 143 16.88 -29.40 -23.19
C GLY J 143 16.32 -29.67 -24.58
N LYS J 144 15.60 -28.70 -25.14
CA LYS J 144 15.22 -28.71 -26.53
C LYS J 144 15.75 -27.50 -27.28
N ASN J 145 16.03 -27.70 -28.56
CA ASN J 145 16.44 -26.63 -29.47
C ASN J 145 15.23 -26.18 -30.23
N VAL J 146 14.70 -25.02 -29.87
CA VAL J 146 13.41 -24.60 -30.38
C VAL J 146 13.59 -23.61 -31.52
N LEU J 147 12.90 -23.91 -32.63
CA LEU J 147 13.11 -23.21 -33.88
C LEU J 147 12.06 -22.14 -34.06
N ILE J 148 12.46 -20.99 -34.58
CA ILE J 148 11.50 -19.92 -34.73
C ILE J 148 10.41 -20.38 -35.70
N ASN J 149 9.18 -19.96 -35.46
CA ASN J 149 8.02 -20.28 -36.31
C ASN J 149 7.75 -19.32 -37.43
N LYS J 150 8.41 -18.19 -37.44
CA LYS J 150 8.30 -17.28 -38.55
C LYS J 150 9.28 -17.64 -39.65
N ASP J 151 8.88 -17.35 -40.86
CA ASP J 151 9.68 -17.64 -42.00
C ASP J 151 10.45 -16.39 -42.46
N ILE J 152 11.77 -16.41 -42.28
CA ILE J 152 12.63 -15.28 -42.61
C ILE J 152 13.53 -15.67 -43.76
N ARG J 153 13.42 -14.95 -44.85
CA ARG J 153 14.24 -15.24 -46.01
C ARG J 153 15.62 -14.68 -45.84
N CYS J 154 16.63 -15.46 -46.19
CA CYS J 154 17.98 -14.98 -46.10
C CYS J 154 18.39 -14.48 -47.47
N LYS J 155 19.54 -13.83 -47.55
CA LYS J 155 20.09 -13.45 -48.85
C LYS J 155 20.80 -14.63 -49.47
N ASP J 156 20.86 -14.66 -50.79
CA ASP J 156 21.52 -15.78 -51.47
C ASP J 156 22.48 -15.38 -52.61
N ASP J 157 22.62 -14.10 -52.92
CA ASP J 157 23.59 -13.69 -53.93
C ASP J 157 25.06 -13.86 -53.45
N GLU J 158 26.00 -13.27 -54.18
CA GLU J 158 27.40 -13.48 -53.89
C GLU J 158 28.01 -12.41 -52.98
N PHE J 159 27.23 -11.40 -52.60
CA PHE J 159 27.77 -10.22 -51.95
C PHE J 159 27.76 -10.37 -50.42
N THR J 160 28.43 -9.43 -49.75
CA THR J 160 28.51 -9.43 -48.27
C THR J 160 27.19 -8.95 -47.64
N HIS J 161 26.59 -9.75 -46.76
CA HIS J 161 25.41 -9.31 -46.05
C HIS J 161 25.58 -9.31 -44.54
N LEU J 162 24.98 -8.30 -43.91
CA LEU J 162 24.98 -8.12 -42.46
C LEU J 162 23.79 -8.79 -41.79
N TYR J 163 24.06 -9.66 -40.85
CA TYR J 163 23.03 -10.35 -40.07
C TYR J 163 23.09 -9.95 -38.58
N THR J 164 21.93 -9.55 -38.05
CA THR J 164 21.85 -8.99 -36.68
C THR J 164 20.66 -9.60 -35.96
N LEU J 165 20.96 -10.14 -34.79
CA LEU J 165 19.90 -10.63 -33.89
C LEU J 165 19.91 -9.80 -32.64
N ILE J 166 18.74 -9.30 -32.29
CA ILE J 166 18.54 -8.50 -31.07
C ILE J 166 17.55 -9.25 -30.17
N VAL J 167 17.97 -9.50 -28.94
CA VAL J 167 17.13 -10.13 -27.92
C VAL J 167 17.04 -9.26 -26.67
N ARG J 168 15.81 -8.94 -26.24
CA ARG J 168 15.61 -7.97 -25.14
C ARG J 168 14.98 -8.61 -23.90
N PRO J 169 15.25 -8.04 -22.70
CA PRO J 169 14.78 -8.62 -21.44
C PRO J 169 13.27 -8.56 -21.21
N ASP J 170 12.50 -7.93 -22.07
CA ASP J 170 11.04 -8.15 -22.09
C ASP J 170 10.62 -9.28 -23.00
N ASN J 171 11.55 -10.13 -23.42
CA ASN J 171 11.32 -11.25 -24.32
C ASN J 171 10.88 -10.82 -25.70
N THR J 172 11.21 -9.60 -26.11
CA THR J 172 11.05 -9.24 -27.50
C THR J 172 12.35 -9.50 -28.26
N TYR J 173 12.23 -9.64 -29.57
CA TYR J 173 13.42 -9.84 -30.39
C TYR J 173 13.22 -9.12 -31.70
N GLU J 174 14.33 -8.88 -32.37
CA GLU J 174 14.33 -8.33 -33.71
C GLU J 174 15.40 -9.00 -34.51
N VAL J 175 15.12 -9.22 -35.78
CA VAL J 175 16.12 -9.66 -36.74
C VAL J 175 16.29 -8.62 -37.82
N LYS J 176 17.54 -8.26 -38.07
CA LYS J 176 17.90 -7.39 -39.19
C LYS J 176 18.83 -8.07 -40.21
N ILE J 177 18.64 -7.69 -41.47
CA ILE J 177 19.54 -7.97 -42.55
C ILE J 177 19.94 -6.65 -43.17
N ASP J 178 21.25 -6.50 -43.38
CA ASP J 178 21.82 -5.28 -43.94
C ASP J 178 21.33 -4.05 -43.20
N ASN J 179 21.33 -4.15 -41.87
CA ASN J 179 20.92 -3.08 -40.93
C ASN J 179 19.49 -2.60 -41.06
N SER J 180 18.61 -3.49 -41.48
CA SER J 180 17.25 -3.09 -41.70
C SER J 180 16.39 -4.24 -41.26
N GLN J 181 15.39 -3.92 -40.44
CA GLN J 181 14.56 -4.91 -39.79
C GLN J 181 13.87 -5.77 -40.82
N VAL J 182 13.84 -7.07 -40.59
CA VAL J 182 13.07 -7.99 -41.45
C VAL J 182 12.06 -8.79 -40.66
N GLU J 183 12.25 -8.87 -39.36
CA GLU J 183 11.35 -9.61 -38.52
C GLU J 183 11.38 -9.11 -37.06
N SER J 184 10.24 -9.21 -36.39
CA SER J 184 10.20 -8.88 -34.97
C SER J 184 9.01 -9.53 -34.26
N GLY J 185 9.11 -9.61 -32.94
CA GLY J 185 7.99 -10.07 -32.15
C GLY J 185 8.41 -10.44 -30.75
N SER J 186 7.68 -11.37 -30.16
CA SER J 186 7.96 -11.88 -28.80
C SER J 186 8.26 -13.35 -28.82
N LEU J 187 9.18 -13.74 -27.97
CA LEU J 187 9.59 -15.13 -27.83
C LEU J 187 8.39 -16.04 -27.57
N GLU J 188 7.46 -15.60 -26.74
CA GLU J 188 6.36 -16.48 -26.37
C GLU J 188 5.47 -16.77 -27.55
N ASP J 189 5.37 -15.84 -28.49
CA ASP J 189 4.45 -16.03 -29.64
C ASP J 189 5.14 -16.74 -30.78
N ASP J 190 6.42 -16.45 -31.00
CA ASP J 190 7.08 -16.85 -32.27
C ASP J 190 7.85 -18.16 -32.16
N TRP J 191 7.86 -18.73 -30.95
CA TRP J 191 8.37 -20.08 -30.71
C TRP J 191 7.38 -20.85 -29.83
N ASP J 192 7.35 -22.16 -29.97
CA ASP J 192 6.57 -23.05 -29.11
C ASP J 192 7.38 -23.50 -27.91
N PHE J 193 7.62 -22.64 -26.95
CA PHE J 193 8.32 -23.04 -25.75
C PHE J 193 7.37 -23.79 -24.81
N LEU J 194 6.16 -23.23 -24.69
CA LEU J 194 5.12 -23.57 -23.74
C LEU J 194 3.70 -23.39 -24.33
N PRO J 195 2.70 -24.09 -23.77
CA PRO J 195 1.32 -24.04 -24.26
C PRO J 195 0.68 -22.67 -24.15
N GLY J 196 1.05 -21.87 -23.18
CA GLY J 196 0.52 -20.55 -23.15
C GLY J 196 1.57 -19.68 -22.52
N SER J 197 1.29 -18.40 -22.43
CA SER J 197 2.12 -17.50 -21.66
C SER J 197 1.95 -17.94 -20.18
N GLY J 198 2.97 -17.78 -19.38
CA GLY J 198 4.25 -17.40 -19.87
C GLY J 198 5.14 -17.58 -18.67
N ASP J 199 6.77 -17.59 -18.97
CA ASP J 199 8.04 -17.76 -18.33
C ASP J 199 8.69 -16.54 -18.91
N PRO J 200 8.78 -15.51 -18.11
CA PRO J 200 9.37 -14.31 -18.64
C PRO J 200 10.91 -14.39 -18.82
N SER J 201 11.58 -15.41 -18.27
CA SER J 201 13.05 -15.58 -18.39
C SER J 201 13.58 -16.41 -19.58
N ILE J 202 12.74 -16.75 -20.53
CA ILE J 202 13.14 -17.60 -21.68
C ILE J 202 14.33 -17.03 -22.44
N TYR J 203 14.36 -15.73 -22.58
CA TYR J 203 15.42 -15.03 -23.29
C TYR J 203 16.81 -15.20 -22.64
N ALA J 204 16.85 -15.56 -21.37
CA ALA J 204 18.07 -15.38 -20.56
C ALA J 204 18.91 -16.66 -20.39
N TYR J 205 20.24 -16.48 -20.41
CA TYR J 205 21.21 -17.55 -20.25
C TYR J 205 22.21 -17.09 -19.21
N ASP J 206 22.58 -18.03 -18.36
CA ASP J 206 23.48 -17.73 -17.28
C ASP J 206 24.85 -17.34 -17.78
N ASN J 207 25.25 -17.97 -18.86
CA ASN J 207 26.59 -17.89 -19.28
C ASN J 207 26.77 -18.05 -20.82
N PHE J 208 27.46 -17.07 -21.38
CA PHE J 208 27.94 -17.12 -22.74
C PHE J 208 29.44 -17.02 -22.62
N GLY J 209 30.15 -17.96 -23.24
CA GLY J 209 31.62 -17.92 -23.28
C GLY J 209 32.31 -18.17 -24.62
N VAL J 210 31.60 -18.78 -25.57
CA VAL J 210 32.15 -19.12 -26.86
C VAL J 210 31.19 -18.88 -28.01
N LEU J 211 31.72 -18.28 -29.08
CA LEU J 211 31.06 -18.21 -30.38
C LEU J 211 31.66 -19.20 -31.35
N GLY J 212 30.84 -20.10 -31.87
CA GLY J 212 31.31 -21.11 -32.81
C GLY J 212 30.72 -21.04 -34.20
N LEU J 213 31.57 -21.34 -35.17
CA LEU J 213 31.16 -21.65 -36.52
C LEU J 213 31.19 -23.16 -36.65
N ASP J 214 30.00 -23.74 -36.64
CA ASP J 214 29.84 -25.18 -36.58
C ASP J 214 28.73 -25.53 -37.55
N LEU J 215 29.11 -26.08 -38.70
CA LEU J 215 28.23 -26.09 -39.85
C LEU J 215 28.72 -26.97 -40.98
N TRP J 216 27.85 -27.15 -41.96
CA TRP J 216 28.10 -28.03 -43.06
C TRP J 216 28.09 -27.20 -44.35
N GLN J 217 28.95 -27.55 -45.30
CA GLN J 217 28.95 -26.91 -46.63
C GLN J 217 29.22 -27.89 -47.76
N VAL J 218 28.46 -27.78 -48.83
CA VAL J 218 28.75 -28.47 -50.09
C VAL J 218 29.75 -27.56 -50.78
N LYS J 219 29.31 -26.65 -51.65
CA LYS J 219 30.24 -25.73 -52.29
C LYS J 219 30.78 -24.72 -51.29
N SER J 220 32.09 -24.65 -51.19
CA SER J 220 32.79 -23.87 -50.16
C SER J 220 33.17 -22.53 -50.69
N GLY J 221 33.74 -21.68 -49.85
CA GLY J 221 34.09 -20.30 -50.25
C GLY J 221 33.42 -19.16 -49.47
N THR J 222 32.53 -19.52 -48.54
CA THR J 222 31.85 -18.52 -47.70
C THR J 222 32.86 -17.80 -46.81
N ILE J 223 32.75 -16.47 -46.77
CA ILE J 223 33.59 -15.65 -45.89
C ILE J 223 32.77 -14.98 -44.77
N PHE J 224 33.21 -15.24 -43.53
CA PHE J 224 32.64 -14.62 -42.32
C PHE J 224 33.57 -13.51 -41.80
N ASP J 225 33.04 -12.33 -41.50
CA ASP J 225 33.84 -11.22 -41.00
C ASP J 225 32.98 -10.44 -39.96
N ASN J 226 33.64 -9.50 -39.33
CA ASN J 226 33.05 -8.44 -38.54
C ASN J 226 32.04 -8.90 -37.49
N PHE J 227 32.49 -9.86 -36.70
CA PHE J 227 31.68 -10.40 -35.63
C PHE J 227 31.60 -9.39 -34.49
N LEU J 228 30.42 -9.27 -33.92
CA LEU J 228 30.18 -8.38 -32.77
C LEU J 228 29.13 -9.00 -31.85
N ILE J 229 29.49 -9.07 -30.58
CA ILE J 229 28.50 -9.31 -29.52
C ILE J 229 28.53 -8.14 -28.55
N THR J 230 27.36 -7.52 -28.38
CA THR J 230 27.21 -6.33 -27.59
C THR J 230 25.84 -6.32 -26.88
N ASN J 231 25.66 -5.29 -26.05
CA ASN J 231 24.39 -5.11 -25.35
C ASN J 231 23.67 -3.84 -25.82
N ASP J 232 24.18 -3.23 -26.89
CA ASP J 232 23.71 -1.95 -27.36
C ASP J 232 23.33 -2.00 -28.84
N GLU J 233 22.05 -1.85 -29.12
CA GLU J 233 21.48 -1.91 -30.46
C GLU J 233 22.07 -0.81 -31.33
N ALA J 234 22.14 0.40 -30.78
CA ALA J 234 22.62 1.55 -31.52
C ALA J 234 24.09 1.38 -31.90
N TYR J 235 24.89 0.89 -30.98
CA TYR J 235 26.26 0.57 -31.30
C TYR J 235 26.38 -0.52 -32.39
N ALA J 236 25.59 -1.57 -32.28
CA ALA J 236 25.57 -2.59 -33.34
C ALA J 236 25.29 -1.97 -34.71
N GLU J 237 24.34 -1.06 -34.77
CA GLU J 237 23.98 -0.40 -36.03
C GLU J 237 25.11 0.46 -36.58
N GLU J 238 25.78 1.17 -35.67
CA GLU J 238 26.96 1.97 -35.96
C GLU J 238 28.09 1.12 -36.57
N PHE J 239 28.40 0.05 -35.89
CA PHE J 239 29.46 -0.85 -36.30
C PHE J 239 29.12 -1.52 -37.64
N GLY J 240 27.85 -1.80 -37.86
CA GLY J 240 27.38 -2.37 -39.08
C GLY J 240 27.66 -1.42 -40.21
N ASN J 241 27.39 -0.13 -40.01
CA ASN J 241 27.60 0.88 -41.06
C ASN J 241 29.09 1.21 -41.30
N GLU J 242 29.92 0.94 -40.30
CA GLU J 242 31.37 1.12 -40.39
C GLU J 242 32.04 -0.09 -40.98
N THR J 243 31.34 -1.22 -41.05
CA THR J 243 31.92 -2.45 -41.60
C THR J 243 31.27 -2.88 -42.94
N TRP J 244 30.14 -3.57 -42.90
CA TRP J 244 29.32 -3.86 -44.08
C TRP J 244 29.07 -2.62 -44.93
N GLY J 245 28.70 -1.53 -44.27
CA GLY J 245 28.33 -0.31 -44.96
C GLY J 245 29.49 0.31 -45.71
N VAL J 246 30.71 -0.04 -45.34
CA VAL J 246 31.91 0.51 -45.98
C VAL J 246 32.42 -0.47 -47.08
N THR J 247 32.15 -1.76 -46.92
CA THR J 247 32.47 -2.75 -47.94
C THR J 247 31.58 -2.68 -49.18
N LYS J 248 30.30 -2.50 -48.93
CA LYS J 248 29.21 -2.69 -49.89
C LYS J 248 29.41 -2.19 -51.34
N ALA J 249 29.57 -0.87 -51.51
CA ALA J 249 29.54 -0.25 -52.83
C ALA J 249 30.78 -0.62 -53.71
N ALA J 250 31.96 -0.59 -53.09
CA ALA J 250 33.20 -0.90 -53.75
C ALA J 250 33.24 -2.40 -54.11
N GLU J 251 32.74 -3.25 -53.23
CA GLU J 251 32.62 -4.69 -53.53
C GLU J 251 31.77 -4.95 -54.79
N LYS J 252 30.63 -4.32 -54.84
CA LYS J 252 29.72 -4.43 -55.98
C LYS J 252 30.34 -3.89 -57.28
N GLN J 253 31.03 -2.77 -57.19
CA GLN J 253 31.72 -2.18 -58.32
C GLN J 253 32.84 -3.09 -58.88
N MET J 254 33.65 -3.66 -58.00
CA MET J 254 34.70 -4.55 -58.44
C MET J 254 34.11 -5.82 -59.09
N LYS J 255 33.03 -6.33 -58.53
CA LYS J 255 32.40 -7.54 -59.06
C LYS J 255 31.70 -7.30 -60.41
N ASP J 256 31.03 -6.17 -60.57
CA ASP J 256 30.47 -5.81 -61.88
C ASP J 256 31.56 -5.79 -62.97
N LYS J 257 32.73 -5.25 -62.62
CA LYS J 257 33.84 -5.09 -63.57
C LYS J 257 34.33 -6.45 -63.97
N GLN J 258 34.46 -7.37 -63.01
CA GLN J 258 34.87 -8.73 -63.30
C GLN J 258 33.84 -9.50 -64.14
N ASP J 259 32.56 -9.26 -63.88
CA ASP J 259 31.48 -9.91 -64.64
C ASP J 259 31.53 -9.47 -66.10
N GLU J 260 31.71 -8.16 -66.32
CA GLU J 260 31.89 -7.65 -67.67
C GLU J 260 33.07 -8.24 -68.39
N GLU J 261 34.22 -8.32 -67.74
CA GLU J 261 35.40 -8.92 -68.39
C GLU J 261 35.18 -10.40 -68.73
N GLN J 262 34.51 -11.11 -67.84
CA GLN J 262 34.16 -12.48 -68.07
C GLN J 262 33.34 -12.63 -69.33
N ARG J 263 32.35 -11.76 -69.51
CA ARG J 263 31.47 -11.79 -70.68
C ARG J 263 32.19 -11.56 -72.03
N LEU J 264 33.37 -10.93 -72.01
CA LEU J 264 34.13 -10.63 -73.24
C LEU J 264 35.34 -11.55 -73.52
CA CA K . -5.06 -30.93 71.44
CA CA L . 2.27 23.65 31.86
CA CA M . -0.11 -30.14 20.33
CA CA N . 0.05 50.81 -14.66
CA CA O . -14.54 7.18 -53.06
CL CL P . -22.50 16.92 -50.40
CA CA Q . 5.86 -16.04 -1.43
CA CA R . 31.31 17.23 -37.69
CA CA S . -40.81 16.86 8.66
CA CA T . -17.78 -28.79 13.46
CA CA U . 37.78 -8.20 -41.89
#